data_5W6W
# 
_entry.id   5W6W 
# 
_audit_conform.dict_name       mmcif_pdbx.dic 
_audit_conform.dict_version    5.379 
_audit_conform.dict_location   http://mmcif.pdb.org/dictionaries/ascii/mmcif_pdbx.dic 
# 
loop_
_database_2.database_id 
_database_2.database_code 
_database_2.pdbx_database_accession 
_database_2.pdbx_DOI 
PDB   5W6W         pdb_00005w6w 10.2210/pdb5w6w/pdb 
WWPDB D_1000228526 ?            ?                   
# 
_pdbx_database_related.db_name        PDB 
_pdbx_database_related.details        . 
_pdbx_database_related.db_id          3GBI 
_pdbx_database_related.content_type   unspecified 
# 
_pdbx_database_status.status_code                     REL 
_pdbx_database_status.status_code_sf                  REL 
_pdbx_database_status.status_code_mr                  ? 
_pdbx_database_status.entry_id                        5W6W 
_pdbx_database_status.recvd_initial_deposition_date   2017-06-17 
_pdbx_database_status.SG_entry                        N 
_pdbx_database_status.deposit_site                    RCSB 
_pdbx_database_status.process_site                    RCSB 
_pdbx_database_status.status_code_cs                  ? 
_pdbx_database_status.methods_development_category    ? 
_pdbx_database_status.pdb_format_compatible           Y 
_pdbx_database_status.status_code_nmr_data            ? 
# 
loop_
_audit_author.name 
_audit_author.pdbx_ordinal 
_audit_author.identifier_ORCID 
'Hernandez, C.'  1 ? 
'Birktoft, J.J.' 2 ? 
'Seeman, N.C.'   3 ? 
# 
_citation.abstract                  ? 
_citation.abstract_id_CAS           ? 
_citation.book_id_ISBN              ? 
_citation.book_publisher            ? 
_citation.book_publisher_city       ? 
_citation.book_title                ? 
_citation.coordinate_linkage        ? 
_citation.country                   ? 
_citation.database_id_Medline       ? 
_citation.details                   ? 
_citation.id                        primary 
_citation.journal_abbrev            'To Be Published' 
_citation.journal_id_ASTM           ? 
_citation.journal_id_CSD            0353 
_citation.journal_id_ISSN           ? 
_citation.journal_full              ? 
_citation.journal_issue             ? 
_citation.journal_volume            ? 
_citation.language                  ? 
_citation.page_first                ? 
_citation.page_last                 ? 
_citation.title                     'Designing Higher Resolution Self-Assembled 3D DNA Crystals via Strand Terminus Modifications' 
_citation.year                      ? 
_citation.database_id_CSD           ? 
_citation.pdbx_database_id_DOI      ? 
_citation.pdbx_database_id_PubMed   ? 
_citation.unpublished_flag          ? 
# 
loop_
_citation_author.citation_id 
_citation_author.name 
_citation_author.ordinal 
_citation_author.identifier_ORCID 
primary 'Hernandez, C.'        1  ? 
primary 'Birktoft, J.J.'       2  ? 
primary 'Seeman, N.C.'         3  ? 
primary 'Ohayon, Y.P.'         4  ? 
primary 'Chandrasekaran, A.R.' 5  ? 
primary 'Abdalla, H.O.'        6  ? 
primary 'Mohsen, M.'           7  ? 
primary 'Sha, R.'              8  ? 
primary 'Chenge, M.'           9  ? 
primary 'Lukeman, P.S.'        10 ? 
primary 'Chaikin, P.'          11 ? 
primary 'Ginell, S.L.'         12 ? 
primary 'Jong, M.A.'           13 ? 
# 
_cell.entry_id           5W6W 
_cell.length_a           106.712 
_cell.length_b           106.712 
_cell.length_c           94.081 
_cell.angle_alpha        90.00 
_cell.angle_beta         90.00 
_cell.angle_gamma        120.00 
_cell.Z_PDB              9 
_cell.pdbx_unique_axis   ? 
# 
_symmetry.entry_id                         5W6W 
_symmetry.space_group_name_H-M             'H 3' 
_symmetry.pdbx_full_space_group_name_H-M   ? 
_symmetry.cell_setting                     ? 
_symmetry.Int_Tables_number                146 
# 
loop_
_entity.id 
_entity.type 
_entity.src_method 
_entity.pdbx_description 
_entity.formula_weight 
_entity.pdbx_number_of_molecules 
_entity.pdbx_ec 
_entity.pdbx_mutation 
_entity.pdbx_fragment 
_entity.details 
1 polymer syn 
;DNA (5'-D(*GP*AP*GP*CP*AP*GP*CP*CP*TP*GP*TP*AP*CP*GP*GP*AP*CP*AP*TP*CP*A)-3')
;
6457.188 1 ? ? ? ? 
2 polymer syn 
;DNA (5'-D(P*CP*CP*GP*TP*AP*CP*A)-3')
;
2082.400 1 ? ? ? ? 
3 polymer syn 
;DNA (5'-D(P*GP*GP*CP*TP*GP*CP*T)-3')
;
2129.409 1 ? ? ? ? 
4 polymer syn 
;DNA (5'-D(P*CP*TP*GP*AP*TP*GP*T)-3')
;
2128.421 1 ? ? ? ? 
# 
loop_
_entity_poly.entity_id 
_entity_poly.type 
_entity_poly.nstd_linkage 
_entity_poly.nstd_monomer 
_entity_poly.pdbx_seq_one_letter_code 
_entity_poly.pdbx_seq_one_letter_code_can 
_entity_poly.pdbx_strand_id 
_entity_poly.pdbx_target_identifier 
1 polydeoxyribonucleotide no no 
;(DG)(DA)(DG)(DC)(DA)(DG)(DC)(DC)(DT)(DG)(DT)(DA)(DC)(DG)(DG)(DA)(DC)(DA)(DT)(DC)
(DA)
;
GAGCAGCCTGTACGGACATCA A ? 
2 polydeoxyribonucleotide no no '(DC)(DC)(DG)(DT)(DA)(DC)(DA)'                                                          CCGTACA B 
? 
3 polydeoxyribonucleotide no no '(DG)(DG)(DC)(DT)(DG)(DC)(DT)'                                                          GGCTGCT C 
? 
4 polydeoxyribonucleotide no no '(DC)(DT)(DG)(DA)(DT)(DG)(DT)'                                                          CTGATGT D 
? 
# 
loop_
_entity_poly_seq.entity_id 
_entity_poly_seq.num 
_entity_poly_seq.mon_id 
_entity_poly_seq.hetero 
1 1  DG n 
1 2  DA n 
1 3  DG n 
1 4  DC n 
1 5  DA n 
1 6  DG n 
1 7  DC n 
1 8  DC n 
1 9  DT n 
1 10 DG n 
1 11 DT n 
1 12 DA n 
1 13 DC n 
1 14 DG n 
1 15 DG n 
1 16 DA n 
1 17 DC n 
1 18 DA n 
1 19 DT n 
1 20 DC n 
1 21 DA n 
2 1  DC n 
2 2  DC n 
2 3  DG n 
2 4  DT n 
2 5  DA n 
2 6  DC n 
2 7  DA n 
3 1  DG n 
3 2  DG n 
3 3  DC n 
3 4  DT n 
3 5  DG n 
3 6  DC n 
3 7  DT n 
4 1  DC n 
4 2  DT n 
4 3  DG n 
4 4  DA n 
4 5  DT n 
4 6  DG n 
4 7  DT n 
# 
loop_
_pdbx_entity_src_syn.entity_id 
_pdbx_entity_src_syn.pdbx_src_id 
_pdbx_entity_src_syn.pdbx_alt_source_flag 
_pdbx_entity_src_syn.pdbx_beg_seq_num 
_pdbx_entity_src_syn.pdbx_end_seq_num 
_pdbx_entity_src_syn.organism_scientific 
_pdbx_entity_src_syn.organism_common_name 
_pdbx_entity_src_syn.ncbi_taxonomy_id 
_pdbx_entity_src_syn.details 
1 1 sample 1 21 'synthetic construct' ? 32630 ? 
2 1 sample 1 7  'synthetic construct' ? 32630 ? 
3 1 sample 1 7  'synthetic construct' ? 32630 ? 
4 1 sample 1 7  'synthetic construct' ? 32630 ? 
# 
loop_
_struct_ref.id 
_struct_ref.db_name 
_struct_ref.db_code 
_struct_ref.pdbx_db_accession 
_struct_ref.pdbx_db_isoform 
_struct_ref.entity_id 
_struct_ref.pdbx_seq_one_letter_code 
_struct_ref.pdbx_align_begin 
1 PDB 5W6W 5W6W ? 1 ? 1 
2 PDB 5W6W 5W6W ? 2 ? 1 
3 PDB 5W6W 5W6W ? 3 ? 1 
4 PDB 5W6W 5W6W ? 4 ? 1 
# 
loop_
_struct_ref_seq.align_id 
_struct_ref_seq.ref_id 
_struct_ref_seq.pdbx_PDB_id_code 
_struct_ref_seq.pdbx_strand_id 
_struct_ref_seq.seq_align_beg 
_struct_ref_seq.pdbx_seq_align_beg_ins_code 
_struct_ref_seq.seq_align_end 
_struct_ref_seq.pdbx_seq_align_end_ins_code 
_struct_ref_seq.pdbx_db_accession 
_struct_ref_seq.db_align_beg 
_struct_ref_seq.pdbx_db_align_beg_ins_code 
_struct_ref_seq.db_align_end 
_struct_ref_seq.pdbx_db_align_end_ins_code 
_struct_ref_seq.pdbx_auth_seq_align_beg 
_struct_ref_seq.pdbx_auth_seq_align_end 
1 1 5W6W A 1 ? 21 ? 5W6W 1 ? 21 ? 1 21 
2 2 5W6W B 1 ? 7  ? 5W6W 1 ? 7  ? 1 7  
3 3 5W6W C 1 ? 7  ? 5W6W 8 ? 14 ? 8 14 
4 4 5W6W D 1 ? 7  ? 5W6W 1 ? 7  ? 1 7  
# 
loop_
_chem_comp.id 
_chem_comp.type 
_chem_comp.mon_nstd_flag 
_chem_comp.name 
_chem_comp.pdbx_synonyms 
_chem_comp.formula 
_chem_comp.formula_weight 
DA 'DNA linking' y "2'-DEOXYADENOSINE-5'-MONOPHOSPHATE" ? 'C10 H14 N5 O6 P' 331.222 
DC 'DNA linking' y "2'-DEOXYCYTIDINE-5'-MONOPHOSPHATE"  ? 'C9 H14 N3 O7 P'  307.197 
DG 'DNA linking' y "2'-DEOXYGUANOSINE-5'-MONOPHOSPHATE" ? 'C10 H14 N5 O7 P' 347.221 
DT 'DNA linking' y "THYMIDINE-5'-MONOPHOSPHATE"         ? 'C10 H15 N2 O8 P' 322.208 
# 
_exptl.absorpt_coefficient_mu     ? 
_exptl.absorpt_correction_T_max   ? 
_exptl.absorpt_correction_T_min   ? 
_exptl.absorpt_correction_type    ? 
_exptl.absorpt_process_details    ? 
_exptl.entry_id                   5W6W 
_exptl.crystals_number            1 
_exptl.details                    ? 
_exptl.method                     'X-RAY DIFFRACTION' 
_exptl.method_details             ? 
# 
_exptl_crystal.colour                      ? 
_exptl_crystal.density_diffrn              ? 
_exptl_crystal.density_Matthews            3.75 
_exptl_crystal.density_method              ? 
_exptl_crystal.density_percent_sol         67 
_exptl_crystal.description                 rhombohedral 
_exptl_crystal.F_000                       ? 
_exptl_crystal.id                          1 
_exptl_crystal.preparation                 ? 
_exptl_crystal.size_max                    ? 
_exptl_crystal.size_mid                    ? 
_exptl_crystal.size_min                    ? 
_exptl_crystal.size_rad                    ? 
_exptl_crystal.colour_lustre               ? 
_exptl_crystal.colour_modifier             ? 
_exptl_crystal.colour_primary              ? 
_exptl_crystal.density_meas                ? 
_exptl_crystal.density_meas_esd            ? 
_exptl_crystal.density_meas_gt             ? 
_exptl_crystal.density_meas_lt             ? 
_exptl_crystal.density_meas_temp           ? 
_exptl_crystal.density_meas_temp_esd       ? 
_exptl_crystal.density_meas_temp_gt        ? 
_exptl_crystal.density_meas_temp_lt        ? 
_exptl_crystal.pdbx_crystal_image_url      ? 
_exptl_crystal.pdbx_crystal_image_format   ? 
_exptl_crystal.pdbx_mosaicity              ? 
_exptl_crystal.pdbx_mosaicity_esd          ? 
# 
_exptl_crystal_grow.apparatus       ? 
_exptl_crystal_grow.atmosphere      ? 
_exptl_crystal_grow.crystal_id      1 
_exptl_crystal_grow.details         ? 
_exptl_crystal_grow.method          'VAPOR DIFFUSION, HANGING DROP' 
_exptl_crystal_grow.method_ref      ? 
_exptl_crystal_grow.pH              7 
_exptl_crystal_grow.pressure        ? 
_exptl_crystal_grow.pressure_esd    ? 
_exptl_crystal_grow.seeding         ? 
_exptl_crystal_grow.seeding_ref     ? 
_exptl_crystal_grow.temp            293 
_exptl_crystal_grow.temp_details    ? 
_exptl_crystal_grow.temp_esd        ? 
_exptl_crystal_grow.time            ? 
_exptl_crystal_grow.pdbx_details    
;Grown by vapor diffusion while treated with a controlled temperature gradient from 333K degs to 293K. They were grown in Ammonium Sulfate, TRIS, Acetic Acid and EDTA.
;
_exptl_crystal_grow.pdbx_pH_range   ? 
# 
_diffrn.ambient_environment    ? 
_diffrn.ambient_temp           100 
_diffrn.ambient_temp_details   ? 
_diffrn.ambient_temp_esd       ? 
_diffrn.crystal_id             1 
_diffrn.crystal_support        ? 
_diffrn.crystal_treatment      ? 
_diffrn.details                ? 
_diffrn.id                     1 
_diffrn.ambient_pressure       ? 
_diffrn.ambient_pressure_esd   ? 
_diffrn.ambient_pressure_gt    ? 
_diffrn.ambient_pressure_lt    ? 
_diffrn.ambient_temp_gt        ? 
_diffrn.ambient_temp_lt        ? 
# 
_diffrn_detector.details                      ? 
_diffrn_detector.detector                     CCD 
_diffrn_detector.diffrn_id                    1 
_diffrn_detector.type                         'ADSC QUANTUM 315' 
_diffrn_detector.area_resol_mean              ? 
_diffrn_detector.dtime                        ? 
_diffrn_detector.pdbx_frames_total            ? 
_diffrn_detector.pdbx_collection_time_total   ? 
_diffrn_detector.pdbx_collection_date         2013-10-14 
# 
_diffrn_radiation.collimation                      ? 
_diffrn_radiation.diffrn_id                        1 
_diffrn_radiation.filter_edge                      ? 
_diffrn_radiation.inhomogeneity                    ? 
_diffrn_radiation.monochromator                    ? 
_diffrn_radiation.polarisn_norm                    ? 
_diffrn_radiation.polarisn_ratio                   ? 
_diffrn_radiation.probe                            ? 
_diffrn_radiation.type                             ? 
_diffrn_radiation.xray_symbol                      ? 
_diffrn_radiation.wavelength_id                    1 
_diffrn_radiation.pdbx_monochromatic_or_laue_m_l   M 
_diffrn_radiation.pdbx_wavelength_list             ? 
_diffrn_radiation.pdbx_wavelength                  ? 
_diffrn_radiation.pdbx_diffrn_protocol             'SINGLE WAVELENGTH' 
_diffrn_radiation.pdbx_analyzer                    ? 
_diffrn_radiation.pdbx_scattering_type             x-ray 
# 
_diffrn_radiation_wavelength.id           1 
_diffrn_radiation_wavelength.wavelength   1.1 
_diffrn_radiation_wavelength.wt           1.0 
# 
_diffrn_source.current                     ? 
_diffrn_source.details                     ? 
_diffrn_source.diffrn_id                   1 
_diffrn_source.power                       ? 
_diffrn_source.size                        ? 
_diffrn_source.source                      SYNCHROTRON 
_diffrn_source.target                      ? 
_diffrn_source.type                        'APS BEAMLINE 19-ID' 
_diffrn_source.voltage                     ? 
_diffrn_source.take-off_angle              ? 
_diffrn_source.pdbx_wavelength_list        1.1 
_diffrn_source.pdbx_wavelength             ? 
_diffrn_source.pdbx_synchrotron_beamline   19-ID 
_diffrn_source.pdbx_synchrotron_site       APS 
# 
_reflns.pdbx_diffrn_id               1 
_reflns.pdbx_ordinal                 1 
_reflns.entry_id                     5W6W 
_reflns.observed_criterion_sigma_I   ? 
_reflns.observed_criterion_sigma_F   ? 
_reflns.d_resolution_low             50.000 
_reflns.d_resolution_high            3.050 
_reflns.number_obs                   5152 
_reflns.number_all                   ? 
_reflns.percent_possible_obs         68.0 
_reflns.pdbx_Rmerge_I_obs            0.10700 
_reflns.pdbx_Rsym_value              ? 
_reflns.pdbx_netI_over_sigmaI        10.8000 
_reflns.B_iso_Wilson_estimate        90.04 
_reflns.pdbx_redundancy              7.800 
_reflns.pdbx_CC_half                 ? 
_reflns.pdbx_Rpim_I_all              ? 
_reflns.pdbx_Rrim_I_all              ? 
# 
_reflns_shell.pdbx_diffrn_id         1 
_reflns_shell.pdbx_ordinal           1 
_reflns_shell.d_res_high             3.05 
_reflns_shell.d_res_low              3.10 
_reflns_shell.percent_possible_all   19.2 
_reflns_shell.Rmerge_I_obs           0.43100 
_reflns_shell.pdbx_Rsym_value        ? 
_reflns_shell.meanI_over_sigI_obs    ? 
_reflns_shell.pdbx_redundancy        6.50 
_reflns_shell.number_measured_obs    ? 
_reflns_shell.number_unique_all      ? 
_reflns_shell.number_unique_obs      ? 
_reflns_shell.pdbx_CC_half           ? 
_reflns_shell.pdbx_Rpim_I_all        ? 
_reflns_shell.pdbx_Rrim_I_all        ? 
# 
_refine.pdbx_refine_id                           'X-RAY DIFFRACTION' 
_refine.entry_id                                 5W6W 
_refine.pdbx_diffrn_id                           1 
_refine.pdbx_TLS_residual_ADP_flag               ? 
_refine.ls_number_reflns_obs                     5137 
_refine.ls_number_reflns_all                     ? 
_refine.pdbx_ls_sigma_I                          ? 
_refine.pdbx_ls_sigma_F                          1.960 
_refine.pdbx_data_cutoff_high_absF               ? 
_refine.pdbx_data_cutoff_low_absF                ? 
_refine.pdbx_data_cutoff_high_rms_absF           ? 
_refine.ls_d_res_low                             32.96 
_refine.ls_d_res_high                            3.06 
_refine.ls_percent_reflns_obs                    68.0 
_refine.ls_R_factor_obs                          0.225 
_refine.ls_R_factor_all                          ? 
_refine.ls_R_factor_R_work                       0.223 
_refine.ls_R_factor_R_free                       0.241 
_refine.ls_R_factor_R_free_error                 ? 
_refine.ls_R_factor_R_free_error_details         ? 
_refine.ls_percent_reflns_R_free                 9.870 
_refine.ls_number_reflns_R_free                  507 
_refine.ls_number_parameters                     ? 
_refine.ls_number_restraints                     ? 
_refine.occupancy_min                            ? 
_refine.occupancy_max                            ? 
_refine.correlation_coeff_Fo_to_Fc               ? 
_refine.correlation_coeff_Fo_to_Fc_free          ? 
_refine.B_iso_mean                               120.6 
_refine.aniso_B[1][1]                            ? 
_refine.aniso_B[2][2]                            ? 
_refine.aniso_B[3][3]                            ? 
_refine.aniso_B[1][2]                            ? 
_refine.aniso_B[1][3]                            ? 
_refine.aniso_B[2][3]                            ? 
_refine.solvent_model_details                    'FLAT BULK SOLVENT MODEL' 
_refine.solvent_model_param_ksol                 ? 
_refine.solvent_model_param_bsol                 ? 
_refine.pdbx_solvent_vdw_probe_radii             1.11 
_refine.pdbx_solvent_ion_probe_radii             ? 
_refine.pdbx_solvent_shrinkage_radii             0.90 
_refine.pdbx_ls_cross_valid_method               'FREE R-VALUE' 
_refine.details                                  ? 
_refine.pdbx_starting_model                      3GBI 
_refine.pdbx_method_to_determine_struct          'MOLECULAR REPLACEMENT' 
_refine.pdbx_isotropic_thermal_model             ? 
_refine.pdbx_stereochemistry_target_values       ML 
_refine.pdbx_stereochem_target_val_spec_case     ? 
_refine.pdbx_R_Free_selection_details            Random 
_refine.pdbx_overall_ESU_R                       ? 
_refine.pdbx_overall_ESU_R_Free                  ? 
_refine.overall_SU_ML                            0.390 
_refine.pdbx_overall_phase_error                 50.680 
_refine.overall_SU_B                             ? 
_refine.overall_SU_R_Cruickshank_DPI             ? 
_refine.pdbx_overall_SU_R_free_Cruickshank_DPI   ? 
_refine.pdbx_overall_SU_R_Blow_DPI               ? 
_refine.pdbx_overall_SU_R_free_Blow_DPI          ? 
# 
_refine_hist.pdbx_refine_id                   'X-RAY DIFFRACTION' 
_refine_hist.cycle_id                         LAST 
_refine_hist.pdbx_number_atoms_protein        0 
_refine_hist.pdbx_number_atoms_nucleic_acid   859 
_refine_hist.pdbx_number_atoms_ligand         0 
_refine_hist.number_atoms_solvent             0 
_refine_hist.number_atoms_total               859 
_refine_hist.d_res_high                       3.06 
_refine_hist.d_res_low                        32.96 
# 
loop_
_refine_ls_restr.type 
_refine_ls_restr.dev_ideal 
_refine_ls_restr.dev_ideal_target 
_refine_ls_restr.weight 
_refine_ls_restr.number 
_refine_ls_restr.pdbx_refine_id 
_refine_ls_restr.pdbx_restraint_function 
f_bond_d           0.016  ? ? 960  'X-RAY DIFFRACTION' ? 
f_angle_d          1.451  ? ? 1471 'X-RAY DIFFRACTION' ? 
f_dihedral_angle_d 39.734 ? ? 407  'X-RAY DIFFRACTION' ? 
f_chiral_restr     0.082  ? ? 167  'X-RAY DIFFRACTION' ? 
f_plane_restr      0.011  ? ? 42   'X-RAY DIFFRACTION' ? 
# 
loop_
_refine_ls_shell.pdbx_refine_id 
_refine_ls_shell.pdbx_total_number_of_bins_used 
_refine_ls_shell.d_res_high 
_refine_ls_shell.d_res_low 
_refine_ls_shell.number_reflns_R_work 
_refine_ls_shell.R_factor_R_work 
_refine_ls_shell.percent_reflns_obs 
_refine_ls_shell.R_factor_R_free 
_refine_ls_shell.R_factor_R_free_error 
_refine_ls_shell.percent_reflns_R_free 
_refine_ls_shell.number_reflns_R_free 
_refine_ls_shell.number_reflns_all 
_refine_ls_shell.R_factor_all 
_refine_ls_shell.R_factor_obs 
_refine_ls_shell.number_reflns_obs 
'X-RAY DIFFRACTION' . 3.0583 3.3658  463  0.3678 27.00 0.3900 . . 52  . . . . 
'X-RAY DIFFRACTION' . 3.3658 3.8522  1078 0.4097 63.00 0.4142 . . 122 . . . . 
'X-RAY DIFFRACTION' . 3.8522 4.8509  1405 0.3528 83.00 0.3595 . . 150 . . . . 
'X-RAY DIFFRACTION' . 4.8509 32.9662 1684 0.1633 99.00 0.1892 . . 183 . . . . 
# 
_struct.entry_id                     5W6W 
_struct.title                        'Designing Higher Resolution Self-Assembled 3D DNA Crystals via Strand Terminus Modifications' 
_struct.pdbx_model_details           ? 
_struct.pdbx_formula_weight          ? 
_struct.pdbx_formula_weight_method   ? 
_struct.pdbx_model_type_details      ? 
_struct.pdbx_CASP_flag               N 
# 
_struct_keywords.entry_id        5W6W 
_struct_keywords.text            'nanotechnology, DNA crystals, DNA lattices, DNA' 
_struct_keywords.pdbx_keywords   DNA 
# 
loop_
_struct_asym.id 
_struct_asym.pdbx_blank_PDB_chainid_flag 
_struct_asym.pdbx_modified 
_struct_asym.entity_id 
_struct_asym.details 
A N N 1 ? 
B N N 2 ? 
C N N 3 ? 
D N N 4 ? 
# 
loop_
_struct_conn.id 
_struct_conn.conn_type_id 
_struct_conn.pdbx_leaving_atom_flag 
_struct_conn.pdbx_PDB_id 
_struct_conn.ptnr1_label_asym_id 
_struct_conn.ptnr1_label_comp_id 
_struct_conn.ptnr1_label_seq_id 
_struct_conn.ptnr1_label_atom_id 
_struct_conn.pdbx_ptnr1_label_alt_id 
_struct_conn.pdbx_ptnr1_PDB_ins_code 
_struct_conn.pdbx_ptnr1_standard_comp_id 
_struct_conn.ptnr1_symmetry 
_struct_conn.ptnr2_label_asym_id 
_struct_conn.ptnr2_label_comp_id 
_struct_conn.ptnr2_label_seq_id 
_struct_conn.ptnr2_label_atom_id 
_struct_conn.pdbx_ptnr2_label_alt_id 
_struct_conn.pdbx_ptnr2_PDB_ins_code 
_struct_conn.ptnr1_auth_asym_id 
_struct_conn.ptnr1_auth_comp_id 
_struct_conn.ptnr1_auth_seq_id 
_struct_conn.ptnr2_auth_asym_id 
_struct_conn.ptnr2_auth_comp_id 
_struct_conn.ptnr2_auth_seq_id 
_struct_conn.ptnr2_symmetry 
_struct_conn.pdbx_ptnr3_label_atom_id 
_struct_conn.pdbx_ptnr3_label_seq_id 
_struct_conn.pdbx_ptnr3_label_comp_id 
_struct_conn.pdbx_ptnr3_label_asym_id 
_struct_conn.pdbx_ptnr3_label_alt_id 
_struct_conn.pdbx_ptnr3_PDB_ins_code 
_struct_conn.details 
_struct_conn.pdbx_dist_value 
_struct_conn.pdbx_value_order 
_struct_conn.pdbx_role 
hydrog1  hydrog ? ? A DA 2  N1 ? ? ? 1_555 C DT 7 N3 ? ? A DA 2  C DT 14 1_555 ? ? ? ? ? ? WATSON-CRICK ? ? ? 
hydrog2  hydrog ? ? A DA 2  N6 ? ? ? 1_555 C DT 7 O4 ? ? A DA 2  C DT 14 1_555 ? ? ? ? ? ? WATSON-CRICK ? ? ? 
hydrog3  hydrog ? ? A DG 3  N1 ? ? ? 1_555 C DC 6 N3 ? ? A DG 3  C DC 13 1_555 ? ? ? ? ? ? WATSON-CRICK ? ? ? 
hydrog4  hydrog ? ? A DG 3  N2 ? ? ? 1_555 C DC 6 O2 ? ? A DG 3  C DC 13 1_555 ? ? ? ? ? ? WATSON-CRICK ? ? ? 
hydrog5  hydrog ? ? A DG 3  O6 ? ? ? 1_555 C DC 6 N4 ? ? A DG 3  C DC 13 1_555 ? ? ? ? ? ? WATSON-CRICK ? ? ? 
hydrog6  hydrog ? ? A DC 4  N4 ? ? ? 1_555 C DG 5 O6 ? ? A DC 4  C DG 12 1_555 ? ? ? ? ? ? 'DC-DG PAIR' ? ? ? 
hydrog7  hydrog ? ? A DG 6  N1 ? ? ? 1_555 C DC 3 N3 ? ? A DG 6  C DC 10 1_555 ? ? ? ? ? ? WATSON-CRICK ? ? ? 
hydrog8  hydrog ? ? A DG 6  N2 ? ? ? 1_555 C DC 3 O2 ? ? A DG 6  C DC 10 1_555 ? ? ? ? ? ? WATSON-CRICK ? ? ? 
hydrog9  hydrog ? ? A DG 6  O6 ? ? ? 1_555 C DC 3 N4 ? ? A DG 6  C DC 10 1_555 ? ? ? ? ? ? WATSON-CRICK ? ? ? 
hydrog10 hydrog ? ? A DC 7  N3 ? ? ? 1_555 C DG 2 N1 ? ? A DC 7  C DG 9  1_555 ? ? ? ? ? ? WATSON-CRICK ? ? ? 
hydrog11 hydrog ? ? A DC 7  N4 ? ? ? 1_555 C DG 2 O6 ? ? A DC 7  C DG 9  1_555 ? ? ? ? ? ? WATSON-CRICK ? ? ? 
hydrog12 hydrog ? ? A DC 7  O2 ? ? ? 1_555 C DG 2 N2 ? ? A DC 7  C DG 9  1_555 ? ? ? ? ? ? WATSON-CRICK ? ? ? 
hydrog13 hydrog ? ? A DC 8  N3 ? ? ? 1_555 C DG 1 N1 ? ? A DC 8  C DG 8  1_555 ? ? ? ? ? ? WATSON-CRICK ? ? ? 
hydrog14 hydrog ? ? A DC 8  N4 ? ? ? 1_555 C DG 1 O6 ? ? A DC 8  C DG 8  1_555 ? ? ? ? ? ? WATSON-CRICK ? ? ? 
hydrog15 hydrog ? ? A DC 8  O2 ? ? ? 1_555 C DG 1 N2 ? ? A DC 8  C DG 8  1_555 ? ? ? ? ? ? WATSON-CRICK ? ? ? 
hydrog16 hydrog ? ? A DT 9  N3 ? ? ? 1_555 B DA 7 N1 ? ? A DT 9  B DA 7  1_555 ? ? ? ? ? ? WATSON-CRICK ? ? ? 
hydrog17 hydrog ? ? A DT 9  O4 ? ? ? 1_555 B DA 7 N6 ? ? A DT 9  B DA 7  1_555 ? ? ? ? ? ? WATSON-CRICK ? ? ? 
hydrog18 hydrog ? ? A DG 10 N2 ? ? ? 1_555 B DC 6 N3 ? ? A DG 10 B DC 6  1_555 ? ? ? ? ? ? 'DG-DC PAIR' ? ? ? 
hydrog19 hydrog ? ? A DT 11 O4 ? ? ? 1_555 B DA 5 N6 ? ? A DT 11 B DA 5  1_555 ? ? ? ? ? ? 'DT-DA PAIR' ? ? ? 
hydrog20 hydrog ? ? A DA 12 N1 ? ? ? 1_555 B DT 4 N3 ? ? A DA 12 B DT 4  1_555 ? ? ? ? ? ? WATSON-CRICK ? ? ? 
hydrog21 hydrog ? ? A DA 12 N6 ? ? ? 1_555 B DT 4 O4 ? ? A DA 12 B DT 4  1_555 ? ? ? ? ? ? WATSON-CRICK ? ? ? 
hydrog22 hydrog ? ? A DC 13 N3 ? ? ? 1_555 B DG 3 N1 ? ? A DC 13 B DG 3  1_555 ? ? ? ? ? ? WATSON-CRICK ? ? ? 
hydrog23 hydrog ? ? A DC 13 N4 ? ? ? 1_555 B DG 3 O6 ? ? A DC 13 B DG 3  1_555 ? ? ? ? ? ? WATSON-CRICK ? ? ? 
hydrog24 hydrog ? ? A DC 13 O2 ? ? ? 1_555 B DG 3 N2 ? ? A DC 13 B DG 3  1_555 ? ? ? ? ? ? WATSON-CRICK ? ? ? 
hydrog25 hydrog ? ? A DG 14 N1 ? ? ? 1_555 B DC 2 N3 ? ? A DG 14 B DC 2  1_555 ? ? ? ? ? ? WATSON-CRICK ? ? ? 
hydrog26 hydrog ? ? A DG 14 N2 ? ? ? 1_555 B DC 2 O2 ? ? A DG 14 B DC 2  1_555 ? ? ? ? ? ? WATSON-CRICK ? ? ? 
hydrog27 hydrog ? ? A DG 14 O6 ? ? ? 1_555 B DC 2 N4 ? ? A DG 14 B DC 2  1_555 ? ? ? ? ? ? WATSON-CRICK ? ? ? 
hydrog28 hydrog ? ? A DG 15 N1 ? ? ? 1_555 B DC 1 N3 ? ? A DG 15 B DC 1  1_555 ? ? ? ? ? ? WATSON-CRICK ? ? ? 
hydrog29 hydrog ? ? A DG 15 N2 ? ? ? 1_555 B DC 1 O2 ? ? A DG 15 B DC 1  1_555 ? ? ? ? ? ? WATSON-CRICK ? ? ? 
hydrog30 hydrog ? ? A DG 15 O6 ? ? ? 1_555 B DC 1 N4 ? ? A DG 15 B DC 1  1_555 ? ? ? ? ? ? WATSON-CRICK ? ? ? 
hydrog31 hydrog ? ? A DA 16 N1 ? ? ? 1_555 D DT 7 N3 ? ? A DA 16 D DT 7  1_555 ? ? ? ? ? ? WATSON-CRICK ? ? ? 
hydrog32 hydrog ? ? A DA 16 N6 ? ? ? 1_555 D DT 7 O4 ? ? A DA 16 D DT 7  1_555 ? ? ? ? ? ? WATSON-CRICK ? ? ? 
hydrog33 hydrog ? ? A DC 17 N3 ? ? ? 1_555 D DG 6 N1 ? ? A DC 17 D DG 6  1_555 ? ? ? ? ? ? WATSON-CRICK ? ? ? 
hydrog34 hydrog ? ? A DC 17 N4 ? ? ? 1_555 D DG 6 O6 ? ? A DC 17 D DG 6  1_555 ? ? ? ? ? ? WATSON-CRICK ? ? ? 
hydrog35 hydrog ? ? A DC 17 O2 ? ? ? 1_555 D DG 6 N2 ? ? A DC 17 D DG 6  1_555 ? ? ? ? ? ? WATSON-CRICK ? ? ? 
hydrog36 hydrog ? ? A DA 18 N1 ? ? ? 1_555 D DT 5 N3 ? ? A DA 18 D DT 5  1_555 ? ? ? ? ? ? WATSON-CRICK ? ? ? 
hydrog37 hydrog ? ? A DA 18 N6 ? ? ? 1_555 D DT 5 O4 ? ? A DA 18 D DT 5  1_555 ? ? ? ? ? ? WATSON-CRICK ? ? ? 
hydrog38 hydrog ? ? A DT 19 N3 ? ? ? 1_555 D DA 4 N1 ? ? A DT 19 D DA 4  1_555 ? ? ? ? ? ? WATSON-CRICK ? ? ? 
hydrog39 hydrog ? ? A DT 19 O4 ? ? ? 1_555 D DA 4 N6 ? ? A DT 19 D DA 4  1_555 ? ? ? ? ? ? WATSON-CRICK ? ? ? 
hydrog40 hydrog ? ? A DC 20 N3 ? ? ? 1_555 D DG 3 N1 ? ? A DC 20 D DG 3  1_555 ? ? ? ? ? ? WATSON-CRICK ? ? ? 
hydrog41 hydrog ? ? A DC 20 N4 ? ? ? 1_555 D DG 3 O6 ? ? A DC 20 D DG 3  1_555 ? ? ? ? ? ? WATSON-CRICK ? ? ? 
hydrog42 hydrog ? ? A DC 20 O2 ? ? ? 1_555 D DG 3 N2 ? ? A DC 20 D DG 3  1_555 ? ? ? ? ? ? WATSON-CRICK ? ? ? 
hydrog43 hydrog ? ? A DA 21 N1 ? ? ? 1_555 D DT 2 N3 ? ? A DA 21 D DT 2  1_555 ? ? ? ? ? ? WATSON-CRICK ? ? ? 
hydrog44 hydrog ? ? A DA 21 N6 ? ? ? 1_555 D DT 2 O4 ? ? A DA 21 D DT 2  1_555 ? ? ? ? ? ? WATSON-CRICK ? ? ? 
# 
_struct_conn_type.id          hydrog 
_struct_conn_type.criteria    ? 
_struct_conn_type.reference   ? 
# 
_atom_sites.entry_id                    5W6W 
_atom_sites.fract_transf_matrix[1][1]   0.00046695 
_atom_sites.fract_transf_matrix[1][2]   -0.00944263 
_atom_sites.fract_transf_matrix[1][3]   0.00526332 
_atom_sites.fract_transf_matrix[2][1]   0.00827068 
_atom_sites.fract_transf_matrix[2][2]   -0.00207771 
_atom_sites.fract_transf_matrix[2][3]   0.00666131 
_atom_sites.fract_transf_matrix[3][1]   -0.00544686 
_atom_sites.fract_transf_matrix[3][2]   0.00423685 
_atom_sites.fract_transf_matrix[3][3]   0.00808433 
_atom_sites.fract_transf_vector[1]      -0.148015 
_atom_sites.fract_transf_vector[2]      -0.018784 
_atom_sites.fract_transf_vector[3]      0.242209 
# 
loop_
_atom_type.symbol 
C 
N 
O 
P 
# 
loop_
_atom_site.group_PDB 
_atom_site.id 
_atom_site.type_symbol 
_atom_site.label_atom_id 
_atom_site.label_alt_id 
_atom_site.label_comp_id 
_atom_site.label_asym_id 
_atom_site.label_entity_id 
_atom_site.label_seq_id 
_atom_site.pdbx_PDB_ins_code 
_atom_site.Cartn_x 
_atom_site.Cartn_y 
_atom_site.Cartn_z 
_atom_site.occupancy 
_atom_site.B_iso_or_equiv 
_atom_site.pdbx_formal_charge 
_atom_site.auth_seq_id 
_atom_site.auth_comp_id 
_atom_site.auth_asym_id 
_atom_site.auth_atom_id 
_atom_site.pdbx_PDB_model_num 
ATOM 1   O "O5'" . DG A 1 1  ? -29.619 6.741   -5.517  1.00 253.13 ? 1  DG A "O5'" 1 
ATOM 2   C "C5'" . DG A 1 1  ? -30.737 5.845   -5.636  1.00 162.04 ? 1  DG A "C5'" 1 
ATOM 3   C "C4'" . DG A 1 1  ? -31.473 6.057   -6.957  1.00 122.26 ? 1  DG A "C4'" 1 
ATOM 4   O "O4'" . DG A 1 1  ? -32.145 7.338   -6.930  1.00 127.77 ? 1  DG A "O4'" 1 
ATOM 5   C "C3'" . DG A 1 1  ? -30.567 6.087   -8.183  1.00 137.19 ? 1  DG A "C3'" 1 
ATOM 6   O "O3'" . DG A 1 1  ? -30.468 4.763   -8.752  1.00 153.45 ? 1  DG A "O3'" 1 
ATOM 7   C "C2'" . DG A 1 1  ? -31.261 7.075   -9.137  1.00 124.03 ? 1  DG A "C2'" 1 
ATOM 8   C "C1'" . DG A 1 1  ? -32.099 7.956   -8.200  1.00 122.83 ? 1  DG A "C1'" 1 
ATOM 9   N N9    . DG A 1 1  ? -31.626 9.333   -8.015  1.00 125.63 ? 1  DG A N9    1 
ATOM 10  C C8    . DG A 1 1  ? -31.629 10.039  -6.828  1.00 112.69 ? 1  DG A C8    1 
ATOM 11  N N7    . DG A 1 1  ? -31.182 11.263  -6.944  1.00 61.37  ? 1  DG A N7    1 
ATOM 12  C C5    . DG A 1 1  ? -30.870 11.384  -8.296  1.00 90.90  ? 1  DG A C5    1 
ATOM 13  C C6    . DG A 1 1  ? -30.351 12.492  -9.001  1.00 101.47 ? 1  DG A C6    1 
ATOM 14  O O6    . DG A 1 1  ? -30.064 13.604  -8.547  1.00 106.32 ? 1  DG A O6    1 
ATOM 15  N N1    . DG A 1 1  ? -30.175 12.212  -10.365 1.00 117.42 ? 1  DG A N1    1 
ATOM 16  C C2    . DG A 1 1  ? -30.470 10.998  -10.966 1.00 118.67 ? 1  DG A C2    1 
ATOM 17  N N2    . DG A 1 1  ? -30.236 10.915  -12.292 1.00 139.83 ? 1  DG A N2    1 
ATOM 18  N N3    . DG A 1 1  ? -30.961 9.941   -10.308 1.00 98.23  ? 1  DG A N3    1 
ATOM 19  C C4    . DG A 1 1  ? -31.140 10.207  -8.979  1.00 103.83 ? 1  DG A C4    1 
ATOM 20  P P     . DA A 1 2  ? -29.061 4.222   -9.328  1.00 147.56 ? 2  DA A P     1 
ATOM 21  O OP1   . DA A 1 2  ? -28.911 2.831   -8.842  1.00 238.32 ? 2  DA A OP1   1 
ATOM 22  O OP2   . DA A 1 2  ? -28.019 5.224   -9.005  1.00 117.64 ? 2  DA A OP2   1 
ATOM 23  O "O5'" . DA A 1 2  ? -29.283 4.205   -10.924 1.00 138.78 ? 2  DA A "O5'" 1 
ATOM 24  C "C5'" . DA A 1 2  ? -28.180 4.015   -11.812 1.00 154.00 ? 2  DA A "C5'" 1 
ATOM 25  C "C4'" . DA A 1 2  ? -27.794 5.324   -12.467 1.00 147.14 ? 2  DA A "C4'" 1 
ATOM 26  O "O4'" . DA A 1 2  ? -28.234 6.432   -11.599 1.00 95.28  ? 2  DA A "O4'" 1 
ATOM 27  C "C3'" . DA A 1 2  ? -26.275 5.505   -12.655 1.00 122.93 ? 2  DA A "C3'" 1 
ATOM 28  O "O3'" . DA A 1 2  ? -25.918 6.065   -13.996 1.00 99.57  ? 2  DA A "O3'" 1 
ATOM 29  C "C2'" . DA A 1 2  ? -25.936 6.477   -11.521 1.00 158.49 ? 2  DA A "C2'" 1 
ATOM 30  C "C1'" . DA A 1 2  ? -27.180 7.355   -11.519 1.00 154.28 ? 2  DA A "C1'" 1 
ATOM 31  N N9    . DA A 1 2  ? -27.287 8.247   -10.339 1.00 145.31 ? 2  DA A N9    1 
ATOM 32  C C8    . DA A 1 2  ? -27.454 7.886   -9.022  1.00 163.29 ? 2  DA A C8    1 
ATOM 33  N N7    . DA A 1 2  ? -27.467 8.899   -8.181  1.00 113.85 ? 2  DA A N7    1 
ATOM 34  C C5    . DA A 1 2  ? -27.267 10.011  -8.994  1.00 96.44  ? 2  DA A C5    1 
ATOM 35  C C6    . DA A 1 2  ? -27.178 11.395  -8.705  1.00 94.65  ? 2  DA A C6    1 
ATOM 36  N N6    . DA A 1 2  ? -27.289 11.893  -7.460  1.00 108.53 ? 2  DA A N6    1 
ATOM 37  N N1    . DA A 1 2  ? -26.971 12.249  -9.755  1.00 97.14  ? 2  DA A N1    1 
ATOM 38  C C2    . DA A 1 2  ? -26.876 11.737  -11.003 1.00 98.40  ? 2  DA A C2    1 
ATOM 39  N N3    . DA A 1 2  ? -26.948 10.451  -11.394 1.00 119.99 ? 2  DA A N3    1 
ATOM 40  C C4    . DA A 1 2  ? -27.145 9.631   -10.330 1.00 122.26 ? 2  DA A C4    1 
ATOM 41  P P     . DG A 1 3  ? -25.004 7.406   -14.072 1.00 153.85 ? 3  DG A P     1 
ATOM 42  O OP1   . DG A 1 3  ? -23.792 7.246   -13.211 1.00 109.91 ? 3  DG A OP1   1 
ATOM 43  O OP2   . DG A 1 3  ? -25.950 8.548   -13.977 1.00 258.34 ? 3  DG A OP2   1 
ATOM 44  O "O5'" . DG A 1 3  ? -24.436 7.534   -15.555 1.00 170.58 ? 3  DG A "O5'" 1 
ATOM 45  C "C5'" . DG A 1 3  ? -24.060 8.863   -16.063 1.00 176.63 ? 3  DG A "C5'" 1 
ATOM 46  C "C4'" . DG A 1 3  ? -23.135 9.676   -15.109 1.00 168.42 ? 3  DG A "C4'" 1 
ATOM 47  O "O4'" . DG A 1 3  ? -23.795 10.023  -13.845 1.00 141.41 ? 3  DG A "O4'" 1 
ATOM 48  C "C3'" . DG A 1 3  ? -21.812 9.014   -14.693 1.00 152.32 ? 3  DG A "C3'" 1 
ATOM 49  O "O3'" . DG A 1 3  ? -20.695 9.371   -15.609 1.00 180.43 ? 3  DG A "O3'" 1 
ATOM 50  C "C2'" . DG A 1 3  ? -21.588 9.518   -13.251 1.00 135.18 ? 3  DG A "C2'" 1 
ATOM 51  C "C1'" . DG A 1 3  ? -22.784 10.423  -12.945 1.00 132.99 ? 3  DG A "C1'" 1 
ATOM 52  N N9    . DG A 1 3  ? -23.188 10.292  -11.525 1.00 123.68 ? 3  DG A N9    1 
ATOM 53  C C8    . DG A 1 3  ? -23.469 9.112   -10.849 1.00 101.96 ? 3  DG A C8    1 
ATOM 54  N N7    . DG A 1 3  ? -23.712 9.275   -9.565  1.00 90.16  ? 3  DG A N7    1 
ATOM 55  C C5    . DG A 1 3  ? -23.548 10.655  -9.355  1.00 120.30 ? 3  DG A C5    1 
ATOM 56  C C6    . DG A 1 3  ? -23.680 11.438  -8.147  1.00 108.57 ? 3  DG A C6    1 
ATOM 57  O O6    . DG A 1 3  ? -23.962 11.037  -6.973  1.00 76.53  ? 3  DG A O6    1 
ATOM 58  N N1    . DG A 1 3  ? -23.430 12.811  -8.394  1.00 101.31 ? 3  DG A N1    1 
ATOM 59  C C2    . DG A 1 3  ? -23.089 13.352  -9.637  1.00 99.52  ? 3  DG A C2    1 
ATOM 60  N N2    . DG A 1 3  ? -22.864 14.703  -9.678  1.00 66.76  ? 3  DG A N2    1 
ATOM 61  N N3    . DG A 1 3  ? -22.962 12.624  -10.761 1.00 127.14 ? 3  DG A N3    1 
ATOM 62  C C4    . DG A 1 3  ? -23.202 11.295  -10.551 1.00 135.53 ? 3  DG A C4    1 
ATOM 63  P P     . DC A 1 4  ? -19.398 10.210  -15.109 1.00 174.51 ? 4  DC A P     1 
ATOM 64  O OP1   . DC A 1 4  ? -19.919 11.585  -14.861 1.00 173.42 ? 4  DC A OP1   1 
ATOM 65  O OP2   . DC A 1 4  ? -18.277 10.052  -16.077 1.00 120.15 ? 4  DC A OP2   1 
ATOM 66  O "O5'" . DC A 1 4  ? -18.906 9.430   -13.786 1.00 154.70 ? 4  DC A "O5'" 1 
ATOM 67  C "C5'" . DC A 1 4  ? -17.821 9.903   -12.984 1.00 148.39 ? 4  DC A "C5'" 1 
ATOM 68  C "C4'" . DC A 1 4  ? -17.906 11.401  -12.706 1.00 150.66 ? 4  DC A "C4'" 1 
ATOM 69  O "O4'" . DC A 1 4  ? -19.225 11.764  -12.182 1.00 97.97  ? 4  DC A "O4'" 1 
ATOM 70  C "C3'" . DC A 1 4  ? -16.928 11.897  -11.661 1.00 163.35 ? 4  DC A "C3'" 1 
ATOM 71  O "O3'" . DC A 1 4  ? -15.592 12.069  -12.243 1.00 171.08 ? 4  DC A "O3'" 1 
ATOM 72  C "C2'" . DC A 1 4  ? -17.593 13.198  -11.203 1.00 152.86 ? 4  DC A "C2'" 1 
ATOM 73  C "C1'" . DC A 1 4  ? -19.085 12.808  -11.215 1.00 119.43 ? 4  DC A "C1'" 1 
ATOM 74  N N1    . DC A 1 4  ? -19.623 12.315  -9.848  1.00 120.81 ? 4  DC A N1    1 
ATOM 75  C C2    . DC A 1 4  ? -19.721 13.213  -8.745  1.00 117.24 ? 4  DC A C2    1 
ATOM 76  O O2    . DC A 1 4  ? -19.378 14.403  -8.885  1.00 125.08 ? 4  DC A O2    1 
ATOM 77  N N3    . DC A 1 4  ? -20.196 12.741  -7.550  1.00 109.06 ? 4  DC A N3    1 
ATOM 78  C C4    . DC A 1 4  ? -20.558 11.449  -7.429  1.00 109.86 ? 4  DC A C4    1 
ATOM 79  N N4    . DC A 1 4  ? -21.019 11.036  -6.237  1.00 117.17 ? 4  DC A N4    1 
ATOM 80  C C5    . DC A 1 4  ? -20.464 10.528  -8.528  1.00 87.78  ? 4  DC A C5    1 
ATOM 81  C C6    . DC A 1 4  ? -20.001 10.996  -9.702  1.00 104.02 ? 4  DC A C6    1 
ATOM 82  P P     . DA A 1 5  ? -15.109 13.443  -12.942 1.00 176.45 ? 5  DA A P     1 
ATOM 83  O OP1   . DA A 1 5  ? -16.206 14.022  -13.755 1.00 208.88 ? 5  DA A OP1   1 
ATOM 84  O OP2   . DA A 1 5  ? -13.821 13.147  -13.614 1.00 154.58 ? 5  DA A OP2   1 
ATOM 85  O "O5'" . DA A 1 5  ? -14.750 14.399  -11.705 1.00 126.53 ? 5  DA A "O5'" 1 
ATOM 86  C "C5'" . DA A 1 5  ? -14.792 15.817  -11.846 1.00 126.25 ? 5  DA A "C5'" 1 
ATOM 87  C "C4'" . DA A 1 5  ? -14.553 16.482  -10.505 1.00 135.29 ? 5  DA A "C4'" 1 
ATOM 88  O "O4'" . DA A 1 5  ? -15.460 15.902  -9.520  1.00 128.03 ? 5  DA A "O4'" 1 
ATOM 89  C "C3'" . DA A 1 5  ? -13.144 16.292  -9.960  1.00 159.33 ? 5  DA A "C3'" 1 
ATOM 90  O "O3'" . DA A 1 5  ? -12.681 17.483  -9.308  1.00 179.25 ? 5  DA A "O3'" 1 
ATOM 91  C "C2'" . DA A 1 5  ? -13.293 15.113  -8.999  1.00 154.72 ? 5  DA A "C2'" 1 
ATOM 92  C "C1'" . DA A 1 5  ? -14.731 15.240  -8.505  1.00 160.70 ? 5  DA A "C1'" 1 
ATOM 93  N N9    . DA A 1 5  ? -15.327 13.922  -8.240  1.00 165.55 ? 5  DA A N9    1 
ATOM 94  C C8    . DA A 1 5  ? -15.140 12.778  -8.974  1.00 160.50 ? 5  DA A C8    1 
ATOM 95  N N7    . DA A 1 5  ? -15.761 11.722  -8.496  1.00 149.40 ? 5  DA A N7    1 
ATOM 96  C C5    . DA A 1 5  ? -16.388 12.196  -7.350  1.00 153.82 ? 5  DA A C5    1 
ATOM 97  C C6    . DA A 1 5  ? -17.205 11.560  -6.374  1.00 122.33 ? 5  DA A C6    1 
ATOM 98  N N6    . DA A 1 5  ? -17.537 10.260  -6.420  1.00 132.43 ? 5  DA A N6    1 
ATOM 99  N N1    . DA A 1 5  ? -17.658 12.320  -5.341  1.00 78.93  ? 5  DA A N1    1 
ATOM 100 C C2    . DA A 1 5  ? -17.316 13.625  -5.299  1.00 96.82  ? 5  DA A C2    1 
ATOM 101 N N3    . DA A 1 5  ? -16.560 14.335  -6.159  1.00 105.62 ? 5  DA A N3    1 
ATOM 102 C C4    . DA A 1 5  ? -16.126 13.555  -7.171  1.00 155.54 ? 5  DA A C4    1 
ATOM 103 P P     . DG A 1 6  ? -11.642 17.400  -8.077  1.00 187.04 ? 6  DG A P     1 
ATOM 104 O OP1   . DG A 1 6  ? -11.099 18.765  -7.870  1.00 172.33 ? 6  DG A OP1   1 
ATOM 105 O OP2   . DG A 1 6  ? -10.684 16.277  -8.280  1.00 127.27 ? 6  DG A OP2   1 
ATOM 106 O "O5'" . DG A 1 6  ? -12.579 17.011  -6.838  1.00 161.34 ? 6  DG A "O5'" 1 
ATOM 107 C "C5'" . DG A 1 6  ? -13.009 17.998  -5.922  1.00 122.27 ? 6  DG A "C5'" 1 
ATOM 108 C "C4'" . DG A 1 6  ? -12.895 17.461  -4.517  1.00 153.07 ? 6  DG A "C4'" 1 
ATOM 109 O "O4'" . DG A 1 6  ? -13.746 16.289  -4.392  1.00 171.74 ? 6  DG A "O4'" 1 
ATOM 110 C "C3'" . DG A 1 6  ? -11.485 16.994  -4.138  1.00 178.63 ? 6  DG A "C3'" 1 
ATOM 111 O "O3'" . DG A 1 6  ? -11.221 17.312  -2.776  1.00 187.55 ? 6  DG A "O3'" 1 
ATOM 112 C "C2'" . DG A 1 6  ? -11.564 15.488  -4.358  1.00 144.40 ? 6  DG A "C2'" 1 
ATOM 113 C "C1'" . DG A 1 6  ? -12.977 15.227  -3.884  1.00 166.96 ? 6  DG A "C1'" 1 
ATOM 114 N N9    . DG A 1 6  ? -13.535 13.949  -4.326  1.00 149.70 ? 6  DG A N9    1 
ATOM 115 C C8    . DG A 1 6  ? -13.459 13.370  -5.576  1.00 129.02 ? 6  DG A C8    1 
ATOM 116 N N7    . DG A 1 6  ? -14.044 12.198  -5.644  1.00 127.89 ? 6  DG A N7    1 
ATOM 117 C C5    . DG A 1 6  ? -14.555 12.001  -4.362  1.00 114.90 ? 6  DG A C5    1 
ATOM 118 C C6    . DG A 1 6  ? -15.292 10.899  -3.810  1.00 83.11  ? 6  DG A C6    1 
ATOM 119 O O6    . DG A 1 6  ? -15.678 9.840   -4.385  1.00 81.12  ? 6  DG A O6    1 
ATOM 120 N N1    . DG A 1 6  ? -15.573 11.100  -2.430  1.00 70.65  ? 6  DG A N1    1 
ATOM 121 C C2    . DG A 1 6  ? -15.200 12.237  -1.699  1.00 88.04  ? 6  DG A C2    1 
ATOM 122 N N2    . DG A 1 6  ? -15.559 12.272  -0.388  1.00 92.72  ? 6  DG A N2    1 
ATOM 123 N N3    . DG A 1 6  ? -14.520 13.262  -2.223  1.00 102.45 ? 6  DG A N3    1 
ATOM 124 C C4    . DG A 1 6  ? -14.231 13.072  -3.541  1.00 129.90 ? 6  DG A C4    1 
ATOM 125 P P     . DC A 1 7  ? -9.801  16.945  -2.110  1.00 159.95 ? 7  DC A P     1 
ATOM 126 O OP1   . DC A 1 7  ? -9.466  18.065  -1.192  1.00 145.14 ? 7  DC A OP1   1 
ATOM 127 O OP2   . DC A 1 7  ? -8.862  16.585  -3.205  1.00 141.58 ? 7  DC A OP2   1 
ATOM 128 O "O5'" . DC A 1 7  ? -10.116 15.634  -1.224  1.00 131.02 ? 7  DC A "O5'" 1 
ATOM 129 C "C5'" . DC A 1 7  ? -11.179 15.681  -0.275  1.00 124.47 ? 7  DC A "C5'" 1 
ATOM 130 C "C4'" . DC A 1 7  ? -11.543 14.302  0.250   1.00 119.59 ? 7  DC A "C4'" 1 
ATOM 131 O "O4'" . DC A 1 7  ? -12.071 13.455  -0.803  1.00 122.23 ? 7  DC A "O4'" 1 
ATOM 132 C "C3'" . DC A 1 7  ? -10.398 13.510  0.878   1.00 124.63 ? 7  DC A "C3'" 1 
ATOM 133 O "O3'" . DC A 1 7  ? -10.628 13.379  2.259   1.00 134.34 ? 7  DC A "O3'" 1 
ATOM 134 C "C2'" . DC A 1 7  ? -10.448 12.135  0.176   1.00 111.74 ? 7  DC A "C2'" 1 
ATOM 135 C "C1'" . DC A 1 7  ? -11.849 12.124  -0.404  1.00 119.32 ? 7  DC A "C1'" 1 
ATOM 136 N N1    . DC A 1 7  ? -12.031 11.198  -1.581  1.00 108.66 ? 7  DC A N1    1 
ATOM 137 C C2    . DC A 1 7  ? -12.731 9.988   -1.399  1.00 92.96  ? 7  DC A C2    1 
ATOM 138 O O2    . DC A 1 7  ? -13.156 9.706   -0.262  1.00 72.70  ? 7  DC A O2    1 
ATOM 139 N N3    . DC A 1 7  ? -12.908 9.148   -2.475  1.00 100.20 ? 7  DC A N3    1 
ATOM 140 C C4    . DC A 1 7  ? -12.418 9.485   -3.682  1.00 110.62 ? 7  DC A C4    1 
ATOM 141 N N4    . DC A 1 7  ? -12.613 8.633   -4.709  1.00 153.05 ? 7  DC A N4    1 
ATOM 142 C C5    . DC A 1 7  ? -11.705 10.724  -3.887  1.00 100.21 ? 7  DC A C5    1 
ATOM 143 C C6    . DC A 1 7  ? -11.539 11.539  -2.820  1.00 114.02 ? 7  DC A C6    1 
ATOM 144 P P     . DC A 1 8  ? -9.385  13.342  3.274   1.00 166.84 ? 8  DC A P     1 
ATOM 145 O OP1   . DC A 1 8  ? -9.224  14.724  3.806   1.00 156.26 ? 8  DC A OP1   1 
ATOM 146 O OP2   . DC A 1 8  ? -8.266  12.704  2.545   1.00 163.75 ? 8  DC A OP2   1 
ATOM 147 O "O5'" . DC A 1 8  ? -9.855  12.321  4.430   1.00 106.93 ? 8  DC A "O5'" 1 
ATOM 148 C "C5'" . DC A 1 8  ? -9.394  10.970  4.435   1.00 99.66  ? 8  DC A "C5'" 1 
ATOM 149 C "C4'" . DC A 1 8  ? -10.503 10.017  4.845   1.00 104.88 ? 8  DC A "C4'" 1 
ATOM 150 O "O4'" . DC A 1 8  ? -11.312 9.725   3.692   1.00 119.97 ? 8  DC A "O4'" 1 
ATOM 151 C "C3'" . DC A 1 8  ? -10.030 8.682   5.427   1.00 126.55 ? 8  DC A "C3'" 1 
ATOM 152 O "O3'" . DC A 1 8  ? -10.346 8.626   6.839   1.00 148.20 ? 8  DC A "O3'" 1 
ATOM 153 C "C2'" . DC A 1 8  ? -10.765 7.591   4.624   1.00 119.11 ? 8  DC A "C2'" 1 
ATOM 154 C "C1'" . DC A 1 8  ? -11.515 8.341   3.531   1.00 141.27 ? 8  DC A "C1'" 1 
ATOM 155 N N1    . DC A 1 8  ? -11.136 7.995   2.123   1.00 129.33 ? 8  DC A N1    1 
ATOM 156 C C2    . DC A 1 8  ? -11.409 6.720   1.608   1.00 114.36 ? 8  DC A C2    1 
ATOM 157 O O2    . DC A 1 8  ? -11.920 5.858   2.355   1.00 125.74 ? 8  DC A O2    1 
ATOM 158 N N3    . DC A 1 8  ? -11.096 6.464   0.295   1.00 91.00  ? 8  DC A N3    1 
ATOM 159 C C4    . DC A 1 8  ? -10.550 7.430   -0.473  1.00 94.61  ? 8  DC A C4    1 
ATOM 160 N N4    . DC A 1 8  ? -10.249 7.141   -1.750  1.00 112.29 ? 8  DC A N4    1 
ATOM 161 C C5    . DC A 1 8  ? -10.269 8.729   0.047   1.00 85.87  ? 8  DC A C5    1 
ATOM 162 C C6    . DC A 1 8  ? -10.588 8.968   1.325   1.00 93.98  ? 8  DC A C6    1 
ATOM 163 P P     . DT A 1 9  ? -10.481 7.214   7.609   1.00 167.61 ? 9  DT A P     1 
ATOM 164 O OP1   . DT A 1 9  ? -11.839 6.685   7.290   1.00 141.96 ? 9  DT A OP1   1 
ATOM 165 O OP2   . DT A 1 9  ? -10.116 7.420   9.033   1.00 191.41 ? 9  DT A OP2   1 
ATOM 166 O "O5'" . DT A 1 9  ? -9.308  6.317   6.973   1.00 149.71 ? 9  DT A "O5'" 1 
ATOM 167 C "C5'" . DT A 1 9  ? -8.867  5.158   7.646   1.00 149.89 ? 9  DT A "C5'" 1 
ATOM 168 C "C4'" . DT A 1 9  ? -10.030 4.214   7.875   1.00 134.37 ? 9  DT A "C4'" 1 
ATOM 169 O "O4'" . DT A 1 9  ? -10.896 4.219   6.718   1.00 149.60 ? 9  DT A "O4'" 1 
ATOM 170 C "C3'" . DT A 1 9  ? -9.630  2.777   8.125   1.00 132.41 ? 9  DT A "C3'" 1 
ATOM 171 O "O3'" . DT A 1 9  ? -10.060 2.387   9.385   1.00 131.86 ? 9  DT A "O3'" 1 
ATOM 172 C "C2'" . DT A 1 9  ? -10.329 1.945   7.035   1.00 123.06 ? 9  DT A "C2'" 1 
ATOM 173 C "C1'" . DT A 1 9  ? -10.923 2.959   6.093   1.00 126.70 ? 9  DT A "C1'" 1 
ATOM 174 N N1    . DT A 1 9  ? -10.236 3.073   4.782   1.00 118.16 ? 9  DT A N1    1 
ATOM 175 C C2    . DT A 1 9  ? -10.323 2.040   3.874   1.00 114.22 ? 9  DT A C2    1 
ATOM 176 O O2    . DT A 1 9  ? -10.907 0.996   4.102   1.00 154.67 ? 9  DT A O2    1 
ATOM 177 N N3    . DT A 1 9  ? -9.685  2.274   2.683   1.00 94.83  ? 9  DT A N3    1 
ATOM 178 C C4    . DT A 1 9  ? -9.004  3.432   2.319   1.00 82.70  ? 9  DT A C4    1 
ATOM 179 O O4    . DT A 1 9  ? -8.490  3.583   1.213   1.00 59.96  ? 9  DT A O4    1 
ATOM 180 C C5    . DT A 1 9  ? -8.965  4.471   3.318   1.00 101.67 ? 9  DT A C5    1 
ATOM 181 C C7    . DT A 1 9  ? -8.259  5.764   3.030   1.00 106.17 ? 9  DT A C7    1 
ATOM 182 C C6    . DT A 1 9  ? -9.584  4.250   4.477   1.00 125.07 ? 9  DT A C6    1 
ATOM 183 P P     . DG A 1 10 ? -9.873  0.851   9.791   1.00 160.74 ? 10 DG A P     1 
ATOM 184 O OP1   . DG A 1 10 ? -11.103 0.067   9.473   1.00 121.53 ? 10 DG A OP1   1 
ATOM 185 O OP2   . DG A 1 10 ? -9.373  0.854   11.178  1.00 266.03 ? 10 DG A OP2   1 
ATOM 186 O "O5'" . DG A 1 10 ? -8.674  0.385   8.826   1.00 125.39 ? 10 DG A "O5'" 1 
ATOM 187 C "C5'" . DG A 1 10 ? -8.111  -0.913  8.960   1.00 145.57 ? 10 DG A "C5'" 1 
ATOM 188 C "C4'" . DG A 1 10 ? -8.830  -1.947  8.105   1.00 107.17 ? 10 DG A "C4'" 1 
ATOM 189 O "O4'" . DG A 1 10 ? -9.302  -1.360  6.880   1.00 113.27 ? 10 DG A "O4'" 1 
ATOM 190 C "C3'" . DG A 1 10 ? -7.957  -3.124  7.711   1.00 115.09 ? 10 DG A "C3'" 1 
ATOM 191 O "O3'" . DG A 1 10 ? -8.607  -4.322  8.053   1.00 141.32 ? 10 DG A "O3'" 1 
ATOM 192 C "C2'" . DG A 1 10 ? -7.714  -2.990  6.200   1.00 108.18 ? 10 DG A "C2'" 1 
ATOM 193 C "C1'" . DG A 1 10 ? -8.497  -1.766  5.795   1.00 118.32 ? 10 DG A "C1'" 1 
ATOM 194 N N9    . DG A 1 10 ? -7.717  -0.619  5.352   1.00 91.65  ? 10 DG A N9    1 
ATOM 195 C C8    . DG A 1 10 ? -7.426  0.509   6.078   1.00 85.70  ? 10 DG A C8    1 
ATOM 196 N N7    . DG A 1 10 ? -6.779  1.412   5.397   1.00 75.73  ? 10 DG A N7    1 
ATOM 197 C C5    . DG A 1 10 ? -6.668  0.864   4.112   1.00 85.48  ? 10 DG A C5    1 
ATOM 198 C C6    . DG A 1 10 ? -6.070  1.391   2.922   1.00 89.30  ? 10 DG A C6    1 
ATOM 199 O O6    . DG A 1 10 ? -5.502  2.483   2.761   1.00 117.09 ? 10 DG A O6    1 
ATOM 200 N N1    . DG A 1 10 ? -6.172  0.504   1.855   1.00 86.39  ? 10 DG A N1    1 
ATOM 201 C C2    . DG A 1 10 ? -6.771  -0.735  1.923   1.00 91.48  ? 10 DG A C2    1 
ATOM 202 N N2    . DG A 1 10 ? -6.776  -1.452  0.793   1.00 114.68 ? 10 DG A N2    1 
ATOM 203 N N3    . DG A 1 10 ? -7.316  -1.248  3.030   1.00 60.97  ? 10 DG A N3    1 
ATOM 204 C C4    . DG A 1 10 ? -7.244  -0.389  4.076   1.00 77.11  ? 10 DG A C4    1 
ATOM 205 P P     . DT A 1 11 ? -8.178  -5.026  9.424   1.00 133.58 ? 11 DT A P     1 
ATOM 206 O OP1   . DT A 1 11 ? -9.346  -5.020  10.348  1.00 156.38 ? 11 DT A OP1   1 
ATOM 207 O OP2   . DT A 1 11 ? -6.890  -4.333  9.773   1.00 84.36  ? 11 DT A OP2   1 
ATOM 208 O "O5'" . DT A 1 11 ? -7.877  -6.537  9.001   1.00 201.97 ? 11 DT A "O5'" 1 
ATOM 209 C "C5'" . DT A 1 11 ? -6.554  -6.945  8.802   1.00 188.13 ? 11 DT A "C5'" 1 
ATOM 210 C "C4'" . DT A 1 11 ? -6.280  -7.242  7.339   1.00 149.79 ? 11 DT A "C4'" 1 
ATOM 211 O "O4'" . DT A 1 11 ? -6.340  -6.006  6.518   1.00 94.80  ? 11 DT A "O4'" 1 
ATOM 212 C "C3'" . DT A 1 11 ? -4.888  -7.856  7.098   1.00 107.13 ? 11 DT A "C3'" 1 
ATOM 213 O "O3'" . DT A 1 11 ? -4.974  -9.019  6.200   1.00 111.17 ? 11 DT A "O3'" 1 
ATOM 214 C "C2'" . DT A 1 11 ? -4.124  -6.689  6.464   1.00 108.64 ? 11 DT A "C2'" 1 
ATOM 215 C "C1'" . DT A 1 11 ? -5.240  -6.056  5.641   1.00 121.50 ? 11 DT A "C1'" 1 
ATOM 216 N N1    . DT A 1 11 ? -4.875  -4.720  5.013   1.00 123.22 ? 11 DT A N1    1 
ATOM 217 C C2    . DT A 1 11 ? -4.632  -4.684  3.648   1.00 91.39  ? 11 DT A C2    1 
ATOM 218 O O2    . DT A 1 11 ? -4.756  -5.664  2.928   1.00 157.71 ? 11 DT A O2    1 
ATOM 219 N N3    . DT A 1 11 ? -4.262  -3.453  3.149   1.00 54.61  ? 11 DT A N3    1 
ATOM 220 C C4    . DT A 1 11 ? -4.093  -2.284  3.867   1.00 59.88  ? 11 DT A C4    1 
ATOM 221 O O4    . DT A 1 11 ? -3.726  -1.198  3.332   1.00 47.73  ? 11 DT A O4    1 
ATOM 222 C C5    . DT A 1 11 ? -4.343  -2.407  5.299   1.00 85.23  ? 11 DT A C5    1 
ATOM 223 C C7    . DT A 1 11 ? -4.182  -1.209  6.185   1.00 86.67  ? 11 DT A C7    1 
ATOM 224 C C6    . DT A 1 11 ? -4.685  -3.608  5.798   1.00 107.76 ? 11 DT A C6    1 
ATOM 225 P P     . DA A 1 12 ? -3.980  -9.117  4.925   1.00 103.11 ? 12 DA A P     1 
ATOM 226 O OP1   . DA A 1 12 ? -2.586  -9.144  5.458   1.00 101.97 ? 12 DA A OP1   1 
ATOM 227 O OP2   . DA A 1 12 ? -4.443  -8.159  3.893   1.00 171.42 ? 12 DA A OP2   1 
ATOM 228 O "O5'" . DA A 1 12 ? -4.310  -10.493 4.163   1.00 191.65 ? 12 DA A "O5'" 1 
ATOM 229 C "C5'" . DA A 1 12 ? -3.246  -11.262 3.497   1.00 127.93 ? 12 DA A "C5'" 1 
ATOM 230 C "C4'" . DA A 1 12 ? -2.461  -10.499 2.388   1.00 112.39 ? 12 DA A "C4'" 1 
ATOM 231 O "O4'" . DA A 1 12 ? -2.629  -9.051  2.438   1.00 87.39  ? 12 DA A "O4'" 1 
ATOM 232 C "C3'" . DA A 1 12 ? -0.957  -10.736 2.433   1.00 96.39  ? 12 DA A "C3'" 1 
ATOM 233 O "O3'" . DA A 1 12 ? -0.589  -11.912 1.607   1.00 98.38  ? 12 DA A "O3'" 1 
ATOM 234 C "C2'" . DA A 1 12 ? -0.307  -9.399  1.996   1.00 89.78  ? 12 DA A "C2'" 1 
ATOM 235 C "C1'" . DA A 1 12 ? -1.482  -8.402  1.921   1.00 65.61  ? 12 DA A "C1'" 1 
ATOM 236 N N9    . DA A 1 12 ? -1.286  -7.117  2.653   1.00 103.91 ? 12 DA A N9    1 
ATOM 237 C C8    . DA A 1 12 ? -1.561  -6.866  3.975   1.00 133.50 ? 12 DA A C8    1 
ATOM 238 N N7    . DA A 1 12 ? -1.306  -5.621  4.361   1.00 93.06  ? 12 DA A N7    1 
ATOM 239 C C5    . DA A 1 12 ? -0.847  -4.996  3.216   1.00 82.10  ? 12 DA A C5    1 
ATOM 240 C C6    . DA A 1 12 ? -0.425  -3.676  2.973   1.00 74.22  ? 12 DA A C6    1 
ATOM 241 N N6    . DA A 1 12 ? -0.397  -2.723  3.919   1.00 84.46  ? 12 DA A N6    1 
ATOM 242 N N1    . DA A 1 12 ? -0.022  -3.377  1.720   1.00 88.25  ? 12 DA A N1    1 
ATOM 243 C C2    . DA A 1 12 ? -0.053  -4.343  0.779   1.00 121.22 ? 12 DA A C2    1 
ATOM 244 N N3    . DA A 1 12 ? -0.436  -5.623  0.885   1.00 143.62 ? 12 DA A N3    1 
ATOM 245 C C4    . DA A 1 12 ? -0.829  -5.893  2.140   1.00 121.07 ? 12 DA A C4    1 
ATOM 246 P P     . DC A 1 13 ? -0.640  -11.910 -0.013  1.00 125.06 ? 13 DC A P     1 
ATOM 247 O OP1   . DC A 1 13 ? -1.744  -11.048 -0.501  1.00 135.41 ? 13 DC A OP1   1 
ATOM 248 O OP2   . DC A 1 13 ? -0.517  -13.346 -0.404  1.00 125.26 ? 13 DC A OP2   1 
ATOM 249 O "O5'" . DC A 1 13 ? 0.689   -11.141 -0.468  1.00 126.94 ? 13 DC A "O5'" 1 
ATOM 250 C "C5'" . DC A 1 13 ? 0.596   -9.964  -1.275  1.00 101.22 ? 13 DC A "C5'" 1 
ATOM 251 C "C4'" . DC A 1 13 ? 1.960   -9.311  -1.384  1.00 92.01  ? 13 DC A "C4'" 1 
ATOM 252 O "O4'" . DC A 1 13 ? 2.003   -8.044  -0.631  1.00 125.92 ? 13 DC A "O4'" 1 
ATOM 253 C "C3'" . DC A 1 13 ? 3.129   -10.158 -0.825  1.00 70.53  ? 13 DC A "C3'" 1 
ATOM 254 O "O3'" . DC A 1 13 ? 4.300   -9.940  -1.658  1.00 92.80  ? 13 DC A "O3'" 1 
ATOM 255 C "C2'" . DC A 1 13 ? 3.336   -9.534  0.556   1.00 115.07 ? 13 DC A "C2'" 1 
ATOM 256 C "C1'" . DC A 1 13 ? 3.162   -8.062  0.187   1.00 102.68 ? 13 DC A "C1'" 1 
ATOM 257 N N1    . DC A 1 13 ? 3.017   -7.119  1.375   1.00 91.92  ? 13 DC A N1    1 
ATOM 258 C C2    . DC A 1 13 ? 3.420   -5.783  1.245   1.00 92.09  ? 13 DC A C2    1 
ATOM 259 O O2    . DC A 1 13 ? 3.850   -5.390  0.148   1.00 126.53 ? 13 DC A O2    1 
ATOM 260 N N3    . DC A 1 13 ? 3.317   -4.950  2.333   1.00 104.32 ? 13 DC A N3    1 
ATOM 261 C C4    . DC A 1 13 ? 2.846   -5.415  3.502   1.00 125.41 ? 13 DC A C4    1 
ATOM 262 N N4    . DC A 1 13 ? 2.756   -4.562  4.536   1.00 194.94 ? 13 DC A N4    1 
ATOM 263 C C5    . DC A 1 13 ? 2.442   -6.772  3.652   1.00 91.38  ? 13 DC A C5    1 
ATOM 264 C C6    . DC A 1 13 ? 2.555   -7.586  2.582   1.00 91.17  ? 13 DC A C6    1 
ATOM 265 P P     . DG A 1 14 ? 4.668   -10.916 -2.895  1.00 107.24 ? 14 DG A P     1 
ATOM 266 O OP1   . DG A 1 14 ? 3.655   -12.011 -3.001  1.00 115.86 ? 14 DG A OP1   1 
ATOM 267 O OP2   . DG A 1 14 ? 6.085   -11.322 -2.731  1.00 118.31 ? 14 DG A OP2   1 
ATOM 268 O "O5'" . DG A 1 14 ? 4.707   -9.918  -4.155  1.00 124.39 ? 14 DG A "O5'" 1 
ATOM 269 C "C5'" . DG A 1 14 ? 5.788   -10.003 -5.088  1.00 150.05 ? 14 DG A "C5'" 1 
ATOM 270 C "C4'" . DG A 1 14 ? 6.526   -8.676  -5.222  1.00 137.34 ? 14 DG A "C4'" 1 
ATOM 271 O "O4'" . DG A 1 14 ? 6.302   -7.838  -4.048  1.00 115.32 ? 14 DG A "O4'" 1 
ATOM 272 C "C3'" . DG A 1 14 ? 8.037   -8.794  -5.412  1.00 90.54  ? 14 DG A "C3'" 1 
ATOM 273 O "O3'" . DG A 1 14 ? 8.471   -7.933  -6.520  1.00 92.99  ? 14 DG A "O3'" 1 
ATOM 274 C "C2'" . DG A 1 14 ? 8.615   -8.413  -4.034  1.00 103.51 ? 14 DG A "C2'" 1 
ATOM 275 C "C1'" . DG A 1 14 ? 7.528   -7.556  -3.362  1.00 91.23  ? 14 DG A "C1'" 1 
ATOM 276 N N9    . DG A 1 14 ? 7.272   -7.851  -1.918  1.00 93.52  ? 14 DG A N9    1 
ATOM 277 C C8    . DG A 1 14 ? 6.865   -9.061  -1.399  1.00 113.68 ? 14 DG A C8    1 
ATOM 278 N N7    . DG A 1 14 ? 6.627   -9.055  -0.113  1.00 114.06 ? 14 DG A N7    1 
ATOM 279 C C5    . DG A 1 14 ? 6.886   -7.752  0.272   1.00 85.51  ? 14 DG A C5    1 
ATOM 280 C C6    . DG A 1 14 ? 6.791   -7.165  1.554   1.00 74.45  ? 14 DG A C6    1 
ATOM 281 O O6    . DG A 1 14 ? 6.435   -7.713  2.629   1.00 78.16  ? 14 DG A O6    1 
ATOM 282 N N1    . DG A 1 14 ? 7.135   -5.801  1.517   1.00 67.41  ? 14 DG A N1    1 
ATOM 283 C C2    . DG A 1 14 ? 7.509   -5.102  0.371   1.00 77.67  ? 14 DG A C2    1 
ATOM 284 N N2    . DG A 1 14 ? 7.793   -3.797  0.534   1.00 104.97 ? 14 DG A N2    1 
ATOM 285 N N3    . DG A 1 14 ? 7.598   -5.648  -0.851  1.00 94.48  ? 14 DG A N3    1 
ATOM 286 C C4    . DG A 1 14 ? 7.277   -6.972  -0.828  1.00 84.98  ? 14 DG A C4    1 
ATOM 287 P P     . DG A 1 15 ? 9.814   -7.046  -6.485  1.00 123.49 ? 15 DG A P     1 
ATOM 288 O OP1   . DG A 1 15 ? 10.011  -6.583  -7.884  1.00 142.20 ? 15 DG A OP1   1 
ATOM 289 O OP2   . DG A 1 15 ? 10.910  -7.798  -5.821  1.00 123.97 ? 15 DG A OP2   1 
ATOM 290 O "O5'" . DG A 1 15 ? 9.431   -5.778  -5.568  1.00 96.49  ? 15 DG A "O5'" 1 
ATOM 291 C "C5'" . DG A 1 15 ? 9.624   -4.429  -6.065  1.00 126.10 ? 15 DG A "C5'" 1 
ATOM 292 C "C4'" . DG A 1 15 ? 10.654  -3.693  -5.224  1.00 133.30 ? 15 DG A "C4'" 1 
ATOM 293 O "O4'" . DG A 1 15 ? 10.339  -3.889  -3.822  1.00 105.83 ? 15 DG A "O4'" 1 
ATOM 294 C "C3'" . DG A 1 15 ? 12.093  -4.169  -5.426  1.00 139.13 ? 15 DG A "C3'" 1 
ATOM 295 O "O3'" . DG A 1 15 ? 12.874  -3.212  -6.183  1.00 125.89 ? 15 DG A "O3'" 1 
ATOM 296 C "C2'" . DG A 1 15 ? 12.672  -4.365  -4.032  1.00 158.88 ? 15 DG A "C2'" 1 
ATOM 297 C "C1'" . DG A 1 15 ? 11.495  -4.275  -3.081  1.00 112.09 ? 15 DG A "C1'" 1 
ATOM 298 N N9    . DG A 1 15 ? 11.222  -5.550  -2.434  1.00 106.24 ? 15 DG A N9    1 
ATOM 299 C C8    . DG A 1 15 ? 11.102  -6.763  -3.057  1.00 117.50 ? 15 DG A C8    1 
ATOM 300 N N7    . DG A 1 15 ? 10.852  -7.752  -2.240  1.00 114.32 ? 15 DG A N7    1 
ATOM 301 C C5    . DG A 1 15 ? 10.808  -7.161  -0.988  1.00 84.26  ? 15 DG A C5    1 
ATOM 302 C C6    . DG A 1 15 ? 10.560  -7.740  0.279   1.00 84.07  ? 15 DG A C6    1 
ATOM 303 O O6    . DG A 1 15 ? 10.342  -8.932  0.546   1.00 155.95 ? 15 DG A O6    1 
ATOM 304 N N1    . DG A 1 15 ? 10.614  -6.786  1.297   1.00 88.88  ? 15 DG A N1    1 
ATOM 305 C C2    . DG A 1 15 ? 10.857  -5.437  1.109   1.00 91.00  ? 15 DG A C2    1 
ATOM 306 N N2    . DG A 1 15 ? 10.852  -4.673  2.215   1.00 106.81 ? 15 DG A N2    1 
ATOM 307 N N3    . DG A 1 15 ? 11.093  -4.877  -0.080  1.00 94.67  ? 15 DG A N3    1 
ATOM 308 C C4    . DG A 1 15 ? 11.050  -5.796  -1.081  1.00 99.07  ? 15 DG A C4    1 
ATOM 309 P P     . DA A 1 16 ? 13.090  -1.675  -5.715  1.00 121.93 ? 16 DA A P     1 
ATOM 310 O OP1   . DA A 1 16 ? 11.783  -0.975  -5.845  1.00 122.03 ? 16 DA A OP1   1 
ATOM 311 O OP2   . DA A 1 16 ? 14.250  -1.184  -6.495  1.00 130.72 ? 16 DA A OP2   1 
ATOM 312 O "O5'" . DA A 1 16 ? 13.584  -1.704  -4.182  1.00 149.21 ? 16 DA A "O5'" 1 
ATOM 313 C "C5'" . DA A 1 16 ? 13.009  -0.792  -3.240  1.00 137.96 ? 16 DA A "C5'" 1 
ATOM 314 C "C4'" . DA A 1 16 ? 13.698  -0.860  -1.887  1.00 157.34 ? 16 DA A "C4'" 1 
ATOM 315 O "O4'" . DA A 1 16 ? 13.459  -2.142  -1.267  1.00 136.98 ? 16 DA A "O4'" 1 
ATOM 316 C "C3'" . DA A 1 16 ? 15.205  -0.638  -1.902  1.00 147.34 ? 16 DA A "C3'" 1 
ATOM 317 O "O3'" . DA A 1 16 ? 15.486  0.534   -1.128  1.00 154.22 ? 16 DA A "O3'" 1 
ATOM 318 C "C2'" . DA A 1 16 ? 15.802  -1.933  -1.291  1.00 115.69 ? 16 DA A "C2'" 1 
ATOM 319 C "C1'" . DA A 1 16 ? 14.613  -2.577  -0.573  1.00 131.13 ? 16 DA A "C1'" 1 
ATOM 320 N N9    . DA A 1 16 ? 14.569  -4.055  -0.598  1.00 141.68 ? 16 DA A N9    1 
ATOM 321 C C8    . DA A 1 16 ? 14.704  -4.863  -1.696  1.00 147.83 ? 16 DA A C8    1 
ATOM 322 N N7    . DA A 1 16 ? 14.534  -6.156  -1.453  1.00 88.93  ? 16 DA A N7    1 
ATOM 323 C C5    . DA A 1 16 ? 14.251  -6.210  -0.096  1.00 104.79 ? 16 DA A C5    1 
ATOM 324 C C6    . DA A 1 16 ? 13.981  -7.304  0.794   1.00 125.16 ? 16 DA A C6    1 
ATOM 325 N N6    . DA A 1 16 ? 13.961  -8.592  0.414   1.00 189.75 ? 16 DA A N6    1 
ATOM 326 N N1    . DA A 1 16 ? 13.739  -7.009  2.091   1.00 92.51  ? 16 DA A N1    1 
ATOM 327 C C2    . DA A 1 16 ? 13.780  -5.712  2.473   1.00 113.45 ? 16 DA A C2    1 
ATOM 328 N N3    . DA A 1 16 ? 14.024  -4.602  1.741   1.00 114.91 ? 16 DA A N3    1 
ATOM 329 C C4    . DA A 1 16 ? 14.257  -4.920  0.453   1.00 109.17 ? 16 DA A C4    1 
ATOM 330 P P     . DC A 1 17 ? 16.985  1.086   -0.933  1.00 126.70 ? 17 DC A P     1 
ATOM 331 O OP1   . DC A 1 17 ? 16.935  2.539   -0.612  1.00 146.02 ? 17 DC A OP1   1 
ATOM 332 O OP2   . DC A 1 17 ? 17.767  0.662   -2.123  1.00 92.11  ? 17 DC A OP2   1 
ATOM 333 O "O5'" . DC A 1 17 ? 17.446  0.316   0.397   1.00 117.68 ? 17 DC A "O5'" 1 
ATOM 334 C "C5'" . DC A 1 17 ? 16.493  0.154   1.445   1.00 134.29 ? 17 DC A "C5'" 1 
ATOM 335 C "C4'" . DC A 1 17 ? 17.050  -0.670  2.586   1.00 143.63 ? 17 DC A "C4'" 1 
ATOM 336 O "O4'" . DC A 1 17 ? 16.681  -2.074  2.432   1.00 150.56 ? 17 DC A "O4'" 1 
ATOM 337 C "C3'" . DC A 1 17 ? 18.569  -0.664  2.750   1.00 113.30 ? 17 DC A "C3'" 1 
ATOM 338 O "O3'" . DC A 1 17 ? 18.845  -0.641  4.155   1.00 133.34 ? 17 DC A "O3'" 1 
ATOM 339 C "C2'" . DC A 1 17 ? 18.953  -2.018  2.135   1.00 99.34  ? 17 DC A "C2'" 1 
ATOM 340 C "C1'" . DC A 1 17 ? 17.825  -2.848  2.708   1.00 102.76 ? 17 DC A "C1'" 1 
ATOM 341 N N1    . DC A 1 17 ? 17.638  -4.251  2.142   1.00 136.42 ? 17 DC A N1    1 
ATOM 342 C C2    . DC A 1 17 ? 17.291  -5.297  3.023   1.00 158.86 ? 17 DC A C2    1 
ATOM 343 O O2    . DC A 1 17 ? 17.173  -5.051  4.228   1.00 141.85 ? 17 DC A O2    1 
ATOM 344 N N3    . DC A 1 17 ? 17.104  -6.552  2.530   1.00 137.31 ? 17 DC A N3    1 
ATOM 345 C C4    . DC A 1 17 ? 17.237  -6.780  1.224   1.00 107.12 ? 17 DC A C4    1 
ATOM 346 N N4    . DC A 1 17 ? 17.047  -8.032  0.790   1.00 150.18 ? 17 DC A N4    1 
ATOM 347 C C5    . DC A 1 17 ? 17.579  -5.726  0.303   1.00 82.31  ? 17 DC A C5    1 
ATOM 348 C C6    . DC A 1 17 ? 17.771  -4.490  0.802   1.00 112.46 ? 17 DC A C6    1 
ATOM 349 P P     . DA A 1 18 ? 20.173  0.053   4.759   1.00 143.60 ? 18 DA A P     1 
ATOM 350 O OP1   . DA A 1 18 ? 19.788  1.436   5.203   1.00 79.09  ? 18 DA A OP1   1 
ATOM 351 O OP2   . DA A 1 18 ? 21.277  -0.043  3.760   1.00 109.07 ? 18 DA A OP2   1 
ATOM 352 O "O5'" . DA A 1 18 ? 20.552  -0.913  6.016   1.00 105.61 ? 18 DA A "O5'" 1 
ATOM 353 C "C5'" . DA A 1 18 ? 19.779  -0.833  7.242   1.00 89.64  ? 18 DA A "C5'" 1 
ATOM 354 C "C4'" . DA A 1 18 ? 19.682  -2.171  7.992   1.00 105.39 ? 18 DA A "C4'" 1 
ATOM 355 O "O4'" . DA A 1 18 ? 19.305  -3.248  7.092   1.00 103.45 ? 18 DA A "O4'" 1 
ATOM 356 C "C3'" . DA A 1 18 ? 20.947  -2.641  8.687   1.00 138.87 ? 18 DA A "C3'" 1 
ATOM 357 O "O3'" . DA A 1 18 ? 20.604  -3.278  9.913   1.00 152.87 ? 18 DA A "O3'" 1 
ATOM 358 C "C2'" . DA A 1 18 ? 21.524  -3.639  7.684   1.00 134.45 ? 18 DA A "C2'" 1 
ATOM 359 C "C1'" . DA A 1 18 ? 20.255  -4.295  7.168   1.00 117.74 ? 18 DA A "C1'" 1 
ATOM 360 N N9    . DA A 1 18 ? 20.377  -4.884  5.826   1.00 102.16 ? 18 DA A N9    1 
ATOM 361 C C8    . DA A 1 18 ? 20.761  -4.239  4.667   1.00 92.39  ? 18 DA A C8    1 
ATOM 362 N N7    . DA A 1 18 ? 20.753  -5.014  3.597   1.00 86.42  ? 18 DA A N7    1 
ATOM 363 C C5    . DA A 1 18 ? 20.320  -6.250  4.078   1.00 101.74 ? 18 DA A C5    1 
ATOM 364 C C6    . DA A 1 18 ? 20.096  -7.501  3.444   1.00 122.64 ? 18 DA A C6    1 
ATOM 365 N N6    . DA A 1 18 ? 20.290  -7.714  2.135   1.00 146.62 ? 18 DA A N6    1 
ATOM 366 N N1    . DA A 1 18 ? 19.667  -8.523  4.217   1.00 112.72 ? 18 DA A N1    1 
ATOM 367 C C2    . DA A 1 18 ? 19.478  -8.311  5.529   1.00 118.39 ? 18 DA A C2    1 
ATOM 368 N N3    . DA A 1 18 ? 19.657  -7.191  6.239   1.00 98.59  ? 18 DA A N3    1 
ATOM 369 C C4    . DA A 1 18 ? 20.083  -6.188  5.450   1.00 94.55  ? 18 DA A C4    1 
ATOM 370 P P     . DT A 1 19 ? 21.721  -3.456  11.053  1.00 154.74 ? 19 DT A P     1 
ATOM 371 O OP1   . DT A 1 19 ? 21.782  -2.190  11.827  1.00 91.37  ? 19 DT A OP1   1 
ATOM 372 O OP2   . DT A 1 19 ? 22.920  -4.005  10.380  1.00 89.73  ? 19 DT A OP2   1 
ATOM 373 O "O5'" . DT A 1 19 ? 21.156  -4.613  11.996  1.00 157.07 ? 19 DT A "O5'" 1 
ATOM 374 C "C5'" . DT A 1 19 ? 20.404  -5.676  11.435  1.00 132.38 ? 19 DT A "C5'" 1 
ATOM 375 C "C4'" . DT A 1 19 ? 21.285  -6.858  11.023  1.00 167.69 ? 19 DT A "C4'" 1 
ATOM 376 O "O4'" . DT A 1 19 ? 21.318  -6.964  9.587   1.00 102.53 ? 19 DT A "O4'" 1 
ATOM 377 C "C3'" . DT A 1 19 ? 22.774  -6.809  11.430  1.00 181.29 ? 19 DT A "C3'" 1 
ATOM 378 O "O3'" . DT A 1 19 ? 23.025  -7.478  12.717  1.00 180.44 ? 19 DT A "O3'" 1 
ATOM 379 C "C2'" . DT A 1 19 ? 23.519  -7.460  10.231  1.00 118.61 ? 19 DT A "C2'" 1 
ATOM 380 C "C1'" . DT A 1 19 ? 22.368  -7.852  9.292   1.00 95.49  ? 19 DT A "C1'" 1 
ATOM 381 N N1    . DT A 1 19 ? 22.677  -7.812  7.800   1.00 89.22  ? 19 DT A N1    1 
ATOM 382 C C2    . DT A 1 19 ? 22.499  -8.975  7.061   1.00 113.67 ? 19 DT A C2    1 
ATOM 383 O O2    . DT A 1 19 ? 22.119  -10.033 7.556   1.00 122.32 ? 19 DT A O2    1 
ATOM 384 N N3    . DT A 1 19 ? 22.799  -8.861  5.727   1.00 105.92 ? 19 DT A N3    1 
ATOM 385 C C4    . DT A 1 19 ? 23.240  -7.727  5.066   1.00 91.26  ? 19 DT A C4    1 
ATOM 386 O O4    . DT A 1 19 ? 23.479  -7.730  3.855   1.00 92.07  ? 19 DT A O4    1 
ATOM 387 C C5    . DT A 1 19 ? 23.401  -6.539  5.899   1.00 100.53 ? 19 DT A C5    1 
ATOM 388 C C7    . DT A 1 19 ? 23.879  -5.253  5.296   1.00 133.42 ? 19 DT A C7    1 
ATOM 389 C C6    . DT A 1 19 ? 23.111  -6.636  7.209   1.00 72.77  ? 19 DT A C6    1 
ATOM 390 P P     . DC A 1 20 ? 22.980  -9.082  12.905  1.00 128.86 ? 20 DC A P     1 
ATOM 391 O OP1   . DC A 1 20 ? 21.829  -9.644  12.159  1.00 113.12 ? 20 DC A OP1   1 
ATOM 392 O OP2   . DC A 1 20 ? 23.101  -9.308  14.372  1.00 114.84 ? 20 DC A OP2   1 
ATOM 393 O "O5'" . DC A 1 20 ? 24.305  -9.628  12.170  1.00 90.96  ? 20 DC A "O5'" 1 
ATOM 394 C "C5'" . DC A 1 20 ? 24.841  -10.947 12.486  1.00 153.78 ? 20 DC A "C5'" 1 
ATOM 395 C "C4'" . DC A 1 20 ? 23.984  -12.086 11.929  1.00 119.78 ? 20 DC A "C4'" 1 
ATOM 396 O "O4'" . DC A 1 20 ? 23.580  -11.792 10.564  1.00 96.34  ? 20 DC A "O4'" 1 
ATOM 397 C "C3'" . DC A 1 20 ? 24.695  -13.424 11.827  1.00 132.43 ? 20 DC A "C3'" 1 
ATOM 398 O "O3'" . DC A 1 20 ? 23.738  -14.468 11.786  1.00 122.46 ? 20 DC A "O3'" 1 
ATOM 399 C "C2'" . DC A 1 20 ? 25.413  -13.290 10.490  1.00 95.74  ? 20 DC A "C2'" 1 
ATOM 400 C "C1'" . DC A 1 20 ? 24.340  -12.584 9.656   1.00 106.13 ? 20 DC A "C1'" 1 
ATOM 401 N N1    . DC A 1 20 ? 24.871  -11.673 8.573   1.00 104.52 ? 20 DC A N1    1 
ATOM 402 C C2    . DC A 1 20 ? 25.068  -12.172 7.269   1.00 91.08  ? 20 DC A C2    1 
ATOM 403 O O2    . DC A 1 20 ? 24.831  -13.375 7.028   1.00 108.23 ? 20 DC A O2    1 
ATOM 404 N N3    . DC A 1 20 ? 25.525  -11.319 6.304   1.00 81.25  ? 20 DC A N3    1 
ATOM 405 C C4    . DC A 1 20 ? 25.776  -10.027 6.604   1.00 90.81  ? 20 DC A C4    1 
ATOM 406 N N4    . DC A 1 20 ? 26.233  -9.221  5.625   1.00 109.55 ? 20 DC A N4    1 
ATOM 407 C C5    . DC A 1 20 ? 25.570  -9.511  7.926   1.00 92.60  ? 20 DC A C5    1 
ATOM 408 C C6    . DC A 1 20 ? 25.115  -10.356 8.862   1.00 95.35  ? 20 DC A C6    1 
ATOM 409 P P     . DA A 1 21 ? 24.194  -15.984 12.059  1.00 158.42 ? 21 DA A P     1 
ATOM 410 O OP1   . DA A 1 21 ? 23.064  -16.692 12.701  1.00 154.98 ? 21 DA A OP1   1 
ATOM 411 O OP2   . DA A 1 21 ? 25.511  -15.930 12.742  1.00 167.63 ? 21 DA A OP2   1 
ATOM 412 O "O5'" . DA A 1 21 ? 24.458  -16.565 10.589  1.00 102.98 ? 21 DA A "O5'" 1 
ATOM 413 C "C5'" . DA A 1 21 ? 25.801  -16.948 10.214  1.00 98.22  ? 21 DA A "C5'" 1 
ATOM 414 C "C4'" . DA A 1 21 ? 25.925  -17.134 8.709   1.00 105.42 ? 21 DA A "C4'" 1 
ATOM 415 O "O4'" . DA A 1 21 ? 26.182  -15.848 8.081   1.00 104.66 ? 21 DA A "O4'" 1 
ATOM 416 C "C3'" . DA A 1 21 ? 27.099  -18.006 8.274   1.00 138.69 ? 21 DA A "C3'" 1 
ATOM 417 O "O3'" . DA A 1 21 ? 26.806  -18.593 6.994   1.00 142.87 ? 21 DA A "O3'" 1 
ATOM 418 C "C2'" . DA A 1 21 ? 28.197  -16.960 8.159   1.00 118.37 ? 21 DA A "C2'" 1 
ATOM 419 C "C1'" . DA A 1 21 ? 27.410  -15.934 7.396   1.00 122.08 ? 21 DA A "C1'" 1 
ATOM 420 N N9    . DA A 1 21 ? 27.983  -14.609 7.311   1.00 107.05 ? 21 DA A N9    1 
ATOM 421 C C8    . DA A 1 21 ? 28.173  -13.701 8.321   1.00 73.84  ? 21 DA A C8    1 
ATOM 422 N N7    . DA A 1 21 ? 28.641  -12.541 7.902   1.00 89.34  ? 21 DA A N7    1 
ATOM 423 C C5    . DA A 1 21 ? 28.764  -12.710 6.532   1.00 118.90 ? 21 DA A C5    1 
ATOM 424 C C6    . DA A 1 21 ? 29.214  -11.859 5.504   1.00 128.17 ? 21 DA A C6    1 
ATOM 425 N N6    . DA A 1 21 ? 29.651  -10.612 5.720   1.00 107.90 ? 21 DA A N6    1 
ATOM 426 N N1    . DA A 1 21 ? 29.197  -12.340 4.236   1.00 126.70 ? 21 DA A N1    1 
ATOM 427 C C2    . DA A 1 21 ? 28.767  -13.589 4.020   1.00 109.54 ? 21 DA A C2    1 
ATOM 428 N N3    . DA A 1 21 ? 28.318  -14.482 4.904   1.00 121.04 ? 21 DA A N3    1 
ATOM 429 C C4    . DA A 1 21 ? 28.345  -13.972 6.154   1.00 128.46 ? 21 DA A C4    1 
ATOM 430 P P     . DC B 2 1  ? 5.607   -6.377  9.229   1.00 70.49  ? 1  DC B P     1 
ATOM 431 O OP1   . DC B 2 1  ? 4.495   -7.265  9.721   1.00 44.94  ? 1  DC B OP1   1 
ATOM 432 O OP2   . DC B 2 1  ? 5.288   -5.328  8.196   1.00 45.24  ? 1  DC B OP2   1 
ATOM 433 O "O5'" . DC B 2 1  ? 6.353   -5.669  10.492  1.00 101.29 ? 1  DC B "O5'" 1 
ATOM 434 C "C5'" . DC B 2 1  ? 7.744   -5.952  10.865  1.00 131.93 ? 1  DC B "C5'" 1 
ATOM 435 C "C4'" . DC B 2 1  ? 8.765   -5.542  9.803   1.00 148.45 ? 1  DC B "C4'" 1 
ATOM 436 O "O4'" . DC B 2 1  ? 8.760   -6.465  8.696   1.00 86.39  ? 1  DC B "O4'" 1 
ATOM 437 C "C3'" . DC B 2 1  ? 8.623   -4.137  9.180   1.00 126.43 ? 1  DC B "C3'" 1 
ATOM 438 O "O3'" . DC B 2 1  ? 9.550   -3.238  9.790   1.00 151.48 ? 1  DC B "O3'" 1 
ATOM 439 C "C2'" . DC B 2 1  ? 8.940   -4.352  7.676   1.00 86.30  ? 1  DC B "C2'" 1 
ATOM 440 C "C1'" . DC B 2 1  ? 9.428   -5.802  7.640   1.00 62.73  ? 1  DC B "C1'" 1 
ATOM 441 N N1    . DC B 2 1  ? 9.261   -6.600  6.328   1.00 60.67  ? 1  DC B N1    1 
ATOM 442 C C2    . DC B 2 1  ? 9.717   -6.070  5.098   1.00 65.44  ? 1  DC B C2    1 
ATOM 443 O O2    . DC B 2 1  ? 10.194  -4.908  5.056   1.00 84.34  ? 1  DC B O2    1 
ATOM 444 N N3    . DC B 2 1  ? 9.593   -6.842  3.975   1.00 88.09  ? 1  DC B N3    1 
ATOM 445 C C4    . DC B 2 1  ? 9.078   -8.075  4.056   1.00 139.24 ? 1  DC B C4    1 
ATOM 446 N N4    . DC B 2 1  ? 8.973   -8.788  2.928   1.00 179.74 ? 1  DC B N4    1 
ATOM 447 C C5    . DC B 2 1  ? 8.644   -8.630  5.294   1.00 140.64 ? 1  DC B C5    1 
ATOM 448 C C6    . DC B 2 1  ? 8.764   -7.881  6.389   1.00 90.71  ? 1  DC B C6    1 
ATOM 449 P P     . DC B 2 2  ? 9.369   -1.640  9.658   1.00 90.39  ? 2  DC B P     1 
ATOM 450 O OP1   . DC B 2 2  ? 10.137  -1.106  8.482   1.00 67.13  ? 2  DC B OP1   1 
ATOM 451 O OP2   . DC B 2 2  ? 9.621   -1.098  11.025  1.00 113.91 ? 2  DC B OP2   1 
ATOM 452 O "O5'" . DC B 2 2  ? 7.819   -1.433  9.225   1.00 104.41 ? 2  DC B "O5'" 1 
ATOM 453 C "C5'" . DC B 2 2  ? 7.286   -0.082  8.945   1.00 135.13 ? 2  DC B "C5'" 1 
ATOM 454 C "C4'" . DC B 2 2  ? 7.693   0.441   7.561   1.00 129.79 ? 2  DC B "C4'" 1 
ATOM 455 O "O4'" . DC B 2 2  ? 7.975   -0.675  6.665   1.00 102.66 ? 2  DC B "O4'" 1 
ATOM 456 C "C3'" . DC B 2 2  ? 6.615   1.221   6.825   1.00 141.89 ? 2  DC B "C3'" 1 
ATOM 457 O "O3'" . DC B 2 2  ? 7.224   1.990   5.766   1.00 108.38 ? 2  DC B "O3'" 1 
ATOM 458 C "C2'" . DC B 2 2  ? 5.829   0.070   6.240   1.00 178.13 ? 2  DC B "C2'" 1 
ATOM 459 C "C1'" . DC B 2 2  ? 6.994   -0.681  5.635   1.00 134.46 ? 2  DC B "C1'" 1 
ATOM 460 N N1    . DC B 2 2  ? 6.701   -2.084  5.249   1.00 121.25 ? 2  DC B N1    1 
ATOM 461 C C2    . DC B 2 2  ? 6.931   -2.502  3.931   1.00 101.79 ? 2  DC B C2    1 
ATOM 462 O O2    . DC B 2 2  ? 7.359   -1.674  3.108   1.00 105.75 ? 2  DC B O2    1 
ATOM 463 N N3    . DC B 2 2  ? 6.682   -3.803  3.594   1.00 82.59  ? 2  DC B N3    1 
ATOM 464 C C4    . DC B 2 2  ? 6.218   -4.650  4.529   1.00 88.37  ? 2  DC B C4    1 
ATOM 465 N N4    . DC B 2 2  ? 5.963   -5.940  4.190   1.00 79.86  ? 2  DC B N4    1 
ATOM 466 C C5    . DC B 2 2  ? 5.994   -4.219  5.863   1.00 76.15  ? 2  DC B C5    1 
ATOM 467 C C6    . DC B 2 2  ? 6.242   -2.950  6.177   1.00 94.34  ? 2  DC B C6    1 
ATOM 468 P P     . DG B 2 3  ? 6.849   3.549   5.576   1.00 100.98 ? 3  DG B P     1 
ATOM 469 O OP1   . DG B 2 3  ? 7.966   4.358   6.126   1.00 167.01 ? 3  DG B OP1   1 
ATOM 470 O OP2   . DG B 2 3  ? 5.472   3.614   6.151   1.00 101.70 ? 3  DG B OP2   1 
ATOM 471 O "O5'" . DG B 2 3  ? 6.733   3.793   3.960   1.00 87.94  ? 3  DG B "O5'" 1 
ATOM 472 C "C5'" . DG B 2 3  ? 7.440   2.946   3.015   1.00 76.57  ? 3  DG B "C5'" 1 
ATOM 473 C "C4'" . DG B 2 3  ? 7.109   3.317   1.571   1.00 106.01 ? 3  DG B "C4'" 1 
ATOM 474 O "O4'" . DG B 2 3  ? 6.504   2.181   0.922   1.00 101.88 ? 3  DG B "O4'" 1 
ATOM 475 C "C3'" . DG B 2 3  ? 6.120   4.468   1.389   1.00 108.90 ? 3  DG B "C3'" 1 
ATOM 476 O "O3'" . DG B 2 3  ? 6.491   5.300   0.220   1.00 148.86 ? 3  DG B "O3'" 1 
ATOM 477 C "C2'" . DG B 2 3  ? 4.755   3.769   1.254   1.00 116.56 ? 3  DG B "C2'" 1 
ATOM 478 C "C1'" . DG B 2 3  ? 5.101   2.289   1.003   1.00 147.76 ? 3  DG B "C1'" 1 
ATOM 479 N N9    . DG B 2 3  ? 4.629   1.395   2.050   1.00 136.58 ? 3  DG B N9    1 
ATOM 480 C C8    . DG B 2 3  ? 4.364   1.730   3.354   1.00 100.03 ? 3  DG B C8    1 
ATOM 481 N N7    . DG B 2 3  ? 3.934   0.726   4.073   1.00 79.34  ? 3  DG B N7    1 
ATOM 482 C C5    . DG B 2 3  ? 3.935   -0.355  3.198   1.00 116.43 ? 3  DG B C5    1 
ATOM 483 C C6    . DG B 2 3  ? 3.583   -1.721  3.424   1.00 96.66  ? 3  DG B C6    1 
ATOM 484 O O6    . DG B 2 3  ? 3.202   -2.257  4.487   1.00 90.08  ? 3  DG B O6    1 
ATOM 485 N N1    . DG B 2 3  ? 3.722   -2.484  2.255   1.00 90.35  ? 3  DG B N1    1 
ATOM 486 C C2    . DG B 2 3  ? 4.152   -1.984  1.026   1.00 88.83  ? 3  DG B C2    1 
ATOM 487 N N2    . DG B 2 3  ? 4.225   -2.872  0.016   1.00 98.81  ? 3  DG B N2    1 
ATOM 488 N N3    . DG B 2 3  ? 4.486   -0.699  0.807   1.00 73.92  ? 3  DG B N3    1 
ATOM 489 C C4    . DG B 2 3  ? 4.358   0.046   1.936   1.00 128.64 ? 3  DG B C4    1 
ATOM 490 P P     . DT B 2 4  ? 5.672   5.289   -1.177  1.00 144.48 ? 4  DT B P     1 
ATOM 491 O OP1   . DT B 2 4  ? 6.471   6.043   -2.178  1.00 128.67 ? 4  DT B OP1   1 
ATOM 492 O OP2   . DT B 2 4  ? 4.279   5.729   -0.956  1.00 108.77 ? 4  DT B OP2   1 
ATOM 493 O "O5'" . DT B 2 4  ? 5.625   3.745   -1.594  1.00 175.42 ? 4  DT B "O5'" 1 
ATOM 494 C "C5'" . DT B 2 4  ? 5.455   3.386   -2.937  1.00 116.80 ? 4  DT B "C5'" 1 
ATOM 495 C "C4'" . DT B 2 4  ? 4.321   2.384   -3.129  1.00 151.72 ? 4  DT B "C4'" 1 
ATOM 496 O "O4'" . DT B 2 4  ? 3.913   1.734   -1.891  1.00 184.14 ? 4  DT B "O4'" 1 
ATOM 497 C "C3'" . DT B 2 4  ? 3.039   2.961   -3.723  1.00 137.61 ? 4  DT B "C3'" 1 
ATOM 498 O "O3'" . DT B 2 4  ? 2.762   2.246   -4.922  1.00 142.67 ? 4  DT B "O3'" 1 
ATOM 499 C "C2'" . DT B 2 4  ? 1.980   2.702   -2.620  1.00 106.12 ? 4  DT B "C2'" 1 
ATOM 500 C "C1'" . DT B 2 4  ? 2.534   1.440   -2.034  1.00 113.26 ? 4  DT B "C1'" 1 
ATOM 501 N N1    . DT B 2 4  ? 1.955   0.983   -0.705  1.00 106.81 ? 4  DT B N1    1 
ATOM 502 C C2    . DT B 2 4  ? 1.628   -0.356  -0.562  1.00 126.68 ? 4  DT B C2    1 
ATOM 503 O O2    . DT B 2 4  ? 1.742   -1.169  -1.472  1.00 142.81 ? 4  DT B O2    1 
ATOM 504 N N3    . DT B 2 4  ? 1.157   -0.717  0.690   1.00 121.62 ? 4  DT B N3    1 
ATOM 505 C C4    . DT B 2 4  ? 0.995   0.104   1.801   1.00 101.62 ? 4  DT B C4    1 
ATOM 506 O O4    . DT B 2 4  ? 0.566   -0.319  2.892   1.00 96.54  ? 4  DT B O4    1 
ATOM 507 C C5    . DT B 2 4  ? 1.358   1.497   1.589   1.00 90.12  ? 4  DT B C5    1 
ATOM 508 C C7    . DT B 2 4  ? 1.208   2.478   2.715   1.00 68.52  ? 4  DT B C7    1 
ATOM 509 C C6    . DT B 2 4  ? 1.812   1.872   0.356   1.00 82.59  ? 4  DT B C6    1 
ATOM 510 P P     . DA B 2 5  ? 1.368   2.419   -5.709  1.00 166.14 ? 5  DA B P     1 
ATOM 511 O OP1   . DA B 2 5  ? 1.697   2.382   -7.155  1.00 155.08 ? 5  DA B OP1   1 
ATOM 512 O OP2   . DA B 2 5  ? 0.643   3.594   -5.168  1.00 180.68 ? 5  DA B OP2   1 
ATOM 513 O "O5'" . DA B 2 5  ? 0.561   1.075   -5.344  1.00 157.02 ? 5  DA B "O5'" 1 
ATOM 514 C "C5'" . DA B 2 5  ? 1.162   -0.200  -5.593  1.00 161.73 ? 5  DA B "C5'" 1 
ATOM 515 C "C4'" . DA B 2 5  ? 0.142   -1.338  -5.596  1.00 118.95 ? 5  DA B "C4'" 1 
ATOM 516 O "O4'" . DA B 2 5  ? -0.355  -1.588  -4.258  1.00 119.89 ? 5  DA B "O4'" 1 
ATOM 517 C "C3'" . DA B 2 5  ? -1.103  -1.136  -6.430  1.00 104.80 ? 5  DA B "C3'" 1 
ATOM 518 O "O3'" . DA B 2 5  ? -1.628  -2.433  -6.749  1.00 127.73 ? 5  DA B "O3'" 1 
ATOM 519 C "C2'" . DA B 2 5  ? -2.017  -0.397  -5.448  1.00 127.51 ? 5  DA B "C2'" 1 
ATOM 520 C "C1'" . DA B 2 5  ? -1.686  -1.104  -4.129  1.00 109.74 ? 5  DA B "C1'" 1 
ATOM 521 N N9    . DA B 2 5  ? -1.723  -0.234  -2.942  1.00 115.59 ? 5  DA B N9    1 
ATOM 522 C C8    . DA B 2 5  ? -1.329  1.083   -2.858  1.00 103.27 ? 5  DA B C8    1 
ATOM 523 N N7    . DA B 2 5  ? -1.440  1.595   -1.645  1.00 104.29 ? 5  DA B N7    1 
ATOM 524 C C5    . DA B 2 5  ? -1.929  0.539   -0.874  1.00 108.07 ? 5  DA B C5    1 
ATOM 525 C C6    . DA B 2 5  ? -2.270  0.429   0.500   1.00 120.45 ? 5  DA B C6    1 
ATOM 526 N N6    . DA B 2 5  ? -2.165  1.437   1.378   1.00 125.59 ? 5  DA B N6    1 
ATOM 527 N N1    . DA B 2 5  ? -2.727  -0.763  0.932   1.00 142.71 ? 5  DA B N1    1 
ATOM 528 C C2    . DA B 2 5  ? -2.834  -1.775  0.062   1.00 152.99 ? 5  DA B C2    1 
ATOM 529 N N3    . DA B 2 5  ? -2.552  -1.798  -1.241  1.00 100.58 ? 5  DA B N3    1 
ATOM 530 C C4    . DA B 2 5  ? -2.102  -0.598  -1.654  1.00 100.12 ? 5  DA B C4    1 
ATOM 531 P P     . DC B 2 6  ? -2.478  -2.690  -8.090  1.00 128.57 ? 6  DC B P     1 
ATOM 532 O OP1   . DC B 2 6  ? -1.743  -3.674  -8.927  1.00 135.59 ? 6  DC B OP1   1 
ATOM 533 O OP2   . DC B 2 6  ? -2.894  -1.370  -8.646  1.00 100.82 ? 6  DC B OP2   1 
ATOM 534 O "O5'" . DC B 2 6  ? -3.731  -3.477  -7.525  1.00 118.66 ? 6  DC B "O5'" 1 
ATOM 535 C "C5'" . DC B 2 6  ? -3.516  -4.482  -6.535  1.00 84.70  ? 6  DC B "C5'" 1 
ATOM 536 C "C4'" . DC B 2 6  ? -4.690  -4.553  -5.572  1.00 98.44  ? 6  DC B "C4'" 1 
ATOM 537 O "O4'" . DC B 2 6  ? -4.541  -3.577  -4.502  1.00 81.63  ? 6  DC B "O4'" 1 
ATOM 538 C "C3'" . DC B 2 6  ? -6.054  -4.275  -6.195  1.00 95.07  ? 6  DC B "C3'" 1 
ATOM 539 O "O3'" . DC B 2 6  ? -6.894  -5.320  -5.847  1.00 69.15  ? 6  DC B "O3'" 1 
ATOM 540 C "C2'" . DC B 2 6  ? -6.501  -2.945  -5.551  1.00 63.96  ? 6  DC B "C2'" 1 
ATOM 541 C "C1'" . DC B 2 6  ? -5.821  -3.074  -4.196  1.00 78.80  ? 6  DC B "C1'" 1 
ATOM 542 N N1    . DC B 2 6  ? -5.676  -1.798  -3.392  1.00 66.82  ? 6  DC B N1    1 
ATOM 543 C C2    . DC B 2 6  ? -6.106  -1.800  -2.051  1.00 79.08  ? 6  DC B C2    1 
ATOM 544 O O2    . DC B 2 6  ? -6.622  -2.837  -1.580  1.00 144.42 ? 6  DC B O2    1 
ATOM 545 N N3    . DC B 2 6  ? -5.958  -0.659  -1.311  1.00 76.41  ? 6  DC B N3    1 
ATOM 546 C C4    . DC B 2 6  ? -5.396  0.424   -1.860  1.00 86.14  ? 6  DC B C4    1 
ATOM 547 N N4    . DC B 2 6  ? -5.261  1.523   -1.097  1.00 78.40  ? 6  DC B N4    1 
ATOM 548 C C5    . DC B 2 6  ? -4.941  0.427   -3.217  1.00 114.38 ? 6  DC B C5    1 
ATOM 549 C C6    . DC B 2 6  ? -5.101  -0.692  -3.940  1.00 85.16  ? 6  DC B C6    1 
ATOM 550 P P     . DA B 2 7  ? -8.181  -5.625  -6.766  1.00 83.34  ? 7  DA B P     1 
ATOM 551 O OP1   . DA B 2 7  ? -7.934  -6.954  -7.408  1.00 92.69  ? 7  DA B OP1   1 
ATOM 552 O OP2   . DA B 2 7  ? -8.402  -4.326  -7.495  1.00 55.38  ? 7  DA B OP2   1 
ATOM 553 O "O5'" . DA B 2 7  ? -9.378  -5.909  -5.707  1.00 97.03  ? 7  DA B "O5'" 1 
ATOM 554 C "C5'" . DA B 2 7  ? -9.104  -5.841  -4.312  1.00 102.45 ? 7  DA B "C5'" 1 
ATOM 555 C "C4'" . DA B 2 7  ? -9.891  -4.706  -3.660  1.00 65.40  ? 7  DA B "C4'" 1 
ATOM 556 O "O4'" . DA B 2 7  ? -9.222  -3.436  -3.742  1.00 59.25  ? 7  DA B "O4'" 1 
ATOM 557 C "C3'" . DA B 2 7  ? -11.257 -4.406  -4.251  1.00 75.38  ? 7  DA B "C3'" 1 
ATOM 558 O "O3'" . DA B 2 7  ? -12.198 -5.015  -3.440  1.00 43.14  ? 7  DA B "O3'" 1 
ATOM 559 C "C2'" . DA B 2 7  ? -11.335 -2.847  -4.164  1.00 88.61  ? 7  DA B "C2'" 1 
ATOM 560 C "C1'" . DA B 2 7  ? -10.159 -2.577  -3.252  1.00 72.13  ? 7  DA B "C1'" 1 
ATOM 561 N N9    . DA B 2 7  ? -9.628  -1.217  -3.190  1.00 57.26  ? 7  DA B N9    1 
ATOM 562 C C8    . DA B 2 7  ? -9.106  -0.446  -4.201  1.00 76.87  ? 7  DA B C8    1 
ATOM 563 N N7    . DA B 2 7  ? -8.692  0.748   -3.801  1.00 114.42 ? 7  DA B N7    1 
ATOM 564 C C5    . DA B 2 7  ? -8.932  0.748   -2.432  1.00 93.44  ? 7  DA B C5    1 
ATOM 565 C C6    . DA B 2 7  ? -8.718  1.708   -1.426  1.00 118.45 ? 7  DA B C6    1 
ATOM 566 N N6    . DA B 2 7  ? -8.184  2.912   -1.663  1.00 136.11 ? 7  DA B N6    1 
ATOM 567 N N1    . DA B 2 7  ? -9.072  1.379   -0.157  1.00 116.97 ? 7  DA B N1    1 
ATOM 568 C C2    . DA B 2 7  ? -9.608  0.175   0.087   1.00 124.96 ? 7  DA B C2    1 
ATOM 569 N N3    . DA B 2 7  ? -9.862  -0.814  -0.769  1.00 85.29  ? 7  DA B N3    1 
ATOM 570 C C4    . DA B 2 7  ? -9.504  -0.456  -2.034  1.00 77.22  ? 7  DA B C4    1 
ATOM 571 P P     . DG C 3 1  ? -15.358 -1.340  -7.274  1.00 124.49 ? 8  DG C P     1 
ATOM 572 O OP1   . DG C 3 1  ? -13.939 -0.834  -7.220  1.00 49.78  ? 8  DG C OP1   1 
ATOM 573 O OP2   . DG C 3 1  ? -15.810 -2.355  -8.254  1.00 88.56  ? 8  DG C OP2   1 
ATOM 574 O "O5'" . DG C 3 1  ? -15.814 -1.857  -5.828  1.00 95.20  ? 8  DG C "O5'" 1 
ATOM 575 C "C5'" . DG C 3 1  ? -16.096 -0.902  -4.816  1.00 103.89 ? 8  DG C "C5'" 1 
ATOM 576 C "C4'" . DG C 3 1  ? -15.242 -1.126  -3.570  1.00 95.28  ? 8  DG C "C4'" 1 
ATOM 577 O "O4'" . DG C 3 1  ? -13.800 -0.965  -3.877  1.00 76.21  ? 8  DG C "O4'" 1 
ATOM 578 C "C3'" . DG C 3 1  ? -15.539 -0.158  -2.424  1.00 99.71  ? 8  DG C "C3'" 1 
ATOM 579 O "O3'" . DG C 3 1  ? -16.669 -0.678  -1.580  1.00 111.87 ? 8  DG C "O3'" 1 
ATOM 580 C "C2'" . DG C 3 1  ? -14.180 -0.113  -1.673  1.00 119.23 ? 8  DG C "C2'" 1 
ATOM 581 C "C1'" . DG C 3 1  ? -13.138 -0.269  -2.816  1.00 88.53  ? 8  DG C "C1'" 1 
ATOM 582 N N9    . DG C 3 1  ? -12.589 1.004   -3.352  1.00 94.84  ? 8  DG C N9    1 
ATOM 583 C C8    . DG C 3 1  ? -12.323 1.322   -4.686  1.00 131.90 ? 8  DG C C8    1 
ATOM 584 N N7    . DG C 3 1  ? -11.848 2.539   -4.861  1.00 108.08 ? 8  DG C N7    1 
ATOM 585 C C5    . DG C 3 1  ? -11.806 3.069   -3.571  1.00 114.12 ? 8  DG C C5    1 
ATOM 586 C C6    . DG C 3 1  ? -11.385 4.345   -3.125  1.00 111.83 ? 8  DG C C6    1 
ATOM 587 O O6    . DG C 3 1  ? -10.950 5.291   -3.808  1.00 126.91 ? 8  DG C O6    1 
ATOM 588 N N1    . DG C 3 1  ? -11.506 4.472   -1.733  1.00 100.86 ? 8  DG C N1    1 
ATOM 589 C C2    . DG C 3 1  ? -11.968 3.477   -0.870  1.00 90.18  ? 8  DG C C2    1 
ATOM 590 N N2    . DG C 3 1  ? -12.007 3.781   0.446   1.00 131.23 ? 8  DG C N2    1 
ATOM 591 N N3    . DG C 3 1  ? -12.362 2.266   -1.271  1.00 57.20  ? 8  DG C N3    1 
ATOM 592 C C4    . DG C 3 1  ? -12.257 2.133   -2.629  1.00 81.44  ? 8  DG C C4    1 
ATOM 593 P P     . DG C 3 2  ? -18.218 -0.263  -1.867  1.00 134.61 ? 9  DG C P     1 
ATOM 594 O OP1   . DG C 3 2  ? -19.044 -1.497  -1.710  1.00 135.53 ? 9  DG C OP1   1 
ATOM 595 O OP2   . DG C 3 2  ? -18.290 0.528   -3.117  1.00 133.91 ? 9  DG C OP2   1 
ATOM 596 O "O5'" . DG C 3 2  ? -18.568 0.786   -0.699  1.00 94.34  ? 9  DG C "O5'" 1 
ATOM 597 C "C5'" . DG C 3 2  ? -18.397 0.405   0.662   1.00 116.60 ? 9  DG C "C5'" 1 
ATOM 598 C "C4'" . DG C 3 2  ? -17.516 1.406   1.382   1.00 138.20 ? 9  DG C "C4'" 1 
ATOM 599 O "O4'" . DG C 3 2  ? -16.395 1.744   0.555   1.00 139.50 ? 9  DG C "O4'" 1 
ATOM 600 C "C3'" . DG C 3 2  ? -18.177 2.730   1.656   1.00 115.99 ? 9  DG C "C3'" 1 
ATOM 601 O "O3'" . DG C 3 2  ? -18.892 2.640   2.855   1.00 143.46 ? 9  DG C "O3'" 1 
ATOM 602 C "C2'" . DG C 3 2  ? -16.993 3.693   1.775   1.00 122.30 ? 9  DG C "C2'" 1 
ATOM 603 C "C1'" . DG C 3 2  ? -15.920 3.019   0.916   1.00 116.94 ? 9  DG C "C1'" 1 
ATOM 604 N N9    . DG C 3 2  ? -15.600 3.728   -0.303  1.00 130.99 ? 9  DG C N9    1 
ATOM 605 C C8    . DG C 3 2  ? -15.583 3.209   -1.575  1.00 121.59 ? 9  DG C C8    1 
ATOM 606 N N7    . DG C 3 2  ? -15.227 4.075   -2.483  1.00 111.17 ? 9  DG C N7    1 
ATOM 607 C C5    . DG C 3 2  ? -14.999 5.237   -1.767  1.00 117.25 ? 9  DG C C5    1 
ATOM 608 C C6    . DG C 3 2  ? -14.599 6.511   -2.217  1.00 99.86  ? 9  DG C C6    1 
ATOM 609 O O6    . DG C 3 2  ? -14.363 6.886   -3.393  1.00 94.59  ? 9  DG C O6    1 
ATOM 610 N N1    . DG C 3 2  ? -14.477 7.412   -1.142  1.00 106.13 ? 9  DG C N1    1 
ATOM 611 C C2    . DG C 3 2  ? -14.725 7.102   0.185   1.00 112.78 ? 9  DG C C2    1 
ATOM 612 N N2    . DG C 3 2  ? -14.565 8.091   1.084   1.00 148.71 ? 9  DG C N2    1 
ATOM 613 N N3    . DG C 3 2  ? -15.113 5.913   0.597   1.00 84.81  ? 9  DG C N3    1 
ATOM 614 C C4    . DG C 3 2  ? -15.225 5.035   -0.423  1.00 116.14 ? 9  DG C C4    1 
ATOM 615 P P     . DC C 3 3  ? -20.337 3.313   2.940   1.00 142.73 ? 10 DC C P     1 
ATOM 616 O OP1   . DC C 3 3  ? -20.489 3.849   4.312   1.00 185.40 ? 10 DC C OP1   1 
ATOM 617 O OP2   . DC C 3 3  ? -21.314 2.324   2.419   1.00 185.36 ? 10 DC C OP2   1 
ATOM 618 O "O5'" . DC C 3 3  ? -20.218 4.542   1.922   1.00 123.88 ? 10 DC C "O5'" 1 
ATOM 619 C "C5'" . DC C 3 3  ? -20.849 5.767   2.231   1.00 145.74 ? 10 DC C "C5'" 1 
ATOM 620 C "C4'" . DC C 3 3  ? -19.932 6.629   3.069   1.00 133.54 ? 10 DC C "C4'" 1 
ATOM 621 O "O4'" . DC C 3 3  ? -18.601 6.570   2.512   1.00 118.74 ? 10 DC C "O4'" 1 
ATOM 622 C "C3'" . DC C 3 3  ? -20.331 8.100   3.152   1.00 134.89 ? 10 DC C "C3'" 1 
ATOM 623 O "O3'" . DC C 3 3  ? -20.889 8.364   4.447   1.00 166.94 ? 10 DC C "O3'" 1 
ATOM 624 C "C2'" . DC C 3 3  ? -19.021 8.863   2.947   1.00 119.39 ? 10 DC C "C2'" 1 
ATOM 625 C "C1'" . DC C 3 3  ? -18.127 7.859   2.219   1.00 117.70 ? 10 DC C "C1'" 1 
ATOM 626 N N1    . DC C 3 3  ? -18.054 8.014   0.719   1.00 109.55 ? 10 DC C N1    1 
ATOM 627 C C2    . DC C 3 3  ? -17.591 9.220   0.158   1.00 125.66 ? 10 DC C C2    1 
ATOM 628 O O2    . DC C 3 3  ? -17.286 10.166  0.901   1.00 122.55 ? 10 DC C O2    1 
ATOM 629 N N3    . DC C 3 3  ? -17.501 9.323   -1.189  1.00 123.94 ? 10 DC C N3    1 
ATOM 630 C C4    . DC C 3 3  ? -17.826 8.288   -1.962  1.00 115.13 ? 10 DC C C4    1 
ATOM 631 N N4    . DC C 3 3  ? -17.716 8.447   -3.289  1.00 118.99 ? 10 DC C N4    1 
ATOM 632 C C5    . DC C 3 3  ? -18.276 7.046   -1.413  1.00 97.16  ? 10 DC C C5    1 
ATOM 633 C C6    . DC C 3 3  ? -18.368 6.954   -0.084  1.00 106.30 ? 10 DC C C6    1 
ATOM 634 P P     . DT C 3 4  ? -22.095 9.411   4.622   1.00 176.92 ? 11 DT C P     1 
ATOM 635 O OP1   . DT C 3 4  ? -21.608 10.498  5.503   1.00 172.32 ? 11 DT C OP1   1 
ATOM 636 O OP2   . DT C 3 4  ? -23.305 8.652   5.013   1.00 220.48 ? 11 DT C OP2   1 
ATOM 637 O "O5'" . DT C 3 4  ? -22.323 9.972   3.144   1.00 155.08 ? 11 DT C "O5'" 1 
ATOM 638 C "C5'" . DT C 3 4  ? -22.989 11.205  2.957   1.00 174.47 ? 11 DT C "C5'" 1 
ATOM 639 C "C4'" . DT C 3 4  ? -22.015 12.354  3.100   1.00 165.61 ? 11 DT C "C4'" 1 
ATOM 640 O "O4'" . DT C 3 4  ? -20.688 11.907  2.696   1.00 114.90 ? 11 DT C "O4'" 1 
ATOM 641 C "C3'" . DT C 3 4  ? -22.309 13.538  2.206   1.00 155.04 ? 11 DT C "C3'" 1 
ATOM 642 O "O3'" . DT C 3 4  ? -23.333 14.437  2.788   1.00 177.13 ? 11 DT C "O3'" 1 
ATOM 643 C "C2'" . DT C 3 4  ? -20.923 14.157  2.017   1.00 134.90 ? 11 DT C "C2'" 1 
ATOM 644 C "C1'" . DT C 3 4  ? -20.070 12.894  1.876   1.00 139.18 ? 11 DT C "C1'" 1 
ATOM 645 N N1    . DT C 3 4  ? -19.976 12.359  0.453   1.00 144.28 ? 11 DT C N1    1 
ATOM 646 C C2    . DT C 3 4  ? -19.247 13.059  -0.493  1.00 164.97 ? 11 DT C C2    1 
ATOM 647 O O2    . DT C 3 4  ? -18.662 14.104  -0.255  1.00 211.72 ? 11 DT C O2    1 
ATOM 648 N N3    . DT C 3 4  ? -19.227 12.486  -1.743  1.00 130.45 ? 11 DT C N3    1 
ATOM 649 C C4    . DT C 3 4  ? -19.850 11.310  -2.138  1.00 148.63 ? 11 DT C C4    1 
ATOM 650 O O4    . DT C 3 4  ? -19.773 10.878  -3.286  1.00 172.21 ? 11 DT C O4    1 
ATOM 651 C C5    . DT C 3 4  ? -20.595 10.626  -1.102  1.00 115.57 ? 11 DT C C5    1 
ATOM 652 C C7    . DT C 3 4  ? -21.313 9.343   -1.413  1.00 86.12  ? 11 DT C C7    1 
ATOM 653 C C6    . DT C 3 4  ? -20.619 11.173  0.128   1.00 113.78 ? 11 DT C C6    1 
ATOM 654 P P     . DG C 3 5  ? -23.047 15.487  3.984   1.00 176.51 ? 12 DG C P     1 
ATOM 655 O OP1   . DG C 3 5  ? -21.766 15.210  4.672   1.00 224.78 ? 12 DG C OP1   1 
ATOM 656 O OP2   . DG C 3 5  ? -24.279 15.513  4.807   1.00 211.52 ? 12 DG C OP2   1 
ATOM 657 O "O5'" . DG C 3 5  ? -22.984 16.904  3.233   1.00 148.62 ? 12 DG C "O5'" 1 
ATOM 658 C "C5'" . DG C 3 5  ? -21.726 17.547  3.010   1.00 159.36 ? 12 DG C "C5'" 1 
ATOM 659 C "C4'" . DG C 3 5  ? -21.615 18.033  1.573   1.00 171.91 ? 12 DG C "C4'" 1 
ATOM 660 O "O4'" . DG C 3 5  ? -21.372 16.906  0.684   1.00 122.55 ? 12 DG C "O4'" 1 
ATOM 661 C "C3'" . DG C 3 5  ? -22.859 18.745  1.026   1.00 163.53 ? 12 DG C "C3'" 1 
ATOM 662 O "O3'" . DG C 3 5  ? -22.480 19.993  0.436   1.00 209.93 ? 12 DG C "O3'" 1 
ATOM 663 C "C2'" . DG C 3 5  ? -23.408 17.758  -0.014  1.00 139.92 ? 12 DG C "C2'" 1 
ATOM 664 C "C1'" . DG C 3 5  ? -22.136 17.077  -0.481  1.00 116.31 ? 12 DG C "C1'" 1 
ATOM 665 N N9    . DG C 3 5  ? -22.365 15.774  -1.109  1.00 124.54 ? 12 DG C N9    1 
ATOM 666 C C8    . DG C 3 5  ? -23.095 14.728  -0.605  1.00 123.60 ? 12 DG C C8    1 
ATOM 667 N N7    . DG C 3 5  ? -23.131 13.686  -1.389  1.00 142.14 ? 12 DG C N7    1 
ATOM 668 C C5    . DG C 3 5  ? -22.388 14.071  -2.495  1.00 163.53 ? 12 DG C C5    1 
ATOM 669 C C6    . DG C 3 5  ? -22.088 13.360  -3.677  1.00 153.25 ? 12 DG C C6    1 
ATOM 670 O O6    . DG C 3 5  ? -22.430 12.211  -3.987  1.00 162.60 ? 12 DG C O6    1 
ATOM 671 N N1    . DG C 3 5  ? -21.305 14.121  -4.550  1.00 125.80 ? 12 DG C N1    1 
ATOM 672 C C2    . DG C 3 5  ? -20.877 15.412  -4.309  1.00 170.14 ? 12 DG C C2    1 
ATOM 673 N N2    . DG C 3 5  ? -20.131 15.987  -5.268  1.00 207.41 ? 12 DG C N2    1 
ATOM 674 N N3    . DG C 3 5  ? -21.157 16.088  -3.203  1.00 149.17 ? 12 DG C N3    1 
ATOM 675 C C4    . DG C 3 5  ? -21.913 15.356  -2.341  1.00 151.34 ? 12 DG C C4    1 
ATOM 676 P P     . DC C 3 6  ? -23.493 20.800  -0.520  1.00 179.15 ? 13 DC C P     1 
ATOM 677 O OP1   . DC C 3 6  ? -23.060 22.218  -0.498  1.00 227.70 ? 13 DC C OP1   1 
ATOM 678 O OP2   . DC C 3 6  ? -24.888 20.451  -0.144  1.00 148.70 ? 13 DC C OP2   1 
ATOM 679 O "O5'" . DC C 3 6  ? -23.202 20.204  -1.982  1.00 125.58 ? 13 DC C "O5'" 1 
ATOM 680 C "C5'" . DC C 3 6  ? -21.858 20.196  -2.514  1.00 128.87 ? 13 DC C "C5'" 1 
ATOM 681 C "C4'" . DC C 3 6  ? -21.881 20.160  -4.039  1.00 160.00 ? 13 DC C "C4'" 1 
ATOM 682 O "O4'" . DC C 3 6  ? -21.987 18.783  -4.509  1.00 176.91 ? 13 DC C "O4'" 1 
ATOM 683 C "C3'" . DC C 3 6  ? -23.062 20.890  -4.683  1.00 137.57 ? 13 DC C "C3'" 1 
ATOM 684 O "O3'" . DC C 3 6  ? -22.666 21.434  -5.924  1.00 180.50 ? 13 DC C "O3'" 1 
ATOM 685 C "C2'" . DC C 3 6  ? -24.049 19.759  -4.905  1.00 140.48 ? 13 DC C "C2'" 1 
ATOM 686 C "C1'" . DC C 3 6  ? -23.090 18.700  -5.395  1.00 158.32 ? 13 DC C "C1'" 1 
ATOM 687 N N1    . DC C 3 6  ? -23.650 17.330  -5.367  1.00 192.90 ? 13 DC C N1    1 
ATOM 688 C C2    . DC C 3 6  ? -23.663 16.565  -6.542  1.00 195.26 ? 13 DC C C2    1 
ATOM 689 O O2    . DC C 3 6  ? -23.203 17.052  -7.593  1.00 107.56 ? 13 DC C O2    1 
ATOM 690 N N3    . DC C 3 6  ? -24.186 15.310  -6.496  1.00 191.85 ? 13 DC C N3    1 
ATOM 691 C C4    . DC C 3 6  ? -24.677 14.831  -5.348  1.00 187.19 ? 13 DC C C4    1 
ATOM 692 N N4    . DC C 3 6  ? -25.179 13.591  -5.349  1.00 193.31 ? 13 DC C N4    1 
ATOM 693 C C5    . DC C 3 6  ? -24.678 15.601  -4.152  1.00 156.14 ? 13 DC C C5    1 
ATOM 694 C C6    . DC C 3 6  ? -24.162 16.833  -4.205  1.00 159.64 ? 13 DC C C6    1 
ATOM 695 P P     . DT C 3 7  ? -23.717 22.290  -6.792  1.00 161.14 ? 14 DT C P     1 
ATOM 696 O OP1   . DT C 3 7  ? -22.923 23.361  -7.440  1.00 177.13 ? 14 DT C OP1   1 
ATOM 697 O OP2   . DT C 3 7  ? -24.837 22.653  -5.884  1.00 146.43 ? 14 DT C OP2   1 
ATOM 698 O "O5'" . DT C 3 7  ? -24.290 21.261  -7.915  1.00 118.56 ? 14 DT C "O5'" 1 
ATOM 699 C "C5'" . DT C 3 7  ? -23.474 20.898  -9.072  1.00 113.74 ? 14 DT C "C5'" 1 
ATOM 700 C "C4'" . DT C 3 7  ? -24.304 20.804  -10.359 1.00 139.29 ? 14 DT C "C4'" 1 
ATOM 701 O "O4'" . DT C 3 7  ? -24.260 19.443  -10.873 1.00 151.22 ? 14 DT C "O4'" 1 
ATOM 702 C "C3'" . DT C 3 7  ? -25.774 21.156  -10.211 1.00 169.27 ? 14 DT C "C3'" 1 
ATOM 703 O "O3'" . DT C 3 7  ? -25.972 22.527  -10.514 1.00 196.84 ? 14 DT C "O3'" 1 
ATOM 704 C "C2'" . DT C 3 7  ? -26.452 20.246  -11.241 1.00 159.90 ? 14 DT C "C2'" 1 
ATOM 705 C "C1'" . DT C 3 7  ? -25.549 19.013  -11.260 1.00 133.68 ? 14 DT C "C1'" 1 
ATOM 706 N N1    . DT C 3 7  ? -25.987 17.895  -10.329 1.00 133.22 ? 14 DT C N1    1 
ATOM 707 C C2    . DT C 3 7  ? -26.115 16.605  -10.822 1.00 135.99 ? 14 DT C C2    1 
ATOM 708 O O2    . DT C 3 7  ? -25.915 16.307  -11.989 1.00 128.29 ? 14 DT C O2    1 
ATOM 709 N N3    . DT C 3 7  ? -26.515 15.675  -9.892  1.00 136.25 ? 14 DT C N3    1 
ATOM 710 C C4    . DT C 3 7  ? -26.778 15.893  -8.545  1.00 129.62 ? 14 DT C C4    1 
ATOM 711 O O4    . DT C 3 7  ? -27.126 14.992  -7.789  1.00 118.85 ? 14 DT C O4    1 
ATOM 712 C C5    . DT C 3 7  ? -26.617 17.258  -8.092  1.00 113.12 ? 14 DT C C5    1 
ATOM 713 C C7    . DT C 3 7  ? -26.874 17.614  -6.652  1.00 90.32  ? 14 DT C C7    1 
ATOM 714 C C6    . DT C 3 7  ? -26.228 18.176  -8.991  1.00 117.91 ? 14 DT C C6    1 
ATOM 715 O OP3   . DC D 4 1  ? 33.608  -2.456  -1.104  1.00 238.26 ? 1  DC D OP3   1 
ATOM 716 P P     . DC D 4 1  ? 34.919  -2.840  -0.334  1.00 257.70 ? 1  DC D P     1 
ATOM 717 O OP1   . DC D 4 1  ? 35.919  -1.941  -0.967  1.00 310.20 ? 1  DC D OP1   1 
ATOM 718 O OP2   . DC D 4 1  ? 34.515  -2.628  1.077   1.00 172.19 ? 1  DC D OP2   1 
ATOM 719 O "O5'" . DC D 4 1  ? 35.408  -4.359  -0.465  1.00 186.88 ? 1  DC D "O5'" 1 
ATOM 720 C "C5'" . DC D 4 1  ? 35.996  -4.831  -1.683  1.00 193.05 ? 1  DC D "C5'" 1 
ATOM 721 C "C4'" . DC D 4 1  ? 35.420  -6.182  -2.065  1.00 193.17 ? 1  DC D "C4'" 1 
ATOM 722 O "O4'" . DC D 4 1  ? 35.538  -7.082  -0.912  1.00 176.99 ? 1  DC D "O4'" 1 
ATOM 723 C "C3'" . DC D 4 1  ? 33.928  -6.151  -2.443  1.00 133.26 ? 1  DC D "C3'" 1 
ATOM 724 O "O3'" . DC D 4 1  ? 33.624  -7.009  -3.624  1.00 133.38 ? 1  DC D "O3'" 1 
ATOM 725 C "C2'" . DC D 4 1  ? 33.265  -6.655  -1.160  1.00 145.73 ? 1  DC D "C2'" 1 
ATOM 726 C "C1'" . DC D 4 1  ? 34.291  -7.677  -0.667  1.00 179.56 ? 1  DC D "C1'" 1 
ATOM 727 N N1    . DC D 4 1  ? 34.146  -7.999  0.784   1.00 145.92 ? 1  DC D N1    1 
ATOM 728 C C2    . DC D 4 1  ? 33.897  -9.338  1.199   1.00 118.03 ? 1  DC D C2    1 
ATOM 729 O O2    . DC D 4 1  ? 33.841  -10.248 0.349   1.00 101.23 ? 1  DC D O2    1 
ATOM 730 N N3    . DC D 4 1  ? 33.728  -9.591  2.532   1.00 92.24  ? 1  DC D N3    1 
ATOM 731 C C4    . DC D 4 1  ? 33.797  -8.574  3.415   1.00 94.33  ? 1  DC D C4    1 
ATOM 732 N N4    . DC D 4 1  ? 33.630  -8.855  4.711   1.00 115.20 ? 1  DC D N4    1 
ATOM 733 C C5    . DC D 4 1  ? 34.032  -7.218  3.001   1.00 110.89 ? 1  DC D C5    1 
ATOM 734 C C6    . DC D 4 1  ? 34.199  -6.984  1.697   1.00 124.22 ? 1  DC D C6    1 
ATOM 735 P P     . DT D 4 2  ? 32.324  -7.975  -3.592  1.00 137.97 ? 2  DT D P     1 
ATOM 736 O OP1   . DT D 4 2  ? 31.139  -7.094  -3.426  1.00 154.14 ? 2  DT D OP1   1 
ATOM 737 O OP2   . DT D 4 2  ? 32.682  -9.083  -2.663  1.00 125.39 ? 2  DT D OP2   1 
ATOM 738 O "O5'" . DT D 4 2  ? 32.214  -8.707  -5.024  1.00 198.31 ? 2  DT D "O5'" 1 
ATOM 739 C "C5'" . DT D 4 2  ? 30.924  -9.274  -5.455  1.00 166.48 ? 2  DT D "C5'" 1 
ATOM 740 C "C4'" . DT D 4 2  ? 30.549  -10.597 -4.740  1.00 138.33 ? 2  DT D "C4'" 1 
ATOM 741 O "O4'" . DT D 4 2  ? 31.059  -10.635 -3.377  1.00 95.02  ? 2  DT D "O4'" 1 
ATOM 742 C "C3'" . DT D 4 2  ? 29.034  -10.850 -4.598  1.00 154.16 ? 2  DT D "C3'" 1 
ATOM 743 O "O3'" . DT D 4 2  ? 28.510  -11.691 -5.671  1.00 171.00 ? 2  DT D "O3'" 1 
ATOM 744 C "C2'" . DT D 4 2  ? 28.871  -11.516 -3.221  1.00 135.91 ? 2  DT D "C2'" 1 
ATOM 745 C "C1'" . DT D 4 2  ? 30.278  -11.535 -2.621  1.00 121.95 ? 2  DT D "C1'" 1 
ATOM 746 N N1    . DT D 4 2  ? 30.265  -11.149 -1.155  1.00 134.95 ? 2  DT D N1    1 
ATOM 747 C C2    . DT D 4 2  ? 29.890  -12.108 -0.234  1.00 137.88 ? 2  DT D C2    1 
ATOM 748 O O2    . DT D 4 2  ? 29.616  -13.256 -0.546  1.00 113.59 ? 2  DT D O2    1 
ATOM 749 N N3    . DT D 4 2  ? 29.862  -11.683 1.069   1.00 127.82 ? 2  DT D N3    1 
ATOM 750 C C4    . DT D 4 2  ? 30.147  -10.410 1.538   1.00 100.74 ? 2  DT D C4    1 
ATOM 751 O O4    . DT D 4 2  ? 30.099  -10.121 2.741   1.00 69.80  ? 2  DT D O4    1 
ATOM 752 C C5    . DT D 4 2  ? 30.519  -9.441  0.523   1.00 93.21  ? 2  DT D C5    1 
ATOM 753 C C7    . DT D 4 2  ? 30.857  -8.036  0.929   1.00 85.15  ? 2  DT D C7    1 
ATOM 754 C C6    . DT D 4 2  ? 30.548  -9.848  -0.764  1.00 104.62 ? 2  DT D C6    1 
ATOM 755 P P     . DG D 4 3  ? 28.515  -13.308 -5.576  1.00 178.19 ? 3  DG D P     1 
ATOM 756 O OP1   . DG D 4 3  ? 29.863  -13.753 -5.141  1.00 185.60 ? 3  DG D OP1   1 
ATOM 757 O OP2   . DG D 4 3  ? 27.949  -13.804 -6.854  1.00 212.95 ? 3  DG D OP2   1 
ATOM 758 O "O5'" . DG D 4 3  ? 27.440  -13.691 -4.435  1.00 99.35  ? 3  DG D "O5'" 1 
ATOM 759 C "C5'" . DG D 4 3  ? 27.483  -15.009 -3.812  1.00 142.77 ? 3  DG D "C5'" 1 
ATOM 760 C "C4'" . DG D 4 3  ? 26.385  -15.177 -2.760  1.00 119.82 ? 3  DG D "C4'" 1 
ATOM 761 O "O4'" . DG D 4 3  ? 26.728  -14.436 -1.545  1.00 114.37 ? 3  DG D "O4'" 1 
ATOM 762 C "C3'" . DG D 4 3  ? 25.000  -14.663 -3.186  1.00 131.84 ? 3  DG D "C3'" 1 
ATOM 763 O "O3'" . DG D 4 3  ? 23.967  -15.459 -2.609  1.00 107.52 ? 3  DG D "O3'" 1 
ATOM 764 C "C2'" . DG D 4 3  ? 24.991  -13.279 -2.554  1.00 174.36 ? 3  DG D "C2'" 1 
ATOM 765 C "C1'" . DG D 4 3  ? 25.631  -13.618 -1.219  1.00 110.50 ? 3  DG D "C1'" 1 
ATOM 766 N N9    . DG D 4 3  ? 26.055  -12.459 -0.442  1.00 100.03 ? 3  DG D N9    1 
ATOM 767 C C8    . DG D 4 3  ? 26.503  -11.254 -0.918  1.00 106.53 ? 3  DG D C8    1 
ATOM 768 N N7    . DG D 4 3  ? 26.779  -10.393 0.026   1.00 103.45 ? 3  DG D N7    1 
ATOM 769 C C5    . DG D 4 3  ? 26.470  -11.071 1.207   1.00 112.83 ? 3  DG D C5    1 
ATOM 770 C C6    . DG D 4 3  ? 26.562  -10.652 2.560   1.00 124.64 ? 3  DG D C6    1 
ATOM 771 O O6    . DG D 4 3  ? 26.947  -9.556  3.004   1.00 123.76 ? 3  DG D O6    1 
ATOM 772 N N1    . DG D 4 3  ? 26.142  -11.658 3.442   1.00 136.13 ? 3  DG D N1    1 
ATOM 773 C C2    . DG D 4 3  ? 25.696  -12.909 3.064   1.00 129.51 ? 3  DG D C2    1 
ATOM 774 N N2    . DG D 4 3  ? 25.340  -13.746 4.053   1.00 163.49 ? 3  DG D N2    1 
ATOM 775 N N3    . DG D 4 3  ? 25.620  -13.317 1.808   1.00 87.27  ? 3  DG D N3    1 
ATOM 776 C C4    . DG D 4 3  ? 26.015  -12.343 0.932   1.00 90.47  ? 3  DG D C4    1 
ATOM 777 P P     . DA D 4 4  ? 23.740  -17.006 -3.001  1.00 133.41 ? 4  DA D P     1 
ATOM 778 O OP1   . DA D 4 4  ? 24.989  -17.630 -3.516  1.00 119.28 ? 4  DA D OP1   1 
ATOM 779 O OP2   . DA D 4 4  ? 22.511  -17.066 -3.830  1.00 133.11 ? 4  DA D OP2   1 
ATOM 780 O "O5'" . DA D 4 4  ? 23.404  -17.672 -1.580  1.00 137.60 ? 4  DA D "O5'" 1 
ATOM 781 C "C5'" . DA D 4 4  ? 24.070  -17.180 -0.398  1.00 117.12 ? 4  DA D "C5'" 1 
ATOM 782 C "C4'" . DA D 4 4  ? 23.240  -17.426 0.860   1.00 144.67 ? 4  DA D "C4'" 1 
ATOM 783 O "O4'" . DA D 4 4  ? 23.270  -16.238 1.695   1.00 134.87 ? 4  DA D "O4'" 1 
ATOM 784 C "C3'" . DA D 4 4  ? 21.750  -17.641 0.656   1.00 105.80 ? 4  DA D "C3'" 1 
ATOM 785 O "O3'" . DA D 4 4  ? 21.248  -18.059 1.906   1.00 111.55 ? 4  DA D "O3'" 1 
ATOM 786 C "C2'" . DA D 4 4  ? 21.331  -16.210 0.382   1.00 91.62  ? 4  DA D "C2'" 1 
ATOM 787 C "C1'" . DA D 4 4  ? 22.021  -15.553 1.558   1.00 98.28  ? 4  DA D "C1'" 1 
ATOM 788 N N9    . DA D 4 4  ? 22.320  -14.164 1.376   1.00 108.71 ? 4  DA D N9    1 
ATOM 789 C C8    . DA D 4 4  ? 22.663  -13.534 0.221   1.00 112.04 ? 4  DA D C8    1 
ATOM 790 N N7    . DA D 4 4  ? 22.933  -12.251 0.380   1.00 73.78  ? 4  DA D N7    1 
ATOM 791 C C5    . DA D 4 4  ? 22.765  -12.049 1.745   1.00 85.59  ? 4  DA D C5    1 
ATOM 792 C C6    . DA D 4 4  ? 22.908  -10.909 2.577   1.00 90.50  ? 4  DA D C6    1 
ATOM 793 N N6    . DA D 4 4  ? 23.262  -9.697  2.125   1.00 91.12  ? 4  DA D N6    1 
ATOM 794 N N1    . DA D 4 4  ? 22.661  -11.069 3.896   1.00 132.64 ? 4  DA D N1    1 
ATOM 795 C C2    . DA D 4 4  ? 22.306  -12.283 4.347   1.00 141.92 ? 4  DA D C2    1 
ATOM 796 N N3    . DA D 4 4  ? 22.145  -13.418 3.668   1.00 115.02 ? 4  DA D N3    1 
ATOM 797 C C4    . DA D 4 4  ? 22.396  -13.231 2.365   1.00 108.67 ? 4  DA D C4    1 
ATOM 798 P P     . DT D 4 5  ? 19.725  -18.498 2.136   1.00 133.23 ? 5  DT D P     1 
ATOM 799 O OP1   . DT D 4 5  ? 19.704  -19.975 1.952   1.00 127.65 ? 5  DT D OP1   1 
ATOM 800 O OP2   . DT D 4 5  ? 18.818  -17.601 1.372   1.00 158.28 ? 5  DT D OP2   1 
ATOM 801 O "O5'" . DT D 4 5  ? 19.519  -18.192 3.699   1.00 115.10 ? 5  DT D "O5'" 1 
ATOM 802 C "C5'" . DT D 4 5  ? 20.373  -17.226 4.353   1.00 100.64 ? 5  DT D "C5'" 1 
ATOM 803 C "C4'" . DT D 4 5  ? 19.708  -16.690 5.608   1.00 110.48 ? 5  DT D "C4'" 1 
ATOM 804 O "O4'" . DT D 4 5  ? 19.877  -15.249 5.678   1.00 107.04 ? 5  DT D "O4'" 1 
ATOM 805 C "C3'" . DT D 4 5  ? 18.200  -16.940 5.711   1.00 109.35 ? 5  DT D "C3'" 1 
ATOM 806 O "O3'" . DT D 4 5  ? 17.859  -17.164 7.125   1.00 113.75 ? 5  DT D "O3'" 1 
ATOM 807 C "C2'" . DT D 4 5  ? 17.602  -15.650 5.110   1.00 67.77  ? 5  DT D "C2'" 1 
ATOM 808 C "C1'" . DT D 4 5  ? 18.611  -14.600 5.588   1.00 102.53 ? 5  DT D "C1'" 1 
ATOM 809 N N1    . DT D 4 5  ? 18.779  -13.430 4.668   1.00 94.80  ? 5  DT D N1    1 
ATOM 810 C C2    . DT D 4 5  ? 18.806  -12.139 5.190   1.00 91.32  ? 5  DT D C2    1 
ATOM 811 O O2    . DT D 4 5  ? 18.652  -11.884 6.374   1.00 102.31 ? 5  DT D O2    1 
ATOM 812 N N3    . DT D 4 5  ? 19.007  -11.153 4.269   1.00 84.50  ? 5  DT D N3    1 
ATOM 813 C C4    . DT D 4 5  ? 19.190  -11.308 2.915   1.00 80.77  ? 5  DT D C4    1 
ATOM 814 O O4    . DT D 4 5  ? 19.360  -10.351 2.163   1.00 86.77  ? 5  DT D O4    1 
ATOM 815 C C5    . DT D 4 5  ? 19.167  -12.673 2.434   1.00 92.95  ? 5  DT D C5    1 
ATOM 816 C C7    . DT D 4 5  ? 19.349  -12.951 0.974   1.00 80.21  ? 5  DT D C7    1 
ATOM 817 C C6    . DT D 4 5  ? 18.974  -13.659 3.323   1.00 93.16  ? 5  DT D C6    1 
ATOM 818 P P     . DG D 4 6  ? 16.483  -16.634 7.786   1.00 117.31 ? 6  DG D P     1 
ATOM 819 O OP1   . DG D 4 6  ? 16.287  -17.345 9.081   1.00 90.48  ? 6  DG D OP1   1 
ATOM 820 O OP2   . DG D 4 6  ? 15.453  -16.842 6.743   1.00 98.51  ? 6  DG D OP2   1 
ATOM 821 O "O5'" . DG D 4 6  ? 16.724  -15.032 8.069   1.00 82.99  ? 6  DG D "O5'" 1 
ATOM 822 C "C5'" . DG D 4 6  ? 17.511  -14.581 9.229   1.00 120.96 ? 6  DG D "C5'" 1 
ATOM 823 C "C4'" . DG D 4 6  ? 16.934  -13.327 9.934   1.00 88.91  ? 6  DG D "C4'" 1 
ATOM 824 O "O4'" . DG D 4 6  ? 16.978  -12.168 9.053   1.00 73.31  ? 6  DG D "O4'" 1 
ATOM 825 C "C3'" . DG D 4 6  ? 15.496  -13.411 10.488  1.00 66.86  ? 6  DG D "C3'" 1 
ATOM 826 O "O3'" . DG D 4 6  ? 15.427  -12.780 11.888  1.00 75.08  ? 6  DG D "O3'" 1 
ATOM 827 C "C2'" . DG D 4 6  ? 14.648  -12.702 9.397   1.00 52.40  ? 6  DG D "C2'" 1 
ATOM 828 C "C1'" . DG D 4 6  ? 15.648  -11.709 8.730   1.00 71.39  ? 6  DG D "C1'" 1 
ATOM 829 N N9    . DG D 4 6  ? 15.564  -11.651 7.251   1.00 78.48  ? 6  DG D N9    1 
ATOM 830 C C8    . DG D 4 6  ? 15.388  -12.725 6.416   1.00 109.86 ? 6  DG D C8    1 
ATOM 831 N N7    . DG D 4 6  ? 15.422  -12.424 5.145   1.00 131.38 ? 6  DG D N7    1 
ATOM 832 C C5    . DG D 4 6  ? 15.665  -11.068 5.115   1.00 78.82  ? 6  DG D C5    1 
ATOM 833 C C6    . DG D 4 6  ? 15.818  -10.200 3.997   1.00 73.66  ? 6  DG D C6    1 
ATOM 834 O O6    . DG D 4 6  ? 15.744  -10.489 2.782   1.00 103.17 ? 6  DG D O6    1 
ATOM 835 N N1    . DG D 4 6  ? 16.071  -8.879  4.394   1.00 77.81  ? 6  DG D N1    1 
ATOM 836 C C2    . DG D 4 6  ? 16.167  -8.466  5.710   1.00 88.04  ? 6  DG D C2    1 
ATOM 837 N N2    . DG D 4 6  ? 16.417  -7.161  5.898   1.00 150.41 ? 6  DG D N2    1 
ATOM 838 N N3    . DG D 4 6  ? 16.021  -9.282  6.773   1.00 63.38  ? 6  DG D N3    1 
ATOM 839 C C4    . DG D 4 6  ? 15.766  -10.559 6.404   1.00 65.65  ? 6  DG D C4    1 
ATOM 840 P P     . DT D 4 7  ? 14.192  -11.856 12.451  1.00 99.86  ? 7  DT D P     1 
ATOM 841 O OP1   . DT D 4 7  ? 14.414  -11.691 13.919  1.00 108.50 ? 7  DT D OP1   1 
ATOM 842 O OP2   . DT D 4 7  ? 12.925  -12.472 12.036  1.00 158.70 ? 7  DT D OP2   1 
ATOM 843 O "O5'" . DT D 4 7  ? 14.318  -10.393 11.702  1.00 49.63  ? 7  DT D "O5'" 1 
ATOM 844 C "C5'" . DT D 4 7  ? 13.338  -10.050 10.673  1.00 63.17  ? 7  DT D "C5'" 1 
ATOM 845 C "C4'" . DT D 4 7  ? 13.089  -8.549  10.586  1.00 50.69  ? 7  DT D "C4'" 1 
ATOM 846 O "O4'" . DT D 4 7  ? 13.935  -7.946  9.551   1.00 50.61  ? 7  DT D "O4'" 1 
ATOM 847 C "C3'" . DT D 4 7  ? 11.661  -8.155  10.159  1.00 40.00  ? 7  DT D "C3'" 1 
ATOM 848 O "O3'" . DT D 4 7  ? 10.833  -8.063  11.270  1.00 25.82  ? 7  DT D "O3'" 1 
ATOM 849 C "C2'" . DT D 4 7  ? 11.875  -6.785  9.538   1.00 43.99  ? 7  DT D "C2'" 1 
ATOM 850 C "C1'" . DT D 4 7  ? 13.097  -7.050  8.725   1.00 62.06  ? 7  DT D "C1'" 1 
ATOM 851 N N1    . DT D 4 7  ? 12.831  -7.656  7.295   1.00 59.18  ? 7  DT D N1    1 
ATOM 852 C C2    . DT D 4 7  ? 12.926  -6.820  6.199   1.00 86.52  ? 7  DT D C2    1 
ATOM 853 O O2    . DT D 4 7  ? 13.154  -5.628  6.294   1.00 210.68 ? 7  DT D O2    1 
ATOM 854 N N3    . DT D 4 7  ? 12.769  -7.432  4.983   1.00 61.75  ? 7  DT D N3    1 
ATOM 855 C C4    . DT D 4 7  ? 12.513  -8.779  4.747   1.00 54.22  ? 7  DT D C4    1 
ATOM 856 O O4    . DT D 4 7  ? 12.367  -9.237  3.608   1.00 146.22 ? 7  DT D O4    1 
ATOM 857 C C5    . DT D 4 7  ? 12.428  -9.614  5.941   1.00 44.35  ? 7  DT D C5    1 
ATOM 858 C C7    . DT D 4 7  ? 12.154  -11.070 5.807   1.00 80.69  ? 7  DT D C7    1 
ATOM 859 C C6    . DT D 4 7  ? 12.599  -9.031  7.142   1.00 39.53  ? 7  DT D C6    1 
# 
loop_
_pdbx_poly_seq_scheme.asym_id 
_pdbx_poly_seq_scheme.entity_id 
_pdbx_poly_seq_scheme.seq_id 
_pdbx_poly_seq_scheme.mon_id 
_pdbx_poly_seq_scheme.ndb_seq_num 
_pdbx_poly_seq_scheme.pdb_seq_num 
_pdbx_poly_seq_scheme.auth_seq_num 
_pdbx_poly_seq_scheme.pdb_mon_id 
_pdbx_poly_seq_scheme.auth_mon_id 
_pdbx_poly_seq_scheme.pdb_strand_id 
_pdbx_poly_seq_scheme.pdb_ins_code 
_pdbx_poly_seq_scheme.hetero 
A 1 1  DG 1  1  1  DG DG A . n 
A 1 2  DA 2  2  2  DA DA A . n 
A 1 3  DG 3  3  3  DG DG A . n 
A 1 4  DC 4  4  4  DC DC A . n 
A 1 5  DA 5  5  5  DA DA A . n 
A 1 6  DG 6  6  6  DG DG A . n 
A 1 7  DC 7  7  7  DC DC A . n 
A 1 8  DC 8  8  8  DC DC A . n 
A 1 9  DT 9  9  9  DT DT A . n 
A 1 10 DG 10 10 10 DG DG A . n 
A 1 11 DT 11 11 11 DT DT A . n 
A 1 12 DA 12 12 12 DA DA A . n 
A 1 13 DC 13 13 13 DC DC A . n 
A 1 14 DG 14 14 14 DG DG A . n 
A 1 15 DG 15 15 15 DG DG A . n 
A 1 16 DA 16 16 16 DA DA A . n 
A 1 17 DC 17 17 17 DC DC A . n 
A 1 18 DA 18 18 18 DA DA A . n 
A 1 19 DT 19 19 19 DT DT A . n 
A 1 20 DC 20 20 20 DC DC A . n 
A 1 21 DA 21 21 21 DA DA A . n 
B 2 1  DC 1  1  1  DC DC B . n 
B 2 2  DC 2  2  2  DC DC B . n 
B 2 3  DG 3  3  3  DG DG B . n 
B 2 4  DT 4  4  4  DT DT B . n 
B 2 5  DA 5  5  5  DA DA B . n 
B 2 6  DC 6  6  6  DC DC B . n 
B 2 7  DA 7  7  7  DA DA B . n 
C 3 1  DG 1  8  8  DG DG C . n 
C 3 2  DG 2  9  9  DG DG C . n 
C 3 3  DC 3  10 10 DC DC C . n 
C 3 4  DT 4  11 11 DT DT C . n 
C 3 5  DG 5  12 12 DG DG C . n 
C 3 6  DC 6  13 13 DC DC C . n 
C 3 7  DT 7  14 14 DT DT C . n 
D 4 1  DC 1  1  1  DC DC D . n 
D 4 2  DT 2  2  2  DT DT D . n 
D 4 3  DG 3  3  3  DG DG D . n 
D 4 4  DA 4  4  4  DA DA D . n 
D 4 5  DT 5  5  5  DT DT D . n 
D 4 6  DG 6  6  6  DG DG D . n 
D 4 7  DT 7  7  7  DT DT D . n 
# 
_pdbx_struct_assembly.id                   1 
_pdbx_struct_assembly.details              author_defined_assembly 
_pdbx_struct_assembly.method_details       ? 
_pdbx_struct_assembly.oligomeric_details   dodecameric 
_pdbx_struct_assembly.oligomeric_count     12 
# 
_pdbx_struct_assembly_gen.assembly_id       1 
_pdbx_struct_assembly_gen.oper_expression   1,2,3 
_pdbx_struct_assembly_gen.asym_id_list      A,B,C,D 
# 
loop_
_pdbx_struct_oper_list.id 
_pdbx_struct_oper_list.type 
_pdbx_struct_oper_list.name 
_pdbx_struct_oper_list.symmetry_operation 
_pdbx_struct_oper_list.matrix[1][1] 
_pdbx_struct_oper_list.matrix[1][2] 
_pdbx_struct_oper_list.matrix[1][3] 
_pdbx_struct_oper_list.vector[1] 
_pdbx_struct_oper_list.matrix[2][1] 
_pdbx_struct_oper_list.matrix[2][2] 
_pdbx_struct_oper_list.matrix[2][3] 
_pdbx_struct_oper_list.vector[2] 
_pdbx_struct_oper_list.matrix[3][1] 
_pdbx_struct_oper_list.matrix[3][2] 
_pdbx_struct_oper_list.matrix[3][3] 
_pdbx_struct_oper_list.vector[3] 
1 'identity operation'         1_555 x,y,z     1.0000000000  0.0000000000  0.0000000000  0.0000000000   0.0000000000  1.0000000000  0.0000000000 0.0000000000   0.0000000000  0.0000000000 1.0000000000 0.0000000000  
2 'crystal symmetry operation' 2_555 -y,x-y,z  -0.1060880212 -0.9650971765 -0.2394426271 -17.0752724325 0.3522865907  -0.2616619738 0.8985695129 -19.2875625340 -0.9298599302 0.0109750347 0.3677499951 -1.3962906348 
3 'crystal symmetry operation' 3_555 -x+y,-x,z -0.1060880212 0.3522865907  -0.9298599302 3.6849130727   -0.9650971765 -0.2616619738 0.0109750347 -21.5107945572 -0.2394426271 0.8985695129 0.3677499951 13.7561534540 
# 
loop_
_pdbx_audit_revision_history.ordinal 
_pdbx_audit_revision_history.data_content_type 
_pdbx_audit_revision_history.major_revision 
_pdbx_audit_revision_history.minor_revision 
_pdbx_audit_revision_history.revision_date 
1 'Structure model' 1 0 2018-06-27 
2 'Structure model' 1 1 2019-08-28 
3 'Structure model' 1 2 2022-03-23 
4 'Structure model' 1 3 2023-10-04 
# 
_pdbx_audit_revision_details.ordinal             1 
_pdbx_audit_revision_details.revision_ordinal    1 
_pdbx_audit_revision_details.data_content_type   'Structure model' 
_pdbx_audit_revision_details.provider            repository 
_pdbx_audit_revision_details.type                'Initial release' 
_pdbx_audit_revision_details.description         ? 
_pdbx_audit_revision_details.details             ? 
# 
loop_
_pdbx_audit_revision_group.ordinal 
_pdbx_audit_revision_group.revision_ordinal 
_pdbx_audit_revision_group.data_content_type 
_pdbx_audit_revision_group.group 
1 2 'Structure model' 'Data collection'            
2 2 'Structure model' 'Database references'        
3 3 'Structure model' 'Author supporting evidence' 
4 3 'Structure model' 'Database references'        
5 4 'Structure model' 'Data collection'            
6 4 'Structure model' 'Refinement description'     
# 
loop_
_pdbx_audit_revision_category.ordinal 
_pdbx_audit_revision_category.revision_ordinal 
_pdbx_audit_revision_category.data_content_type 
_pdbx_audit_revision_category.category 
1 2 'Structure model' pdbx_related_exp_data_set     
2 3 'Structure model' database_2                    
3 3 'Structure model' pdbx_audit_support            
4 4 'Structure model' chem_comp_atom                
5 4 'Structure model' chem_comp_bond                
6 4 'Structure model' pdbx_initial_refinement_model 
# 
loop_
_pdbx_audit_revision_item.ordinal 
_pdbx_audit_revision_item.revision_ordinal 
_pdbx_audit_revision_item.data_content_type 
_pdbx_audit_revision_item.item 
1 3 'Structure model' '_database_2.pdbx_DOI'                     
2 3 'Structure model' '_database_2.pdbx_database_accession'      
3 3 'Structure model' '_pdbx_audit_support.funding_organization' 
# 
_phasing.method   MR 
# 
loop_
_software.citation_id 
_software.classification 
_software.compiler_name 
_software.compiler_version 
_software.contact_author 
_software.contact_author_email 
_software.date 
_software.description 
_software.dependencies 
_software.hardware 
_software.language 
_software.location 
_software.mods 
_software.name 
_software.os 
_software.os_version 
_software.type 
_software.version 
_software.pdbx_ordinal 
? refinement        ? ? ? ? ? ? ? ? ? ? ? PHENIX      ? ? ? 1.11.1_2575 1 
? 'data scaling'    ? ? ? ? ? ? ? ? ? ? ? SCALEPACK   ? ? ? .           2 
? phasing           ? ? ? ? ? ? ? ? ? ? ? PHASER      ? ? ? .           3 
? 'data extraction' ? ? ? ? ? ? ? ? ? ? ? PDB_EXTRACT ? ? ? 3.22        4 
? 'data reduction'  ? ? ? ? ? ? ? ? ? ? ? HKL-2000    ? ? ? .           5 
# 
_pdbx_validate_symm_contact.id                1 
_pdbx_validate_symm_contact.PDB_model_num     1 
_pdbx_validate_symm_contact.auth_atom_id_1    O6 
_pdbx_validate_symm_contact.auth_asym_id_1    A 
_pdbx_validate_symm_contact.auth_comp_id_1    DG 
_pdbx_validate_symm_contact.auth_seq_id_1     1 
_pdbx_validate_symm_contact.PDB_ins_code_1    ? 
_pdbx_validate_symm_contact.label_alt_id_1    ? 
_pdbx_validate_symm_contact.site_symmetry_1   1_555 
_pdbx_validate_symm_contact.auth_atom_id_2    N4 
_pdbx_validate_symm_contact.auth_asym_id_2    D 
_pdbx_validate_symm_contact.auth_comp_id_2    DC 
_pdbx_validate_symm_contact.auth_seq_id_2     1 
_pdbx_validate_symm_contact.PDB_ins_code_2    ? 
_pdbx_validate_symm_contact.label_alt_id_2    ? 
_pdbx_validate_symm_contact.site_symmetry_2   4_445 
_pdbx_validate_symm_contact.dist              2.11 
# 
loop_
_pdbx_validate_rmsd_bond.id 
_pdbx_validate_rmsd_bond.PDB_model_num 
_pdbx_validate_rmsd_bond.auth_atom_id_1 
_pdbx_validate_rmsd_bond.auth_asym_id_1 
_pdbx_validate_rmsd_bond.auth_comp_id_1 
_pdbx_validate_rmsd_bond.auth_seq_id_1 
_pdbx_validate_rmsd_bond.PDB_ins_code_1 
_pdbx_validate_rmsd_bond.label_alt_id_1 
_pdbx_validate_rmsd_bond.auth_atom_id_2 
_pdbx_validate_rmsd_bond.auth_asym_id_2 
_pdbx_validate_rmsd_bond.auth_comp_id_2 
_pdbx_validate_rmsd_bond.auth_seq_id_2 
_pdbx_validate_rmsd_bond.PDB_ins_code_2 
_pdbx_validate_rmsd_bond.label_alt_id_2 
_pdbx_validate_rmsd_bond.bond_value 
_pdbx_validate_rmsd_bond.bond_target_value 
_pdbx_validate_rmsd_bond.bond_deviation 
_pdbx_validate_rmsd_bond.bond_standard_deviation 
_pdbx_validate_rmsd_bond.linker_flag 
1 1 "C5'" A DG 3  ? ? "C4'" A DG 3  ? ? 1.557 1.512 0.045 0.007 N 
2 1 "C5'" A DA 12 ? ? "C4'" A DA 12 ? ? 1.558 1.512 0.046 0.007 N 
3 1 "O3'" D DG 6  ? ? "C3'" D DG 6  ? ? 1.537 1.435 0.102 0.013 N 
4 1 "C1'" D DT 7  ? ? N1    D DT 7  ? ? 1.576 1.488 0.088 0.013 N 
# 
loop_
_pdbx_validate_rmsd_angle.id 
_pdbx_validate_rmsd_angle.PDB_model_num 
_pdbx_validate_rmsd_angle.auth_atom_id_1 
_pdbx_validate_rmsd_angle.auth_asym_id_1 
_pdbx_validate_rmsd_angle.auth_comp_id_1 
_pdbx_validate_rmsd_angle.auth_seq_id_1 
_pdbx_validate_rmsd_angle.PDB_ins_code_1 
_pdbx_validate_rmsd_angle.label_alt_id_1 
_pdbx_validate_rmsd_angle.auth_atom_id_2 
_pdbx_validate_rmsd_angle.auth_asym_id_2 
_pdbx_validate_rmsd_angle.auth_comp_id_2 
_pdbx_validate_rmsd_angle.auth_seq_id_2 
_pdbx_validate_rmsd_angle.PDB_ins_code_2 
_pdbx_validate_rmsd_angle.label_alt_id_2 
_pdbx_validate_rmsd_angle.auth_atom_id_3 
_pdbx_validate_rmsd_angle.auth_asym_id_3 
_pdbx_validate_rmsd_angle.auth_comp_id_3 
_pdbx_validate_rmsd_angle.auth_seq_id_3 
_pdbx_validate_rmsd_angle.PDB_ins_code_3 
_pdbx_validate_rmsd_angle.label_alt_id_3 
_pdbx_validate_rmsd_angle.angle_value 
_pdbx_validate_rmsd_angle.angle_target_value 
_pdbx_validate_rmsd_angle.angle_deviation 
_pdbx_validate_rmsd_angle.angle_standard_deviation 
_pdbx_validate_rmsd_angle.linker_flag 
1  1 "O4'" A DA 2  ? ? "C1'" A DA 2  ? ? N9    A DA 2  ? ? 112.79 108.30 4.49  0.30 N 
2  1 "O4'" A DG 3  ? ? "C1'" A DG 3  ? ? N9    A DG 3  ? ? 112.99 108.30 4.69  0.30 N 
3  1 "O4'" A DT 11 ? ? "C1'" A DT 11 ? ? N1    A DT 11 ? ? 114.41 108.30 6.11  0.30 N 
4  1 "O5'" A DA 12 ? ? P     A DA 12 ? ? OP2   A DA 12 ? ? 99.14  105.70 -6.56 0.90 N 
5  1 "O4'" A DC 13 ? ? "C1'" A DC 13 ? ? N1    A DC 13 ? ? 111.33 108.30 3.03  0.30 N 
6  1 "C3'" A DA 21 ? ? "C2'" A DA 21 ? ? "C1'" A DA 21 ? ? 97.47  102.40 -4.93 0.80 N 
7  1 "O4'" B DT 4  ? ? "C1'" B DT 4  ? ? N1    B DT 4  ? ? 110.15 108.30 1.85  0.30 N 
8  1 "C1'" B DA 7  ? ? "O4'" B DA 7  ? ? "C4'" B DA 7  ? ? 102.47 110.10 -7.63 1.00 N 
9  1 "O4'" B DA 7  ? ? "C1'" B DA 7  ? ? N9    B DA 7  ? ? 110.58 108.30 2.28  0.30 N 
10 1 "O4'" D DC 1  ? ? "C1'" D DC 1  ? ? N1    D DC 1  ? ? 110.35 108.30 2.05  0.30 N 
11 1 "O4'" D DT 2  ? ? "C1'" D DT 2  ? ? N1    D DT 2  ? ? 111.15 108.30 2.85  0.30 N 
12 1 "O4'" D DG 3  ? ? "C1'" D DG 3  ? ? N9    D DG 3  ? ? 111.06 108.30 2.76  0.30 N 
13 1 "O4'" D DT 7  ? ? "C1'" D DT 7  ? ? N1    D DT 7  ? ? 111.70 108.30 3.40  0.30 N 
# 
loop_
_chem_comp_atom.comp_id 
_chem_comp_atom.atom_id 
_chem_comp_atom.type_symbol 
_chem_comp_atom.pdbx_aromatic_flag 
_chem_comp_atom.pdbx_stereo_config 
_chem_comp_atom.pdbx_ordinal 
DA OP3    O N N 1   
DA P      P N N 2   
DA OP1    O N N 3   
DA OP2    O N N 4   
DA "O5'"  O N N 5   
DA "C5'"  C N N 6   
DA "C4'"  C N R 7   
DA "O4'"  O N N 8   
DA "C3'"  C N S 9   
DA "O3'"  O N N 10  
DA "C2'"  C N N 11  
DA "C1'"  C N R 12  
DA N9     N Y N 13  
DA C8     C Y N 14  
DA N7     N Y N 15  
DA C5     C Y N 16  
DA C6     C Y N 17  
DA N6     N N N 18  
DA N1     N Y N 19  
DA C2     C Y N 20  
DA N3     N Y N 21  
DA C4     C Y N 22  
DA HOP3   H N N 23  
DA HOP2   H N N 24  
DA "H5'"  H N N 25  
DA "H5''" H N N 26  
DA "H4'"  H N N 27  
DA "H3'"  H N N 28  
DA "HO3'" H N N 29  
DA "H2'"  H N N 30  
DA "H2''" H N N 31  
DA "H1'"  H N N 32  
DA H8     H N N 33  
DA H61    H N N 34  
DA H62    H N N 35  
DA H2     H N N 36  
DC OP3    O N N 37  
DC P      P N N 38  
DC OP1    O N N 39  
DC OP2    O N N 40  
DC "O5'"  O N N 41  
DC "C5'"  C N N 42  
DC "C4'"  C N R 43  
DC "O4'"  O N N 44  
DC "C3'"  C N S 45  
DC "O3'"  O N N 46  
DC "C2'"  C N N 47  
DC "C1'"  C N R 48  
DC N1     N N N 49  
DC C2     C N N 50  
DC O2     O N N 51  
DC N3     N N N 52  
DC C4     C N N 53  
DC N4     N N N 54  
DC C5     C N N 55  
DC C6     C N N 56  
DC HOP3   H N N 57  
DC HOP2   H N N 58  
DC "H5'"  H N N 59  
DC "H5''" H N N 60  
DC "H4'"  H N N 61  
DC "H3'"  H N N 62  
DC "HO3'" H N N 63  
DC "H2'"  H N N 64  
DC "H2''" H N N 65  
DC "H1'"  H N N 66  
DC H41    H N N 67  
DC H42    H N N 68  
DC H5     H N N 69  
DC H6     H N N 70  
DG OP3    O N N 71  
DG P      P N N 72  
DG OP1    O N N 73  
DG OP2    O N N 74  
DG "O5'"  O N N 75  
DG "C5'"  C N N 76  
DG "C4'"  C N R 77  
DG "O4'"  O N N 78  
DG "C3'"  C N S 79  
DG "O3'"  O N N 80  
DG "C2'"  C N N 81  
DG "C1'"  C N R 82  
DG N9     N Y N 83  
DG C8     C Y N 84  
DG N7     N Y N 85  
DG C5     C Y N 86  
DG C6     C N N 87  
DG O6     O N N 88  
DG N1     N N N 89  
DG C2     C N N 90  
DG N2     N N N 91  
DG N3     N N N 92  
DG C4     C Y N 93  
DG HOP3   H N N 94  
DG HOP2   H N N 95  
DG "H5'"  H N N 96  
DG "H5''" H N N 97  
DG "H4'"  H N N 98  
DG "H3'"  H N N 99  
DG "HO3'" H N N 100 
DG "H2'"  H N N 101 
DG "H2''" H N N 102 
DG "H1'"  H N N 103 
DG H8     H N N 104 
DG H1     H N N 105 
DG H21    H N N 106 
DG H22    H N N 107 
DT OP3    O N N 108 
DT P      P N N 109 
DT OP1    O N N 110 
DT OP2    O N N 111 
DT "O5'"  O N N 112 
DT "C5'"  C N N 113 
DT "C4'"  C N R 114 
DT "O4'"  O N N 115 
DT "C3'"  C N S 116 
DT "O3'"  O N N 117 
DT "C2'"  C N N 118 
DT "C1'"  C N R 119 
DT N1     N N N 120 
DT C2     C N N 121 
DT O2     O N N 122 
DT N3     N N N 123 
DT C4     C N N 124 
DT O4     O N N 125 
DT C5     C N N 126 
DT C7     C N N 127 
DT C6     C N N 128 
DT HOP3   H N N 129 
DT HOP2   H N N 130 
DT "H5'"  H N N 131 
DT "H5''" H N N 132 
DT "H4'"  H N N 133 
DT "H3'"  H N N 134 
DT "HO3'" H N N 135 
DT "H2'"  H N N 136 
DT "H2''" H N N 137 
DT "H1'"  H N N 138 
DT H3     H N N 139 
DT H71    H N N 140 
DT H72    H N N 141 
DT H73    H N N 142 
DT H6     H N N 143 
# 
loop_
_chem_comp_bond.comp_id 
_chem_comp_bond.atom_id_1 
_chem_comp_bond.atom_id_2 
_chem_comp_bond.value_order 
_chem_comp_bond.pdbx_aromatic_flag 
_chem_comp_bond.pdbx_stereo_config 
_chem_comp_bond.pdbx_ordinal 
DA OP3   P      sing N N 1   
DA OP3   HOP3   sing N N 2   
DA P     OP1    doub N N 3   
DA P     OP2    sing N N 4   
DA P     "O5'"  sing N N 5   
DA OP2   HOP2   sing N N 6   
DA "O5'" "C5'"  sing N N 7   
DA "C5'" "C4'"  sing N N 8   
DA "C5'" "H5'"  sing N N 9   
DA "C5'" "H5''" sing N N 10  
DA "C4'" "O4'"  sing N N 11  
DA "C4'" "C3'"  sing N N 12  
DA "C4'" "H4'"  sing N N 13  
DA "O4'" "C1'"  sing N N 14  
DA "C3'" "O3'"  sing N N 15  
DA "C3'" "C2'"  sing N N 16  
DA "C3'" "H3'"  sing N N 17  
DA "O3'" "HO3'" sing N N 18  
DA "C2'" "C1'"  sing N N 19  
DA "C2'" "H2'"  sing N N 20  
DA "C2'" "H2''" sing N N 21  
DA "C1'" N9     sing N N 22  
DA "C1'" "H1'"  sing N N 23  
DA N9    C8     sing Y N 24  
DA N9    C4     sing Y N 25  
DA C8    N7     doub Y N 26  
DA C8    H8     sing N N 27  
DA N7    C5     sing Y N 28  
DA C5    C6     sing Y N 29  
DA C5    C4     doub Y N 30  
DA C6    N6     sing N N 31  
DA C6    N1     doub Y N 32  
DA N6    H61    sing N N 33  
DA N6    H62    sing N N 34  
DA N1    C2     sing Y N 35  
DA C2    N3     doub Y N 36  
DA C2    H2     sing N N 37  
DA N3    C4     sing Y N 38  
DC OP3   P      sing N N 39  
DC OP3   HOP3   sing N N 40  
DC P     OP1    doub N N 41  
DC P     OP2    sing N N 42  
DC P     "O5'"  sing N N 43  
DC OP2   HOP2   sing N N 44  
DC "O5'" "C5'"  sing N N 45  
DC "C5'" "C4'"  sing N N 46  
DC "C5'" "H5'"  sing N N 47  
DC "C5'" "H5''" sing N N 48  
DC "C4'" "O4'"  sing N N 49  
DC "C4'" "C3'"  sing N N 50  
DC "C4'" "H4'"  sing N N 51  
DC "O4'" "C1'"  sing N N 52  
DC "C3'" "O3'"  sing N N 53  
DC "C3'" "C2'"  sing N N 54  
DC "C3'" "H3'"  sing N N 55  
DC "O3'" "HO3'" sing N N 56  
DC "C2'" "C1'"  sing N N 57  
DC "C2'" "H2'"  sing N N 58  
DC "C2'" "H2''" sing N N 59  
DC "C1'" N1     sing N N 60  
DC "C1'" "H1'"  sing N N 61  
DC N1    C2     sing N N 62  
DC N1    C6     sing N N 63  
DC C2    O2     doub N N 64  
DC C2    N3     sing N N 65  
DC N3    C4     doub N N 66  
DC C4    N4     sing N N 67  
DC C4    C5     sing N N 68  
DC N4    H41    sing N N 69  
DC N4    H42    sing N N 70  
DC C5    C6     doub N N 71  
DC C5    H5     sing N N 72  
DC C6    H6     sing N N 73  
DG OP3   P      sing N N 74  
DG OP3   HOP3   sing N N 75  
DG P     OP1    doub N N 76  
DG P     OP2    sing N N 77  
DG P     "O5'"  sing N N 78  
DG OP2   HOP2   sing N N 79  
DG "O5'" "C5'"  sing N N 80  
DG "C5'" "C4'"  sing N N 81  
DG "C5'" "H5'"  sing N N 82  
DG "C5'" "H5''" sing N N 83  
DG "C4'" "O4'"  sing N N 84  
DG "C4'" "C3'"  sing N N 85  
DG "C4'" "H4'"  sing N N 86  
DG "O4'" "C1'"  sing N N 87  
DG "C3'" "O3'"  sing N N 88  
DG "C3'" "C2'"  sing N N 89  
DG "C3'" "H3'"  sing N N 90  
DG "O3'" "HO3'" sing N N 91  
DG "C2'" "C1'"  sing N N 92  
DG "C2'" "H2'"  sing N N 93  
DG "C2'" "H2''" sing N N 94  
DG "C1'" N9     sing N N 95  
DG "C1'" "H1'"  sing N N 96  
DG N9    C8     sing Y N 97  
DG N9    C4     sing Y N 98  
DG C8    N7     doub Y N 99  
DG C8    H8     sing N N 100 
DG N7    C5     sing Y N 101 
DG C5    C6     sing N N 102 
DG C5    C4     doub Y N 103 
DG C6    O6     doub N N 104 
DG C6    N1     sing N N 105 
DG N1    C2     sing N N 106 
DG N1    H1     sing N N 107 
DG C2    N2     sing N N 108 
DG C2    N3     doub N N 109 
DG N2    H21    sing N N 110 
DG N2    H22    sing N N 111 
DG N3    C4     sing N N 112 
DT OP3   P      sing N N 113 
DT OP3   HOP3   sing N N 114 
DT P     OP1    doub N N 115 
DT P     OP2    sing N N 116 
DT P     "O5'"  sing N N 117 
DT OP2   HOP2   sing N N 118 
DT "O5'" "C5'"  sing N N 119 
DT "C5'" "C4'"  sing N N 120 
DT "C5'" "H5'"  sing N N 121 
DT "C5'" "H5''" sing N N 122 
DT "C4'" "O4'"  sing N N 123 
DT "C4'" "C3'"  sing N N 124 
DT "C4'" "H4'"  sing N N 125 
DT "O4'" "C1'"  sing N N 126 
DT "C3'" "O3'"  sing N N 127 
DT "C3'" "C2'"  sing N N 128 
DT "C3'" "H3'"  sing N N 129 
DT "O3'" "HO3'" sing N N 130 
DT "C2'" "C1'"  sing N N 131 
DT "C2'" "H2'"  sing N N 132 
DT "C2'" "H2''" sing N N 133 
DT "C1'" N1     sing N N 134 
DT "C1'" "H1'"  sing N N 135 
DT N1    C2     sing N N 136 
DT N1    C6     sing N N 137 
DT C2    O2     doub N N 138 
DT C2    N3     sing N N 139 
DT N3    C4     sing N N 140 
DT N3    H3     sing N N 141 
DT C4    O4     doub N N 142 
DT C4    C5     sing N N 143 
DT C5    C7     sing N N 144 
DT C5    C6     doub N N 145 
DT C7    H71    sing N N 146 
DT C7    H72    sing N N 147 
DT C7    H73    sing N N 148 
DT C6    H6     sing N N 149 
# 
loop_
_ndb_struct_conf_na.entry_id 
_ndb_struct_conf_na.feature 
5W6W 'double helix'        
5W6W 'a-form double helix' 
5W6W 'b-form double helix' 
# 
loop_
_ndb_struct_na_base_pair.model_number 
_ndb_struct_na_base_pair.i_label_asym_id 
_ndb_struct_na_base_pair.i_label_comp_id 
_ndb_struct_na_base_pair.i_label_seq_id 
_ndb_struct_na_base_pair.i_symmetry 
_ndb_struct_na_base_pair.j_label_asym_id 
_ndb_struct_na_base_pair.j_label_comp_id 
_ndb_struct_na_base_pair.j_label_seq_id 
_ndb_struct_na_base_pair.j_symmetry 
_ndb_struct_na_base_pair.shear 
_ndb_struct_na_base_pair.stretch 
_ndb_struct_na_base_pair.stagger 
_ndb_struct_na_base_pair.buckle 
_ndb_struct_na_base_pair.propeller 
_ndb_struct_na_base_pair.opening 
_ndb_struct_na_base_pair.pair_number 
_ndb_struct_na_base_pair.pair_name 
_ndb_struct_na_base_pair.i_auth_asym_id 
_ndb_struct_na_base_pair.i_auth_seq_id 
_ndb_struct_na_base_pair.i_PDB_ins_code 
_ndb_struct_na_base_pair.j_auth_asym_id 
_ndb_struct_na_base_pair.j_auth_seq_id 
_ndb_struct_na_base_pair.j_PDB_ins_code 
_ndb_struct_na_base_pair.hbond_type_28 
_ndb_struct_na_base_pair.hbond_type_12 
1 A DA 2  1_555 C DT 7 1_555 1.126  0.410  0.166  4.874   -6.699  -13.725 1  A_DA2:DT14_C A 2  ? C 14 ? 20 1 
1 A DG 3  1_555 C DC 6 1_555 0.558  0.099  1.160  7.393   -11.403 -4.479  2  A_DG3:DC13_C A 3  ? C 13 ? 19 1 
1 A DC 4  1_555 C DG 5 1_555 -0.710 0.367  0.482  -6.262  -11.097 -17.882 3  A_DC4:DG12_C A 4  ? C 12 ? ?  1 
1 A DG 6  1_555 C DC 3 1_555 0.208  -0.243 1.104  13.831  -5.209  -7.922  4  A_DG6:DC10_C A 6  ? C 10 ? 19 1 
1 A DC 7  1_555 C DG 2 1_555 1.098  -0.694 0.441  12.788  -5.300  1.761   5  A_DC7:DG9_C  A 7  ? C 9  ? 19 1 
1 A DC 8  1_555 C DG 1 1_555 -1.005 -0.194 0.286  -6.751  -7.327  -2.050  6  A_DC8:DG8_C  A 8  ? C 8  ? 19 1 
1 A DT 9  1_555 B DA 7 1_555 -1.696 -0.189 0.079  -9.278  -8.686  -6.407  7  A_DT9:DA7_B  A 9  ? B 7  ? 20 1 
1 A DG 10 1_555 B DC 6 1_555 1.438  0.307  0.366  1.623   -5.552  16.988  8  A_DG10:DC6_B A 10 ? B 6  ? ?  1 
1 A DT 11 1_555 B DA 5 1_555 -2.781 0.056  -0.460 4.197   2.019   -8.696  9  A_DT11:DA5_B A 11 ? B 5  ? ?  1 
1 A DA 12 1_555 B DT 4 1_555 0.723  0.075  -0.242 -2.171  -4.015  -10.565 10 A_DA12:DT4_B A 12 ? B 4  ? 20 1 
1 A DC 13 1_555 B DG 3 1_555 -0.170 -0.513 0.221  -2.198  1.627   -4.050  11 A_DC13:DG3_B A 13 ? B 3  ? 19 1 
1 A DG 14 1_555 B DC 2 1_555 0.975  -0.239 0.447  -2.835  -2.533  -15.350 12 A_DG14:DC2_B A 14 ? B 2  ? 19 1 
1 A DG 15 1_555 B DC 1 1_555 0.814  -0.259 0.592  -6.092  -11.056 -7.334  13 A_DG15:DC1_B A 15 ? B 1  ? 19 1 
1 A DA 16 1_555 D DT 7 1_555 1.457  -0.075 0.962  9.113   -11.841 8.588   14 A_DA16:DT7_D A 16 ? D 7  ? 20 1 
1 A DC 17 1_555 D DG 6 1_555 -0.044 0.222  0.422  5.599   -6.064  5.226   15 A_DC17:DG6_D A 17 ? D 6  ? 19 1 
1 A DA 18 1_555 D DT 5 1_555 1.187  -0.338 0.404  10.401  -4.727  -1.972  16 A_DA18:DT5_D A 18 ? D 5  ? 20 1 
1 A DT 19 1_555 D DA 4 1_555 -0.339 -0.125 -0.077 -0.071  -2.951  -8.630  17 A_DT19:DA4_D A 19 ? D 4  ? 20 1 
1 A DC 20 1_555 D DG 3 1_555 -0.568 -0.076 -0.137 -11.645 4.769   -6.043  18 A_DC20:DG3_D A 20 ? D 3  ? 19 1 
1 A DA 21 1_555 D DT 2 1_555 1.733  0.071  -0.106 -3.551  -3.873  -10.676 19 A_DA21:DT2_D A 21 ? D 2  ? 20 1 
# 
loop_
_ndb_struct_na_base_pair_step.model_number 
_ndb_struct_na_base_pair_step.i_label_asym_id_1 
_ndb_struct_na_base_pair_step.i_label_comp_id_1 
_ndb_struct_na_base_pair_step.i_label_seq_id_1 
_ndb_struct_na_base_pair_step.i_symmetry_1 
_ndb_struct_na_base_pair_step.j_label_asym_id_1 
_ndb_struct_na_base_pair_step.j_label_comp_id_1 
_ndb_struct_na_base_pair_step.j_label_seq_id_1 
_ndb_struct_na_base_pair_step.j_symmetry_1 
_ndb_struct_na_base_pair_step.i_label_asym_id_2 
_ndb_struct_na_base_pair_step.i_label_comp_id_2 
_ndb_struct_na_base_pair_step.i_label_seq_id_2 
_ndb_struct_na_base_pair_step.i_symmetry_2 
_ndb_struct_na_base_pair_step.j_label_asym_id_2 
_ndb_struct_na_base_pair_step.j_label_comp_id_2 
_ndb_struct_na_base_pair_step.j_label_seq_id_2 
_ndb_struct_na_base_pair_step.j_symmetry_2 
_ndb_struct_na_base_pair_step.shift 
_ndb_struct_na_base_pair_step.slide 
_ndb_struct_na_base_pair_step.rise 
_ndb_struct_na_base_pair_step.tilt 
_ndb_struct_na_base_pair_step.roll 
_ndb_struct_na_base_pair_step.twist 
_ndb_struct_na_base_pair_step.x_displacement 
_ndb_struct_na_base_pair_step.y_displacement 
_ndb_struct_na_base_pair_step.helical_rise 
_ndb_struct_na_base_pair_step.inclination 
_ndb_struct_na_base_pair_step.tip 
_ndb_struct_na_base_pair_step.helical_twist 
_ndb_struct_na_base_pair_step.step_number 
_ndb_struct_na_base_pair_step.step_name 
_ndb_struct_na_base_pair_step.i_auth_asym_id_1 
_ndb_struct_na_base_pair_step.i_auth_seq_id_1 
_ndb_struct_na_base_pair_step.i_PDB_ins_code_1 
_ndb_struct_na_base_pair_step.j_auth_asym_id_1 
_ndb_struct_na_base_pair_step.j_auth_seq_id_1 
_ndb_struct_na_base_pair_step.j_PDB_ins_code_1 
_ndb_struct_na_base_pair_step.i_auth_asym_id_2 
_ndb_struct_na_base_pair_step.i_auth_seq_id_2 
_ndb_struct_na_base_pair_step.i_PDB_ins_code_2 
_ndb_struct_na_base_pair_step.j_auth_asym_id_2 
_ndb_struct_na_base_pair_step.j_auth_seq_id_2 
_ndb_struct_na_base_pair_step.j_PDB_ins_code_2 
1 A DA 2  1_555 C DT 7 1_555 A DG 3  1_555 C DC 6 1_555 0.838  -1.222 3.118 -4.965  5.802  39.380 -2.388 -1.740 2.796 8.513   
7.284   40.085 1  AA_DA2DG3:DC13DT14_CC A 2  ? C 14 ? A 3  ? C 13 ? 
1 A DG 3  1_555 C DC 6 1_555 A DC 4  1_555 C DG 5 1_555 -0.212 -2.003 3.442 5.494   6.925  23.304 -6.639 2.072  2.628 16.407  
-13.017 24.903 2  AA_DG3DC4:DG12DC13_CC A 3  ? C 13 ? A 4  ? C 12 ? 
1 A DC 4  1_555 C DG 5 1_555 A DG 6  1_555 C DC 3 1_555 0.599  -1.381 5.783 -10.052 8.057  72.155 -1.613 -1.068 5.513 6.787   
8.468   73.142 3  AA_DC4DG6:DC10DG12_CC A 4  ? C 12 ? A 6  ? C 10 ? 
1 A DG 6  1_555 C DC 3 1_555 A DC 7  1_555 C DG 2 1_555 0.858  -1.820 3.348 -1.064  -1.536 33.222 -2.913 -1.681 3.398 -2.684  
1.859   33.273 4  AA_DG6DC7:DG9DC10_CC  A 6  ? C 10 ? A 7  ? C 9  ? 
1 A DC 7  1_555 C DG 2 1_555 A DC 8  1_555 C DG 1 1_555 -0.492 -1.299 3.663 -2.737  -0.574 34.292 -2.096 0.350  3.710 -0.972  
4.632   34.402 5  AA_DC7DC8:DG8DG9_CC   A 7  ? C 9  ? A 8  ? C 8  ? 
1 A DC 8  1_555 C DG 1 1_555 A DT 9  1_555 B DA 7 1_555 -2.509 -1.005 3.558 -0.092  -6.010 22.589 -0.167 6.160  3.706 -15.004 
0.229   23.365 6  AA_DC8DT9:DA7DG8_BC   A 8  ? C 8  ? A 9  ? B 7  ? 
1 A DT 9  1_555 B DA 7 1_555 A DG 10 1_555 B DC 6 1_555 0.362  0.043  3.257 -0.933  1.010  41.918 -0.045 -0.602 3.249 1.411   
1.303   41.939 7  AA_DT9DG10:DC6DA7_BB  A 9  ? B 7  ? A 10 ? B 6  ? 
1 A DG 10 1_555 B DC 6 1_555 A DT 11 1_555 B DA 5 1_555 -1.265 -0.457 3.307 7.211   5.440  10.173 -6.686 11.645 1.625 25.112  
-33.288 13.597 8  AA_DG10DT11:DA5DC6_BB A 10 ? B 6  ? A 11 ? B 5  ? 
1 A DT 11 1_555 B DA 5 1_555 A DA 12 1_555 B DT 4 1_555 -0.412 -0.005 3.737 -2.670  4.584  56.793 -0.294 0.263  3.741 4.808   
2.801   57.019 9  AA_DT11DA12:DT4DA5_BB A 11 ? B 5  ? A 12 ? B 4  ? 
1 A DA 12 1_555 B DT 4 1_555 A DC 13 1_555 B DG 3 1_555 0.212  -0.638 3.425 0.153   -0.032 21.833 -1.671 -0.496 3.427 -0.085  
-0.405  21.834 10 AA_DA12DC13:DG3DT4_BB A 12 ? B 4  ? A 13 ? B 3  ? 
1 A DC 13 1_555 B DG 3 1_555 A DG 14 1_555 B DC 2 1_555 -0.488 2.377  3.524 -2.125  -2.402 55.672 2.690  0.391  3.442 -2.570  
2.274   55.757 11 AA_DC13DG14:DC2DG3_BB A 13 ? B 3  ? A 14 ? B 2  ? 
1 A DG 14 1_555 B DC 2 1_555 A DG 15 1_555 B DC 1 1_555 0.502  1.001  3.559 -4.384  0.912  45.244 1.208  -1.070 3.516 1.183   
5.682   45.453 12 AA_DG14DG15:DC1DC2_BB A 14 ? B 2  ? A 15 ? B 1  ? 
1 A DG 15 1_555 B DC 1 1_555 A DA 16 1_555 D DT 7 1_555 -0.628 -0.118 2.990 -6.508  -5.854 20.402 1.797  -0.708 2.966 -15.631 
17.377  22.182 13 AA_DG15DA16:DT7DC1_DB A 15 ? B 1  ? A 16 ? D 7  ? 
1 A DA 16 1_555 D DT 7 1_555 A DC 17 1_555 D DG 6 1_555 0.184  -1.311 3.346 2.041   3.039  20.876 -4.821 0.344  3.128 8.303   
-5.576  21.191 14 AA_DA16DC17:DG6DT7_DD A 16 ? D 7  ? A 17 ? D 6  ? 
1 A DC 17 1_555 D DG 6 1_555 A DA 18 1_555 D DT 5 1_555 -0.312 0.435  3.120 -0.457  -5.820 49.233 0.925  0.340  3.056 -6.958  
0.547   49.557 15 AA_DC17DA18:DT5DG6_DD A 17 ? D 6  ? A 18 ? D 5  ? 
1 A DA 18 1_555 D DT 5 1_555 A DT 19 1_555 D DA 4 1_555 0.203  -1.074 3.542 3.696   -2.641 28.516 -1.506 0.499  3.621 -5.319  
-7.444  28.868 16 AA_DA18DT19:DA4DT5_DD A 18 ? D 5  ? A 19 ? D 4  ? 
1 A DT 19 1_555 D DA 4 1_555 A DC 20 1_555 D DG 3 1_555 0.319  -0.345 3.512 2.564   -1.833 39.129 -0.278 -0.145 3.537 -2.731  
-3.820  39.251 17 AA_DT19DC20:DG3DA4_DD A 19 ? D 4  ? A 20 ? D 3  ? 
1 A DC 20 1_555 D DG 3 1_555 A DA 21 1_555 D DT 2 1_555 -0.242 -0.818 3.260 1.541   -0.767 41.817 -1.065 0.500  3.263 -1.074  
-2.158  41.851 18 AA_DC20DA21:DT2DG3_DD A 20 ? D 3  ? A 21 ? D 2  ? 
# 
_pdbx_audit_support.funding_organization   
'National Institutes of Health/National Institute of General Medical Sciences (NIH/NIGMS)' 
_pdbx_audit_support.country                'United States' 
_pdbx_audit_support.grant_number           ? 
_pdbx_audit_support.ordinal                1 
# 
_pdbx_initial_refinement_model.id               1 
_pdbx_initial_refinement_model.entity_id_list   ? 
_pdbx_initial_refinement_model.type             'experimental model' 
_pdbx_initial_refinement_model.source_name      PDB 
_pdbx_initial_refinement_model.accession_code   3GBI 
_pdbx_initial_refinement_model.details          ? 
# 
_pdbx_struct_assembly_auth_evidence.id                     1 
_pdbx_struct_assembly_auth_evidence.assembly_id            1 
_pdbx_struct_assembly_auth_evidence.experimental_support   'native gel electrophoresis' 
_pdbx_struct_assembly_auth_evidence.details                
;The whole tensegrity triangle assembled on native gel. A single band showed at around 63bp showing that the whole structure contains 126 bases.
;
# 
